data_1ICN
# 
_entry.id   1ICN 
# 
_audit_conform.dict_name       mmcif_pdbx.dic 
_audit_conform.dict_version    5.386 
_audit_conform.dict_location   http://mmcif.pdb.org/dictionaries/ascii/mmcif_pdbx.dic 
# 
loop_
_database_2.database_id 
_database_2.database_code 
_database_2.pdbx_database_accession 
_database_2.pdbx_DOI 
PDB   1ICN         pdb_00001icn 10.2210/pdb1icn/pdb 
WWPDB D_1000174104 ?            ?                   
# 
loop_
_pdbx_audit_revision_history.ordinal 
_pdbx_audit_revision_history.data_content_type 
_pdbx_audit_revision_history.major_revision 
_pdbx_audit_revision_history.minor_revision 
_pdbx_audit_revision_history.revision_date 
1 'Structure model' 1 0 1994-01-31 
2 'Structure model' 1 1 2008-03-03 
3 'Structure model' 1 2 2011-07-13 
4 'Structure model' 1 3 2017-11-29 
5 'Structure model' 1 4 2024-02-07 
# 
_pdbx_audit_revision_details.ordinal             1 
_pdbx_audit_revision_details.revision_ordinal    1 
_pdbx_audit_revision_details.data_content_type   'Structure model' 
_pdbx_audit_revision_details.provider            repository 
_pdbx_audit_revision_details.type                'Initial release' 
_pdbx_audit_revision_details.description         ? 
_pdbx_audit_revision_details.details             ? 
# 
loop_
_pdbx_audit_revision_group.ordinal 
_pdbx_audit_revision_group.revision_ordinal 
_pdbx_audit_revision_group.data_content_type 
_pdbx_audit_revision_group.group 
1 2 'Structure model' 'Version format compliance' 
2 3 'Structure model' 'Version format compliance' 
3 4 'Structure model' 'Derived calculations'      
4 4 'Structure model' Other                       
5 5 'Structure model' 'Data collection'           
6 5 'Structure model' 'Database references'       
7 5 'Structure model' 'Derived calculations'      
# 
loop_
_pdbx_audit_revision_category.ordinal 
_pdbx_audit_revision_category.revision_ordinal 
_pdbx_audit_revision_category.data_content_type 
_pdbx_audit_revision_category.category 
1 4 'Structure model' pdbx_database_status 
2 4 'Structure model' struct_conf          
3 4 'Structure model' struct_conf_type     
4 5 'Structure model' chem_comp_atom       
5 5 'Structure model' chem_comp_bond       
6 5 'Structure model' database_2           
7 5 'Structure model' struct_ref_seq_dif   
8 5 'Structure model' struct_site          
# 
loop_
_pdbx_audit_revision_item.ordinal 
_pdbx_audit_revision_item.revision_ordinal 
_pdbx_audit_revision_item.data_content_type 
_pdbx_audit_revision_item.item 
1 4 'Structure model' '_pdbx_database_status.process_site'  
2 5 'Structure model' '_database_2.pdbx_DOI'                
3 5 'Structure model' '_database_2.pdbx_database_accession' 
4 5 'Structure model' '_struct_ref_seq_dif.details'         
5 5 'Structure model' '_struct_site.pdbx_auth_asym_id'      
6 5 'Structure model' '_struct_site.pdbx_auth_comp_id'      
7 5 'Structure model' '_struct_site.pdbx_auth_seq_id'       
# 
_pdbx_database_status.status_code                     REL 
_pdbx_database_status.entry_id                        1ICN 
_pdbx_database_status.recvd_initial_deposition_date   1993-09-20 
_pdbx_database_status.deposit_site                    ? 
_pdbx_database_status.process_site                    BNL 
_pdbx_database_status.status_code_sf                  REL 
_pdbx_database_status.status_code_mr                  ? 
_pdbx_database_status.SG_entry                        ? 
_pdbx_database_status.pdb_format_compatible           Y 
_pdbx_database_status.status_code_cs                  ? 
_pdbx_database_status.methods_development_category    ? 
_pdbx_database_status.status_code_nmr_data            ? 
# 
loop_
_audit_author.name 
_audit_author.pdbx_ordinal 
'Eads, J.C.'        1 
'Sacchettini, J.C.' 2 
'Kromminga, A.'     3 
'Gordon, J.I.'      4 
# 
loop_
_citation.id 
_citation.title 
_citation.journal_abbrev 
_citation.journal_volume 
_citation.page_first 
_citation.page_last 
_citation.year 
_citation.journal_id_ASTM 
_citation.country 
_citation.journal_id_ISSN 
_citation.journal_id_CSD 
_citation.book_publisher 
_citation.pdbx_database_id_PubMed 
_citation.pdbx_database_id_DOI 
primary 
;Escherichia coli-derived rat intestinal fatty acid binding protein with bound myristate at 1.5 A resolution and I-FABPArg106-->Gln with bound oleate at 1.74 A resolution.
;
J.Biol.Chem. 268 26375 26385 1993 JBCHA3 US 0021-9258 0071 ? 8253762 ? 
1       'Refinement of the Structure of Recombinant Rat Intestinal Fatty Acid-Binding Apoprotein at 1.2 Angstroms Resolution' 
J.Biol.Chem. 267 4253  ?     1992 JBCHA3 US 0021-9258 0071 ? ?       ? 
# 
loop_
_citation_author.citation_id 
_citation_author.name 
_citation_author.ordinal 
_citation_author.identifier_ORCID 
primary 'Eads, J.'          1 ? 
primary 'Sacchettini, J.C.' 2 ? 
primary 'Kromminga, A.'     3 ? 
primary 'Gordon, J.I.'      4 ? 
1       'Scapin, G.'        5 ? 
1       'Gordon, J.I.'      6 ? 
1       'Sacchettini, J.C.' 7 ? 
# 
loop_
_entity.id 
_entity.type 
_entity.src_method 
_entity.pdbx_description 
_entity.formula_weight 
_entity.pdbx_number_of_molecules 
_entity.pdbx_ec 
_entity.pdbx_mutation 
_entity.pdbx_fragment 
_entity.details 
1 polymer     man 'INTESTINAL FATTY ACID BINDING PROTEIN' 14985.950 1   ? ? ? ? 
2 non-polymer syn 'OLEIC ACID'                            282.461   1   ? ? ? ? 
3 water       nat water                                   18.015    133 ? ? ? ? 
# 
_entity_poly.entity_id                      1 
_entity_poly.type                           'polypeptide(L)' 
_entity_poly.nstd_linkage                   no 
_entity_poly.nstd_monomer                   no 
_entity_poly.pdbx_seq_one_letter_code       
;AFDGTWKVDRNENYEKFMEKMGINVVKRKLGAHDNLKLTITQEGNKFTVKESSNFRNIDVVFELGVDFAYSLADGTELTG
TWTMEGNKLVGKFKRVDNGKELIAVQEISGNELIQTYTYEGVEAKRIFKKE
;
_entity_poly.pdbx_seq_one_letter_code_can   
;AFDGTWKVDRNENYEKFMEKMGINVVKRKLGAHDNLKLTITQEGNKFTVKESSNFRNIDVVFELGVDFAYSLADGTELTG
TWTMEGNKLVGKFKRVDNGKELIAVQEISGNELIQTYTYEGVEAKRIFKKE
;
_entity_poly.pdbx_strand_id                 A 
_entity_poly.pdbx_target_identifier         ? 
# 
loop_
_pdbx_entity_nonpoly.entity_id 
_pdbx_entity_nonpoly.name 
_pdbx_entity_nonpoly.comp_id 
2 'OLEIC ACID' OLA 
3 water        HOH 
# 
loop_
_entity_poly_seq.entity_id 
_entity_poly_seq.num 
_entity_poly_seq.mon_id 
_entity_poly_seq.hetero 
1 1   ALA n 
1 2   PHE n 
1 3   ASP n 
1 4   GLY n 
1 5   THR n 
1 6   TRP n 
1 7   LYS n 
1 8   VAL n 
1 9   ASP n 
1 10  ARG n 
1 11  ASN n 
1 12  GLU n 
1 13  ASN n 
1 14  TYR n 
1 15  GLU n 
1 16  LYS n 
1 17  PHE n 
1 18  MET n 
1 19  GLU n 
1 20  LYS n 
1 21  MET n 
1 22  GLY n 
1 23  ILE n 
1 24  ASN n 
1 25  VAL n 
1 26  VAL n 
1 27  LYS n 
1 28  ARG n 
1 29  LYS n 
1 30  LEU n 
1 31  GLY n 
1 32  ALA n 
1 33  HIS n 
1 34  ASP n 
1 35  ASN n 
1 36  LEU n 
1 37  LYS n 
1 38  LEU n 
1 39  THR n 
1 40  ILE n 
1 41  THR n 
1 42  GLN n 
1 43  GLU n 
1 44  GLY n 
1 45  ASN n 
1 46  LYS n 
1 47  PHE n 
1 48  THR n 
1 49  VAL n 
1 50  LYS n 
1 51  GLU n 
1 52  SER n 
1 53  SER n 
1 54  ASN n 
1 55  PHE n 
1 56  ARG n 
1 57  ASN n 
1 58  ILE n 
1 59  ASP n 
1 60  VAL n 
1 61  VAL n 
1 62  PHE n 
1 63  GLU n 
1 64  LEU n 
1 65  GLY n 
1 66  VAL n 
1 67  ASP n 
1 68  PHE n 
1 69  ALA n 
1 70  TYR n 
1 71  SER n 
1 72  LEU n 
1 73  ALA n 
1 74  ASP n 
1 75  GLY n 
1 76  THR n 
1 77  GLU n 
1 78  LEU n 
1 79  THR n 
1 80  GLY n 
1 81  THR n 
1 82  TRP n 
1 83  THR n 
1 84  MET n 
1 85  GLU n 
1 86  GLY n 
1 87  ASN n 
1 88  LYS n 
1 89  LEU n 
1 90  VAL n 
1 91  GLY n 
1 92  LYS n 
1 93  PHE n 
1 94  LYS n 
1 95  ARG n 
1 96  VAL n 
1 97  ASP n 
1 98  ASN n 
1 99  GLY n 
1 100 LYS n 
1 101 GLU n 
1 102 LEU n 
1 103 ILE n 
1 104 ALA n 
1 105 VAL n 
1 106 GLN n 
1 107 GLU n 
1 108 ILE n 
1 109 SER n 
1 110 GLY n 
1 111 ASN n 
1 112 GLU n 
1 113 LEU n 
1 114 ILE n 
1 115 GLN n 
1 116 THR n 
1 117 TYR n 
1 118 THR n 
1 119 TYR n 
1 120 GLU n 
1 121 GLY n 
1 122 VAL n 
1 123 GLU n 
1 124 ALA n 
1 125 LYS n 
1 126 ARG n 
1 127 ILE n 
1 128 PHE n 
1 129 LYS n 
1 130 LYS n 
1 131 GLU n 
# 
_entity_src_gen.entity_id                          1 
_entity_src_gen.pdbx_src_id                        1 
_entity_src_gen.pdbx_alt_source_flag               sample 
_entity_src_gen.pdbx_seq_type                      ? 
_entity_src_gen.pdbx_beg_seq_num                   ? 
_entity_src_gen.pdbx_end_seq_num                   ? 
_entity_src_gen.gene_src_common_name               'Norway rat' 
_entity_src_gen.gene_src_genus                     Rattus 
_entity_src_gen.pdbx_gene_src_gene                 ? 
_entity_src_gen.gene_src_species                   ? 
_entity_src_gen.gene_src_strain                    ? 
_entity_src_gen.gene_src_tissue                    ? 
_entity_src_gen.gene_src_tissue_fraction           ? 
_entity_src_gen.gene_src_details                   ? 
_entity_src_gen.pdbx_gene_src_fragment             ? 
_entity_src_gen.pdbx_gene_src_scientific_name      'Rattus norvegicus' 
_entity_src_gen.pdbx_gene_src_ncbi_taxonomy_id     10116 
_entity_src_gen.pdbx_gene_src_variant              ? 
_entity_src_gen.pdbx_gene_src_cell_line            ? 
_entity_src_gen.pdbx_gene_src_atcc                 ? 
_entity_src_gen.pdbx_gene_src_organ                ? 
_entity_src_gen.pdbx_gene_src_organelle            ? 
_entity_src_gen.pdbx_gene_src_cell                 ? 
_entity_src_gen.pdbx_gene_src_cellular_location    ? 
_entity_src_gen.host_org_common_name               ? 
_entity_src_gen.pdbx_host_org_scientific_name      ? 
_entity_src_gen.pdbx_host_org_ncbi_taxonomy_id     ? 
_entity_src_gen.host_org_genus                     ? 
_entity_src_gen.pdbx_host_org_gene                 ? 
_entity_src_gen.pdbx_host_org_organ                ? 
_entity_src_gen.host_org_species                   ? 
_entity_src_gen.pdbx_host_org_tissue               ? 
_entity_src_gen.pdbx_host_org_tissue_fraction      ? 
_entity_src_gen.pdbx_host_org_strain               ? 
_entity_src_gen.pdbx_host_org_variant              ? 
_entity_src_gen.pdbx_host_org_cell_line            ? 
_entity_src_gen.pdbx_host_org_atcc                 ? 
_entity_src_gen.pdbx_host_org_culture_collection   ? 
_entity_src_gen.pdbx_host_org_cell                 ? 
_entity_src_gen.pdbx_host_org_organelle            ? 
_entity_src_gen.pdbx_host_org_cellular_location    ? 
_entity_src_gen.pdbx_host_org_vector_type          ? 
_entity_src_gen.pdbx_host_org_vector               ? 
_entity_src_gen.host_org_details                   ? 
_entity_src_gen.expression_system_id               ? 
_entity_src_gen.plasmid_name                       ? 
_entity_src_gen.plasmid_details                    ? 
_entity_src_gen.pdbx_description                   ? 
# 
loop_
_chem_comp.id 
_chem_comp.type 
_chem_comp.mon_nstd_flag 
_chem_comp.name 
_chem_comp.pdbx_synonyms 
_chem_comp.formula 
_chem_comp.formula_weight 
ALA 'L-peptide linking' y ALANINE         ? 'C3 H7 N O2'     89.093  
ARG 'L-peptide linking' y ARGININE        ? 'C6 H15 N4 O2 1' 175.209 
ASN 'L-peptide linking' y ASPARAGINE      ? 'C4 H8 N2 O3'    132.118 
ASP 'L-peptide linking' y 'ASPARTIC ACID' ? 'C4 H7 N O4'     133.103 
GLN 'L-peptide linking' y GLUTAMINE       ? 'C5 H10 N2 O3'   146.144 
GLU 'L-peptide linking' y 'GLUTAMIC ACID' ? 'C5 H9 N O4'     147.129 
GLY 'peptide linking'   y GLYCINE         ? 'C2 H5 N O2'     75.067  
HIS 'L-peptide linking' y HISTIDINE       ? 'C6 H10 N3 O2 1' 156.162 
HOH non-polymer         . WATER           ? 'H2 O'           18.015  
ILE 'L-peptide linking' y ISOLEUCINE      ? 'C6 H13 N O2'    131.173 
LEU 'L-peptide linking' y LEUCINE         ? 'C6 H13 N O2'    131.173 
LYS 'L-peptide linking' y LYSINE          ? 'C6 H15 N2 O2 1' 147.195 
MET 'L-peptide linking' y METHIONINE      ? 'C5 H11 N O2 S'  149.211 
OLA non-polymer         . 'OLEIC ACID'    ? 'C18 H34 O2'     282.461 
PHE 'L-peptide linking' y PHENYLALANINE   ? 'C9 H11 N O2'    165.189 
SER 'L-peptide linking' y SERINE          ? 'C3 H7 N O3'     105.093 
THR 'L-peptide linking' y THREONINE       ? 'C4 H9 N O3'     119.119 
TRP 'L-peptide linking' y TRYPTOPHAN      ? 'C11 H12 N2 O2'  204.225 
TYR 'L-peptide linking' y TYROSINE        ? 'C9 H11 N O3'    181.189 
VAL 'L-peptide linking' y VALINE          ? 'C5 H11 N O2'    117.146 
# 
loop_
_pdbx_poly_seq_scheme.asym_id 
_pdbx_poly_seq_scheme.entity_id 
_pdbx_poly_seq_scheme.seq_id 
_pdbx_poly_seq_scheme.mon_id 
_pdbx_poly_seq_scheme.ndb_seq_num 
_pdbx_poly_seq_scheme.pdb_seq_num 
_pdbx_poly_seq_scheme.auth_seq_num 
_pdbx_poly_seq_scheme.pdb_mon_id 
_pdbx_poly_seq_scheme.auth_mon_id 
_pdbx_poly_seq_scheme.pdb_strand_id 
_pdbx_poly_seq_scheme.pdb_ins_code 
_pdbx_poly_seq_scheme.hetero 
A 1 1   ALA 1   1   1   ALA ALA A . n 
A 1 2   PHE 2   2   2   PHE PHE A . n 
A 1 3   ASP 3   3   3   ASP ASP A . n 
A 1 4   GLY 4   4   4   GLY GLY A . n 
A 1 5   THR 5   5   5   THR THR A . n 
A 1 6   TRP 6   6   6   TRP TRP A . n 
A 1 7   LYS 7   7   7   LYS LYS A . n 
A 1 8   VAL 8   8   8   VAL VAL A . n 
A 1 9   ASP 9   9   9   ASP ASP A . n 
A 1 10  ARG 10  10  10  ARG ARG A . n 
A 1 11  ASN 11  11  11  ASN ASN A . n 
A 1 12  GLU 12  12  12  GLU GLU A . n 
A 1 13  ASN 13  13  13  ASN ASN A . n 
A 1 14  TYR 14  14  14  TYR TYR A . n 
A 1 15  GLU 15  15  15  GLU GLU A . n 
A 1 16  LYS 16  16  16  LYS LYS A . n 
A 1 17  PHE 17  17  17  PHE PHE A . n 
A 1 18  MET 18  18  18  MET MET A . n 
A 1 19  GLU 19  19  19  GLU GLU A . n 
A 1 20  LYS 20  20  20  LYS LYS A . n 
A 1 21  MET 21  21  21  MET MET A . n 
A 1 22  GLY 22  22  22  GLY GLY A . n 
A 1 23  ILE 23  23  23  ILE ILE A . n 
A 1 24  ASN 24  24  24  ASN ASN A . n 
A 1 25  VAL 25  25  25  VAL VAL A . n 
A 1 26  VAL 26  26  26  VAL VAL A . n 
A 1 27  LYS 27  27  27  LYS LYS A . n 
A 1 28  ARG 28  28  28  ARG ARG A . n 
A 1 29  LYS 29  29  29  LYS LYS A . n 
A 1 30  LEU 30  30  30  LEU LEU A . n 
A 1 31  GLY 31  31  31  GLY GLY A . n 
A 1 32  ALA 32  32  32  ALA ALA A . n 
A 1 33  HIS 33  33  33  HIS HIS A . n 
A 1 34  ASP 34  34  34  ASP ASP A . n 
A 1 35  ASN 35  35  35  ASN ASN A . n 
A 1 36  LEU 36  36  36  LEU LEU A . n 
A 1 37  LYS 37  37  37  LYS LYS A . n 
A 1 38  LEU 38  38  38  LEU LEU A . n 
A 1 39  THR 39  39  39  THR THR A . n 
A 1 40  ILE 40  40  40  ILE ILE A . n 
A 1 41  THR 41  41  41  THR THR A . n 
A 1 42  GLN 42  42  42  GLN GLN A . n 
A 1 43  GLU 43  43  43  GLU GLU A . n 
A 1 44  GLY 44  44  44  GLY GLY A . n 
A 1 45  ASN 45  45  45  ASN ASN A . n 
A 1 46  LYS 46  46  46  LYS LYS A . n 
A 1 47  PHE 47  47  47  PHE PHE A . n 
A 1 48  THR 48  48  48  THR THR A . n 
A 1 49  VAL 49  49  49  VAL VAL A . n 
A 1 50  LYS 50  50  50  LYS LYS A . n 
A 1 51  GLU 51  51  51  GLU GLU A . n 
A 1 52  SER 52  52  52  SER SER A . n 
A 1 53  SER 53  53  53  SER SER A . n 
A 1 54  ASN 54  54  54  ASN ASN A . n 
A 1 55  PHE 55  55  55  PHE PHE A . n 
A 1 56  ARG 56  56  56  ARG ARG A . n 
A 1 57  ASN 57  57  57  ASN ASN A . n 
A 1 58  ILE 58  58  58  ILE ILE A . n 
A 1 59  ASP 59  59  59  ASP ASP A . n 
A 1 60  VAL 60  60  60  VAL VAL A . n 
A 1 61  VAL 61  61  61  VAL VAL A . n 
A 1 62  PHE 62  62  62  PHE PHE A . n 
A 1 63  GLU 63  63  63  GLU GLU A . n 
A 1 64  LEU 64  64  64  LEU LEU A . n 
A 1 65  GLY 65  65  65  GLY GLY A . n 
A 1 66  VAL 66  66  66  VAL VAL A . n 
A 1 67  ASP 67  67  67  ASP ASP A . n 
A 1 68  PHE 68  68  68  PHE PHE A . n 
A 1 69  ALA 69  69  69  ALA ALA A . n 
A 1 70  TYR 70  70  70  TYR TYR A . n 
A 1 71  SER 71  71  71  SER SER A . n 
A 1 72  LEU 72  72  72  LEU LEU A . n 
A 1 73  ALA 73  73  73  ALA ALA A . n 
A 1 74  ASP 74  74  74  ASP ASP A . n 
A 1 75  GLY 75  75  75  GLY GLY A . n 
A 1 76  THR 76  76  76  THR THR A . n 
A 1 77  GLU 77  77  77  GLU GLU A . n 
A 1 78  LEU 78  78  78  LEU LEU A . n 
A 1 79  THR 79  79  79  THR THR A . n 
A 1 80  GLY 80  80  80  GLY GLY A . n 
A 1 81  THR 81  81  81  THR THR A . n 
A 1 82  TRP 82  82  82  TRP TRP A . n 
A 1 83  THR 83  83  83  THR THR A . n 
A 1 84  MET 84  84  84  MET MET A . n 
A 1 85  GLU 85  85  85  GLU GLU A . n 
A 1 86  GLY 86  86  86  GLY GLY A . n 
A 1 87  ASN 87  87  87  ASN ASN A . n 
A 1 88  LYS 88  88  88  LYS LYS A . n 
A 1 89  LEU 89  89  89  LEU LEU A . n 
A 1 90  VAL 90  90  90  VAL VAL A . n 
A 1 91  GLY 91  91  91  GLY GLY A . n 
A 1 92  LYS 92  92  92  LYS LYS A . n 
A 1 93  PHE 93  93  93  PHE PHE A . n 
A 1 94  LYS 94  94  94  LYS LYS A . n 
A 1 95  ARG 95  95  95  ARG ARG A . n 
A 1 96  VAL 96  96  96  VAL VAL A . n 
A 1 97  ASP 97  97  97  ASP ASP A . n 
A 1 98  ASN 98  98  98  ASN ASN A . n 
A 1 99  GLY 99  99  99  GLY GLY A . n 
A 1 100 LYS 100 100 100 LYS LYS A . n 
A 1 101 GLU 101 101 101 GLU GLU A . n 
A 1 102 LEU 102 102 102 LEU LEU A . n 
A 1 103 ILE 103 103 103 ILE ILE A . n 
A 1 104 ALA 104 104 104 ALA ALA A . n 
A 1 105 VAL 105 105 105 VAL VAL A . n 
A 1 106 GLN 106 106 106 GLN GLN A . n 
A 1 107 GLU 107 107 107 GLU GLU A . n 
A 1 108 ILE 108 108 108 ILE ILE A . n 
A 1 109 SER 109 109 109 SER SER A . n 
A 1 110 GLY 110 110 110 GLY GLY A . n 
A 1 111 ASN 111 111 111 ASN ASN A . n 
A 1 112 GLU 112 112 112 GLU GLU A . n 
A 1 113 LEU 113 113 113 LEU LEU A . n 
A 1 114 ILE 114 114 114 ILE ILE A . n 
A 1 115 GLN 115 115 115 GLN GLN A . n 
A 1 116 THR 116 116 116 THR THR A . n 
A 1 117 TYR 117 117 117 TYR TYR A . n 
A 1 118 THR 118 118 118 THR THR A . n 
A 1 119 TYR 119 119 119 TYR TYR A . n 
A 1 120 GLU 120 120 120 GLU GLU A . n 
A 1 121 GLY 121 121 121 GLY GLY A . n 
A 1 122 VAL 122 122 122 VAL VAL A . n 
A 1 123 GLU 123 123 123 GLU GLU A . n 
A 1 124 ALA 124 124 124 ALA ALA A . n 
A 1 125 LYS 125 125 125 LYS LYS A . n 
A 1 126 ARG 126 126 126 ARG ARG A . n 
A 1 127 ILE 127 127 127 ILE ILE A . n 
A 1 128 PHE 128 128 128 PHE PHE A . n 
A 1 129 LYS 129 129 129 LYS LYS A . n 
A 1 130 LYS 130 130 130 LYS LYS A . n 
A 1 131 GLU 131 131 131 GLU GLU A . n 
# 
loop_
_pdbx_nonpoly_scheme.asym_id 
_pdbx_nonpoly_scheme.entity_id 
_pdbx_nonpoly_scheme.mon_id 
_pdbx_nonpoly_scheme.ndb_seq_num 
_pdbx_nonpoly_scheme.pdb_seq_num 
_pdbx_nonpoly_scheme.auth_seq_num 
_pdbx_nonpoly_scheme.pdb_mon_id 
_pdbx_nonpoly_scheme.auth_mon_id 
_pdbx_nonpoly_scheme.pdb_strand_id 
_pdbx_nonpoly_scheme.pdb_ins_code 
B 2 OLA 1   133 133 OLA OLA A . 
C 3 HOH 1   134 134 HOH HOH A . 
C 3 HOH 2   135 135 HOH HOH A . 
C 3 HOH 3   136 136 HOH HOH A . 
C 3 HOH 4   137 137 HOH HOH A . 
C 3 HOH 5   138 138 HOH HOH A . 
C 3 HOH 6   139 139 HOH HOH A . 
C 3 HOH 7   140 140 HOH HOH A . 
C 3 HOH 8   141 141 HOH HOH A . 
C 3 HOH 9   142 142 HOH HOH A . 
C 3 HOH 10  143 143 HOH HOH A . 
C 3 HOH 11  144 144 HOH HOH A . 
C 3 HOH 12  145 145 HOH HOH A . 
C 3 HOH 13  146 146 HOH HOH A . 
C 3 HOH 14  147 147 HOH HOH A . 
C 3 HOH 15  148 148 HOH HOH A . 
C 3 HOH 16  149 149 HOH HOH A . 
C 3 HOH 17  150 150 HOH HOH A . 
C 3 HOH 18  151 151 HOH HOH A . 
C 3 HOH 19  152 152 HOH HOH A . 
C 3 HOH 20  153 153 HOH HOH A . 
C 3 HOH 21  154 154 HOH HOH A . 
C 3 HOH 22  155 155 HOH HOH A . 
C 3 HOH 23  156 156 HOH HOH A . 
C 3 HOH 24  157 157 HOH HOH A . 
C 3 HOH 25  158 158 HOH HOH A . 
C 3 HOH 26  159 159 HOH HOH A . 
C 3 HOH 27  160 160 HOH HOH A . 
C 3 HOH 28  161 161 HOH HOH A . 
C 3 HOH 29  162 162 HOH HOH A . 
C 3 HOH 30  163 163 HOH HOH A . 
C 3 HOH 31  164 164 HOH HOH A . 
C 3 HOH 32  165 165 HOH HOH A . 
C 3 HOH 33  166 166 HOH HOH A . 
C 3 HOH 34  167 167 HOH HOH A . 
C 3 HOH 35  168 168 HOH HOH A . 
C 3 HOH 36  169 169 HOH HOH A . 
C 3 HOH 37  170 170 HOH HOH A . 
C 3 HOH 38  171 171 HOH HOH A . 
C 3 HOH 39  172 172 HOH HOH A . 
C 3 HOH 40  173 173 HOH HOH A . 
C 3 HOH 41  174 174 HOH HOH A . 
C 3 HOH 42  175 175 HOH HOH A . 
C 3 HOH 43  176 176 HOH HOH A . 
C 3 HOH 44  177 177 HOH HOH A . 
C 3 HOH 45  178 178 HOH HOH A . 
C 3 HOH 46  179 179 HOH HOH A . 
C 3 HOH 47  180 180 HOH HOH A . 
C 3 HOH 48  181 181 HOH HOH A . 
C 3 HOH 49  182 182 HOH HOH A . 
C 3 HOH 50  183 183 HOH HOH A . 
C 3 HOH 51  184 184 HOH HOH A . 
C 3 HOH 52  185 185 HOH HOH A . 
C 3 HOH 53  186 186 HOH HOH A . 
C 3 HOH 54  187 187 HOH HOH A . 
C 3 HOH 55  188 188 HOH HOH A . 
C 3 HOH 56  189 189 HOH HOH A . 
C 3 HOH 57  190 190 HOH HOH A . 
C 3 HOH 58  191 191 HOH HOH A . 
C 3 HOH 59  192 192 HOH HOH A . 
C 3 HOH 60  193 193 HOH HOH A . 
C 3 HOH 61  194 194 HOH HOH A . 
C 3 HOH 62  195 195 HOH HOH A . 
C 3 HOH 63  196 196 HOH HOH A . 
C 3 HOH 64  197 197 HOH HOH A . 
C 3 HOH 65  198 198 HOH HOH A . 
C 3 HOH 66  199 199 HOH HOH A . 
C 3 HOH 67  200 200 HOH HOH A . 
C 3 HOH 68  201 201 HOH HOH A . 
C 3 HOH 69  202 202 HOH HOH A . 
C 3 HOH 70  203 203 HOH HOH A . 
C 3 HOH 71  204 204 HOH HOH A . 
C 3 HOH 72  205 205 HOH HOH A . 
C 3 HOH 73  206 206 HOH HOH A . 
C 3 HOH 74  207 207 HOH HOH A . 
C 3 HOH 75  208 208 HOH HOH A . 
C 3 HOH 76  209 209 HOH HOH A . 
C 3 HOH 77  210 210 HOH HOH A . 
C 3 HOH 78  211 211 HOH HOH A . 
C 3 HOH 79  212 212 HOH HOH A . 
C 3 HOH 80  213 213 HOH HOH A . 
C 3 HOH 81  214 214 HOH HOH A . 
C 3 HOH 82  215 215 HOH HOH A . 
C 3 HOH 83  216 216 HOH HOH A . 
C 3 HOH 84  217 217 HOH HOH A . 
C 3 HOH 85  218 218 HOH HOH A . 
C 3 HOH 86  219 219 HOH HOH A . 
C 3 HOH 87  220 220 HOH HOH A . 
C 3 HOH 88  221 221 HOH HOH A . 
C 3 HOH 89  222 222 HOH HOH A . 
C 3 HOH 90  223 223 HOH HOH A . 
C 3 HOH 91  224 224 HOH HOH A . 
C 3 HOH 92  225 225 HOH HOH A . 
C 3 HOH 93  226 226 HOH HOH A . 
C 3 HOH 94  227 227 HOH HOH A . 
C 3 HOH 95  228 228 HOH HOH A . 
C 3 HOH 96  229 229 HOH HOH A . 
C 3 HOH 97  230 230 HOH HOH A . 
C 3 HOH 98  231 231 HOH HOH A . 
C 3 HOH 99  232 232 HOH HOH A . 
C 3 HOH 100 233 233 HOH HOH A . 
C 3 HOH 101 234 234 HOH HOH A . 
C 3 HOH 102 235 235 HOH HOH A . 
C 3 HOH 103 236 236 HOH HOH A . 
C 3 HOH 104 237 237 HOH HOH A . 
C 3 HOH 105 238 238 HOH HOH A . 
C 3 HOH 106 239 239 HOH HOH A . 
C 3 HOH 107 240 240 HOH HOH A . 
C 3 HOH 108 241 241 HOH HOH A . 
C 3 HOH 109 242 242 HOH HOH A . 
C 3 HOH 110 243 243 HOH HOH A . 
C 3 HOH 111 244 244 HOH HOH A . 
C 3 HOH 112 245 245 HOH HOH A . 
C 3 HOH 113 246 246 HOH HOH A . 
C 3 HOH 114 247 247 HOH HOH A . 
C 3 HOH 115 248 248 HOH HOH A . 
C 3 HOH 116 249 249 HOH HOH A . 
C 3 HOH 117 250 250 HOH HOH A . 
C 3 HOH 118 251 251 HOH HOH A . 
C 3 HOH 119 252 252 HOH HOH A . 
C 3 HOH 120 253 253 HOH HOH A . 
C 3 HOH 121 254 254 HOH HOH A . 
C 3 HOH 122 255 255 HOH HOH A . 
C 3 HOH 123 256 256 HOH HOH A . 
C 3 HOH 124 257 257 HOH HOH A . 
C 3 HOH 125 258 258 HOH HOH A . 
C 3 HOH 126 259 259 HOH HOH A . 
C 3 HOH 127 260 260 HOH HOH A . 
C 3 HOH 128 261 261 HOH HOH A . 
C 3 HOH 129 262 262 HOH HOH A . 
C 3 HOH 130 263 263 HOH HOH A . 
C 3 HOH 131 264 264 HOH HOH A . 
C 3 HOH 132 265 265 HOH HOH A . 
C 3 HOH 133 266 266 HOH HOH A . 
# 
loop_
_software.name 
_software.classification 
_software.version 
_software.citation_id 
_software.pdbx_ordinal 
X-PLOR 'model building' . ? 1 
TNT    refinement       . ? 2 
X-PLOR refinement       . ? 3 
X-PLOR phasing          . ? 4 
# 
_cell.entry_id           1ICN 
_cell.length_a           35.820 
_cell.length_b           51.550 
_cell.length_c           31.240 
_cell.angle_alpha        90.00 
_cell.angle_beta         92.28 
_cell.angle_gamma        90.00 
_cell.Z_PDB              2 
_cell.pdbx_unique_axis   ? 
# 
_symmetry.entry_id                         1ICN 
_symmetry.space_group_name_H-M             'P 1 21 1' 
_symmetry.pdbx_full_space_group_name_H-M   ? 
_symmetry.cell_setting                     ? 
_symmetry.Int_Tables_number                4 
# 
_exptl.entry_id          1ICN 
_exptl.method            'X-RAY DIFFRACTION' 
_exptl.crystals_number   ? 
# 
_exptl_crystal.id                    1 
_exptl_crystal.density_meas          ? 
_exptl_crystal.density_Matthews      1.92 
_exptl_crystal.density_percent_sol   36.04 
_exptl_crystal.description           ? 
# 
_diffrn.id                     1 
_diffrn.ambient_temp           ? 
_diffrn.ambient_temp_details   ? 
_diffrn.crystal_id             1 
# 
_diffrn_radiation.diffrn_id                        1 
_diffrn_radiation.wavelength_id                    1 
_diffrn_radiation.pdbx_monochromatic_or_laue_m_l   ? 
_diffrn_radiation.monochromator                    ? 
_diffrn_radiation.pdbx_diffrn_protocol             ? 
_diffrn_radiation.pdbx_scattering_type             x-ray 
# 
_diffrn_radiation_wavelength.id           1 
_diffrn_radiation_wavelength.wavelength   . 
_diffrn_radiation_wavelength.wt           1.0 
# 
_refine.entry_id                                 1ICN 
_refine.ls_number_reflns_obs                     ? 
_refine.ls_number_reflns_all                     ? 
_refine.pdbx_ls_sigma_I                          ? 
_refine.pdbx_ls_sigma_F                          ? 
_refine.pdbx_data_cutoff_high_absF               ? 
_refine.pdbx_data_cutoff_low_absF                ? 
_refine.pdbx_data_cutoff_high_rms_absF           ? 
_refine.ls_d_res_low                             ? 
_refine.ls_d_res_high                            1.74 
_refine.ls_percent_reflns_obs                    ? 
_refine.ls_R_factor_obs                          0.1610000 
_refine.ls_R_factor_all                          ? 
_refine.ls_R_factor_R_work                       ? 
_refine.ls_R_factor_R_free                       ? 
_refine.ls_R_factor_R_free_error                 ? 
_refine.ls_R_factor_R_free_error_details         ? 
_refine.ls_percent_reflns_R_free                 ? 
_refine.ls_number_reflns_R_free                  ? 
_refine.ls_number_parameters                     ? 
_refine.ls_number_restraints                     ? 
_refine.occupancy_min                            ? 
_refine.occupancy_max                            ? 
_refine.B_iso_mean                               ? 
_refine.aniso_B[1][1]                            ? 
_refine.aniso_B[2][2]                            ? 
_refine.aniso_B[3][3]                            ? 
_refine.aniso_B[1][2]                            ? 
_refine.aniso_B[1][3]                            ? 
_refine.aniso_B[2][3]                            ? 
_refine.solvent_model_details                    ? 
_refine.solvent_model_param_ksol                 ? 
_refine.solvent_model_param_bsol                 ? 
_refine.pdbx_ls_cross_valid_method               ? 
_refine.details                                  ? 
_refine.pdbx_starting_model                      ? 
_refine.pdbx_method_to_determine_struct          ? 
_refine.pdbx_isotropic_thermal_model             ? 
_refine.pdbx_stereochemistry_target_values       ? 
_refine.pdbx_stereochem_target_val_spec_case     ? 
_refine.pdbx_R_Free_selection_details            ? 
_refine.pdbx_overall_ESU_R                       ? 
_refine.pdbx_overall_ESU_R_Free                  ? 
_refine.overall_SU_ML                            ? 
_refine.overall_SU_B                             ? 
_refine.pdbx_refine_id                           'X-RAY DIFFRACTION' 
_refine.pdbx_diffrn_id                           1 
_refine.pdbx_TLS_residual_ADP_flag               ? 
_refine.correlation_coeff_Fo_to_Fc               ? 
_refine.correlation_coeff_Fo_to_Fc_free          ? 
_refine.pdbx_solvent_vdw_probe_radii             ? 
_refine.pdbx_solvent_ion_probe_radii             ? 
_refine.pdbx_solvent_shrinkage_radii             ? 
_refine.pdbx_overall_phase_error                 ? 
_refine.overall_SU_R_Cruickshank_DPI             ? 
_refine.pdbx_overall_SU_R_free_Cruickshank_DPI   ? 
_refine.pdbx_overall_SU_R_Blow_DPI               ? 
_refine.pdbx_overall_SU_R_free_Blow_DPI          ? 
# 
_refine_hist.pdbx_refine_id                   'X-RAY DIFFRACTION' 
_refine_hist.cycle_id                         LAST 
_refine_hist.pdbx_number_atoms_protein        1055 
_refine_hist.pdbx_number_atoms_nucleic_acid   0 
_refine_hist.pdbx_number_atoms_ligand         30 
_refine_hist.number_atoms_solvent             133 
_refine_hist.number_atoms_total               1218 
_refine_hist.d_res_high                       1.74 
_refine_hist.d_res_low                        . 
# 
loop_
_refine_ls_restr.type 
_refine_ls_restr.dev_ideal 
_refine_ls_restr.dev_ideal_target 
_refine_ls_restr.weight 
_refine_ls_restr.number 
_refine_ls_restr.pdbx_refine_id 
_refine_ls_restr.pdbx_restraint_function 
t_bond_d           0.01 ? ? ? 'X-RAY DIFFRACTION' ? 
t_angle_deg        2.70 ? ? ? 'X-RAY DIFFRACTION' ? 
t_dihedral_angle_d ?    ? ? ? 'X-RAY DIFFRACTION' ? 
t_incorr_chiral_ct ?    ? ? ? 'X-RAY DIFFRACTION' ? 
t_pseud_angle      ?    ? ? ? 'X-RAY DIFFRACTION' ? 
t_trig_c_planes    ?    ? ? ? 'X-RAY DIFFRACTION' ? 
t_gen_planes       ?    ? ? ? 'X-RAY DIFFRACTION' ? 
t_it               ?    ? ? ? 'X-RAY DIFFRACTION' ? 
t_nbd              ?    ? ? ? 'X-RAY DIFFRACTION' ? 
# 
_struct.entry_id                  1ICN 
_struct.title                     
;ESCHERICHIA COLI-DERIVED RAT INTESTINAL FATTY ACID BINDING PROTEIN WITH BOUND MYRISTATE AT 1.5 A RESOLUTION AND I-FABPARG106-->GLN WITH BOUND OLEATE AT 1.74 A RESOLUTION
;
_struct.pdbx_model_details        ? 
_struct.pdbx_CASP_flag            ? 
_struct.pdbx_model_type_details   ? 
# 
_struct_keywords.entry_id        1ICN 
_struct_keywords.pdbx_keywords   'BINDING PROTEIN(FATTY ACID)' 
_struct_keywords.text            'BINDING PROTEIN(FATTY ACID)' 
# 
loop_
_struct_asym.id 
_struct_asym.pdbx_blank_PDB_chainid_flag 
_struct_asym.pdbx_modified 
_struct_asym.entity_id 
_struct_asym.details 
A N N 1 ? 
B N N 2 ? 
C N N 3 ? 
# 
_struct_ref.id                         1 
_struct_ref.db_name                    UNP 
_struct_ref.db_code                    FABPI_RAT 
_struct_ref.entity_id                  1 
_struct_ref.pdbx_db_accession          P02693 
_struct_ref.pdbx_align_begin           1 
_struct_ref.pdbx_seq_one_letter_code   
;AFDGTWKVDRNENYEKFMEKMGINVVKRKLGAHDNLKLTITQEGNKFTVKESSNFRNIDVVFELGVDFAYSLADGTELTG
TWTMEGNKLVGKFKRVDNGKELIAVREISGNELIQTYTYEGVEAKRIFKKE
;
_struct_ref.pdbx_db_isoform            ? 
# 
_struct_ref_seq.align_id                      1 
_struct_ref_seq.ref_id                        1 
_struct_ref_seq.pdbx_PDB_id_code              1ICN 
_struct_ref_seq.pdbx_strand_id                A 
_struct_ref_seq.seq_align_beg                 1 
_struct_ref_seq.pdbx_seq_align_beg_ins_code   ? 
_struct_ref_seq.seq_align_end                 131 
_struct_ref_seq.pdbx_seq_align_end_ins_code   ? 
_struct_ref_seq.pdbx_db_accession             P02693 
_struct_ref_seq.db_align_beg                  1 
_struct_ref_seq.pdbx_db_align_beg_ins_code    ? 
_struct_ref_seq.db_align_end                  131 
_struct_ref_seq.pdbx_db_align_end_ins_code    ? 
_struct_ref_seq.pdbx_auth_seq_align_beg       1 
_struct_ref_seq.pdbx_auth_seq_align_end       131 
# 
_struct_ref_seq_dif.align_id                     1 
_struct_ref_seq_dif.pdbx_pdb_id_code             1ICN 
_struct_ref_seq_dif.mon_id                       GLN 
_struct_ref_seq_dif.pdbx_pdb_strand_id           A 
_struct_ref_seq_dif.seq_num                      106 
_struct_ref_seq_dif.pdbx_pdb_ins_code            ? 
_struct_ref_seq_dif.pdbx_seq_db_name             UNP 
_struct_ref_seq_dif.pdbx_seq_db_accession_code   P02693 
_struct_ref_seq_dif.db_mon_id                    ARG 
_struct_ref_seq_dif.pdbx_seq_db_seq_num          106 
_struct_ref_seq_dif.details                      conflict 
_struct_ref_seq_dif.pdbx_auth_seq_num            106 
_struct_ref_seq_dif.pdbx_ordinal                 1 
# 
_pdbx_struct_assembly.id                   1 
_pdbx_struct_assembly.details              author_defined_assembly 
_pdbx_struct_assembly.method_details       ? 
_pdbx_struct_assembly.oligomeric_details   monomeric 
_pdbx_struct_assembly.oligomeric_count     1 
# 
_pdbx_struct_assembly_gen.assembly_id       1 
_pdbx_struct_assembly_gen.oper_expression   1 
_pdbx_struct_assembly_gen.asym_id_list      A,B,C 
# 
_pdbx_struct_oper_list.id                   1 
_pdbx_struct_oper_list.type                 'identity operation' 
_pdbx_struct_oper_list.name                 1_555 
_pdbx_struct_oper_list.symmetry_operation   x,y,z 
_pdbx_struct_oper_list.matrix[1][1]         1.0000000000 
_pdbx_struct_oper_list.matrix[1][2]         0.0000000000 
_pdbx_struct_oper_list.matrix[1][3]         0.0000000000 
_pdbx_struct_oper_list.vector[1]            0.0000000000 
_pdbx_struct_oper_list.matrix[2][1]         0.0000000000 
_pdbx_struct_oper_list.matrix[2][2]         1.0000000000 
_pdbx_struct_oper_list.matrix[2][3]         0.0000000000 
_pdbx_struct_oper_list.vector[2]            0.0000000000 
_pdbx_struct_oper_list.matrix[3][1]         0.0000000000 
_pdbx_struct_oper_list.matrix[3][2]         0.0000000000 
_pdbx_struct_oper_list.matrix[3][3]         1.0000000000 
_pdbx_struct_oper_list.vector[3]            0.0000000000 
# 
_struct_biol.id   1 
# 
loop_
_struct_conf.conf_type_id 
_struct_conf.id 
_struct_conf.pdbx_PDB_helix_id 
_struct_conf.beg_label_comp_id 
_struct_conf.beg_label_asym_id 
_struct_conf.beg_label_seq_id 
_struct_conf.pdbx_beg_PDB_ins_code 
_struct_conf.end_label_comp_id 
_struct_conf.end_label_asym_id 
_struct_conf.end_label_seq_id 
_struct_conf.pdbx_end_PDB_ins_code 
_struct_conf.beg_auth_comp_id 
_struct_conf.beg_auth_asym_id 
_struct_conf.beg_auth_seq_id 
_struct_conf.end_auth_comp_id 
_struct_conf.end_auth_asym_id 
_struct_conf.end_auth_seq_id 
_struct_conf.pdbx_PDB_helix_class 
_struct_conf.details 
_struct_conf.pdbx_PDB_helix_length 
HELX_P HELX_P1 A1 TYR A 14 ? LYS A 20 ? TYR A 14 LYS A 20 1 ? 7 
HELX_P HELX_P2 A2 VAL A 25 ? HIS A 33 ? VAL A 25 HIS A 33 1 ? 9 
# 
_struct_conf_type.id          HELX_P 
_struct_conf_type.criteria    ? 
_struct_conf_type.reference   ? 
# 
loop_
_struct_sheet.id 
_struct_sheet.type 
_struct_sheet.number_strands 
_struct_sheet.details 
A ? 4 ? 
B ? 2 ? 
C ? 5 ? 
# 
loop_
_struct_sheet_order.sheet_id 
_struct_sheet_order.range_id_1 
_struct_sheet_order.range_id_2 
_struct_sheet_order.offset 
_struct_sheet_order.sense 
A 1 2 ? anti-parallel 
A 2 3 ? anti-parallel 
A 3 4 ? anti-parallel 
B 1 2 ? anti-parallel 
C 1 2 ? anti-parallel 
C 2 3 ? anti-parallel 
C 3 4 ? anti-parallel 
C 4 5 ? anti-parallel 
# 
loop_
_struct_sheet_range.sheet_id 
_struct_sheet_range.id 
_struct_sheet_range.beg_label_comp_id 
_struct_sheet_range.beg_label_asym_id 
_struct_sheet_range.beg_label_seq_id 
_struct_sheet_range.pdbx_beg_PDB_ins_code 
_struct_sheet_range.end_label_comp_id 
_struct_sheet_range.end_label_asym_id 
_struct_sheet_range.end_label_seq_id 
_struct_sheet_range.pdbx_end_PDB_ins_code 
_struct_sheet_range.beg_auth_comp_id 
_struct_sheet_range.beg_auth_asym_id 
_struct_sheet_range.beg_auth_seq_id 
_struct_sheet_range.end_auth_comp_id 
_struct_sheet_range.end_auth_asym_id 
_struct_sheet_range.end_auth_seq_id 
A 1 ALA A 1   ? GLU A 12  ? ALA A 1   GLU A 12  
A 2 ASP A 34  ? GLN A 42  ? ASP A 34  GLN A 42  
A 3 PHE A 47  ? SER A 52  ? PHE A 47  SER A 52  
A 4 ASN A 57  ? PHE A 62  ? ASN A 57  PHE A 62  
B 1 ASP A 67  ? SER A 71  ? ASP A 67  SER A 71  
B 2 THR A 76  ? GLY A 80  ? THR A 76  GLY A 80  
C 1 THR A 81  ? MET A 84  ? THR A 81  MET A 84  
C 2 LEU A 89  ? LYS A 94  ? LEU A 89  LYS A 94  
C 3 LYS A 100 ? ILE A 108 ? LYS A 100 ILE A 108 
C 4 LEU A 113 ? THR A 118 ? LEU A 113 THR A 118 
C 5 GLU A 123 ? GLU A 131 ? GLU A 123 GLU A 131 
# 
loop_
_pdbx_struct_sheet_hbond.sheet_id 
_pdbx_struct_sheet_hbond.range_id_1 
_pdbx_struct_sheet_hbond.range_id_2 
_pdbx_struct_sheet_hbond.range_1_label_atom_id 
_pdbx_struct_sheet_hbond.range_1_label_comp_id 
_pdbx_struct_sheet_hbond.range_1_label_asym_id 
_pdbx_struct_sheet_hbond.range_1_label_seq_id 
_pdbx_struct_sheet_hbond.range_1_PDB_ins_code 
_pdbx_struct_sheet_hbond.range_1_auth_atom_id 
_pdbx_struct_sheet_hbond.range_1_auth_comp_id 
_pdbx_struct_sheet_hbond.range_1_auth_asym_id 
_pdbx_struct_sheet_hbond.range_1_auth_seq_id 
_pdbx_struct_sheet_hbond.range_2_label_atom_id 
_pdbx_struct_sheet_hbond.range_2_label_comp_id 
_pdbx_struct_sheet_hbond.range_2_label_asym_id 
_pdbx_struct_sheet_hbond.range_2_label_seq_id 
_pdbx_struct_sheet_hbond.range_2_PDB_ins_code 
_pdbx_struct_sheet_hbond.range_2_auth_atom_id 
_pdbx_struct_sheet_hbond.range_2_auth_comp_id 
_pdbx_struct_sheet_hbond.range_2_auth_asym_id 
_pdbx_struct_sheet_hbond.range_2_auth_seq_id 
A 1 2 O GLY A 4   ? O GLY A 4   N ILE A 40  ? N ILE A 40  
A 2 3 O THR A 41  ? O THR A 41  N THR A 48  ? N THR A 48  
A 3 4 O VAL A 49  ? O VAL A 49  N VAL A 60  ? N VAL A 60  
B 1 2 O TYR A 70  ? O TYR A 70  N LEU A 78  ? N LEU A 78  
C 1 2 O THR A 83  ? O THR A 83  N VAL A 90  ? N VAL A 90  
C 2 3 O GLY A 91  ? O GLY A 91  N ALA A 104 ? N ALA A 104 
C 3 4 O VAL A 105 ? O VAL A 105 N THR A 116 ? N THR A 116 
C 4 5 O GLN A 115 ? O GLN A 115 N ARG A 126 ? N ARG A 126 
# 
loop_
_struct_site.id 
_struct_site.pdbx_evidence_code 
_struct_site.pdbx_auth_asym_id 
_struct_site.pdbx_auth_comp_id 
_struct_site.pdbx_auth_seq_id 
_struct_site.pdbx_auth_ins_code 
_struct_site.pdbx_num_residues 
_struct_site.details 
FA1 Unknown  ? ?   ?   ? 6 ?                                    
AC1 Software A OLA 133 ? 8 'BINDING SITE FOR RESIDUE OLA A 133' 
# 
loop_
_struct_site_gen.id 
_struct_site_gen.site_id 
_struct_site_gen.pdbx_num_res 
_struct_site_gen.label_comp_id 
_struct_site_gen.label_asym_id 
_struct_site_gen.label_seq_id 
_struct_site_gen.pdbx_auth_ins_code 
_struct_site_gen.auth_comp_id 
_struct_site_gen.auth_asym_id 
_struct_site_gen.auth_seq_id 
_struct_site_gen.label_atom_id 
_struct_site_gen.label_alt_id 
_struct_site_gen.symmetry 
_struct_site_gen.details 
1  FA1 6 GLN A 106 ? GLN A 106 . ? 1_555 ? 
2  FA1 6 TRP A 82  ? TRP A 82  . ? 1_555 ? 
3  FA1 6 GLN A 115 ? GLN A 115 . ? 1_555 ? 
4  FA1 6 TYR A 70  ? TYR A 70  . ? 1_555 ? 
5  FA1 6 TYR A 117 ? TYR A 117 . ? 1_555 ? 
6  FA1 6 PHE A 55  ? PHE A 55  . ? 1_555 ? 
7  AC1 8 TYR A 14  ? TYR A 14  . ? 1_555 ? 
8  AC1 8 PHE A 17  ? PHE A 17  . ? 1_555 ? 
9  AC1 8 ILE A 23  ? ILE A 23  . ? 1_555 ? 
10 AC1 8 VAL A 60  ? VAL A 60  . ? 1_555 ? 
11 AC1 8 PHE A 62  ? PHE A 62  . ? 1_555 ? 
12 AC1 8 TYR A 70  ? TYR A 70  . ? 1_555 ? 
13 AC1 8 TRP A 82  ? TRP A 82  . ? 1_555 ? 
14 AC1 8 GLN A 106 ? GLN A 106 . ? 1_555 ? 
# 
loop_
_pdbx_validate_close_contact.id 
_pdbx_validate_close_contact.PDB_model_num 
_pdbx_validate_close_contact.auth_atom_id_1 
_pdbx_validate_close_contact.auth_asym_id_1 
_pdbx_validate_close_contact.auth_comp_id_1 
_pdbx_validate_close_contact.auth_seq_id_1 
_pdbx_validate_close_contact.PDB_ins_code_1 
_pdbx_validate_close_contact.label_alt_id_1 
_pdbx_validate_close_contact.auth_atom_id_2 
_pdbx_validate_close_contact.auth_asym_id_2 
_pdbx_validate_close_contact.auth_comp_id_2 
_pdbx_validate_close_contact.auth_seq_id_2 
_pdbx_validate_close_contact.PDB_ins_code_2 
_pdbx_validate_close_contact.label_alt_id_2 
_pdbx_validate_close_contact.dist 
1 1 O A HOH 216 ? ? O A HOH 244 ? ? 1.97 
2 1 O A HOH 216 ? ? O A HOH 245 ? ? 2.06 
3 1 O A HOH 151 ? ? O A HOH 236 ? ? 2.14 
# 
loop_
_pdbx_validate_rmsd_bond.id 
_pdbx_validate_rmsd_bond.PDB_model_num 
_pdbx_validate_rmsd_bond.auth_atom_id_1 
_pdbx_validate_rmsd_bond.auth_asym_id_1 
_pdbx_validate_rmsd_bond.auth_comp_id_1 
_pdbx_validate_rmsd_bond.auth_seq_id_1 
_pdbx_validate_rmsd_bond.PDB_ins_code_1 
_pdbx_validate_rmsd_bond.label_alt_id_1 
_pdbx_validate_rmsd_bond.auth_atom_id_2 
_pdbx_validate_rmsd_bond.auth_asym_id_2 
_pdbx_validate_rmsd_bond.auth_comp_id_2 
_pdbx_validate_rmsd_bond.auth_seq_id_2 
_pdbx_validate_rmsd_bond.PDB_ins_code_2 
_pdbx_validate_rmsd_bond.label_alt_id_2 
_pdbx_validate_rmsd_bond.bond_value 
_pdbx_validate_rmsd_bond.bond_target_value 
_pdbx_validate_rmsd_bond.bond_deviation 
_pdbx_validate_rmsd_bond.bond_standard_deviation 
_pdbx_validate_rmsd_bond.linker_flag 
1 1 CD A GLU 12 ? ? OE1 A GLU 12 ? ? 1.319 1.252 0.067 0.011 N 
2 1 CD A GLU 15 ? ? OE2 A GLU 15 ? ? 1.320 1.252 0.068 0.011 N 
3 1 CD A GLU 63 ? ? OE1 A GLU 63 ? ? 1.324 1.252 0.072 0.011 N 
4 1 CD A GLU 77 ? ? OE2 A GLU 77 ? ? 1.322 1.252 0.070 0.011 N 
# 
loop_
_pdbx_validate_rmsd_angle.id 
_pdbx_validate_rmsd_angle.PDB_model_num 
_pdbx_validate_rmsd_angle.auth_atom_id_1 
_pdbx_validate_rmsd_angle.auth_asym_id_1 
_pdbx_validate_rmsd_angle.auth_comp_id_1 
_pdbx_validate_rmsd_angle.auth_seq_id_1 
_pdbx_validate_rmsd_angle.PDB_ins_code_1 
_pdbx_validate_rmsd_angle.label_alt_id_1 
_pdbx_validate_rmsd_angle.auth_atom_id_2 
_pdbx_validate_rmsd_angle.auth_asym_id_2 
_pdbx_validate_rmsd_angle.auth_comp_id_2 
_pdbx_validate_rmsd_angle.auth_seq_id_2 
_pdbx_validate_rmsd_angle.PDB_ins_code_2 
_pdbx_validate_rmsd_angle.label_alt_id_2 
_pdbx_validate_rmsd_angle.auth_atom_id_3 
_pdbx_validate_rmsd_angle.auth_asym_id_3 
_pdbx_validate_rmsd_angle.auth_comp_id_3 
_pdbx_validate_rmsd_angle.auth_seq_id_3 
_pdbx_validate_rmsd_angle.PDB_ins_code_3 
_pdbx_validate_rmsd_angle.label_alt_id_3 
_pdbx_validate_rmsd_angle.angle_value 
_pdbx_validate_rmsd_angle.angle_target_value 
_pdbx_validate_rmsd_angle.angle_deviation 
_pdbx_validate_rmsd_angle.angle_standard_deviation 
_pdbx_validate_rmsd_angle.linker_flag 
1 1 CB A ASP 3  ? ? CG A ASP 3  ? ? OD2 A ASP 3  ? ? 111.51 118.30 -6.79  0.90 N 
2 1 NE A ARG 28 ? ? CZ A ARG 28 ? ? NH1 A ARG 28 ? ? 123.88 120.30 3.58   0.50 N 
3 1 CB A ASP 67 ? ? CA A ASP 67 ? ? C   A ASP 67 ? ? 97.29  110.40 -13.11 2.00 N 
4 1 CB A ASP 67 ? ? CG A ASP 67 ? ? OD2 A ASP 67 ? ? 107.92 118.30 -10.38 0.90 N 
5 1 CB A ASP 97 ? ? CG A ASP 97 ? ? OD2 A ASP 97 ? ? 112.53 118.30 -5.77  0.90 N 
# 
_pdbx_entry_details.entry_id                 1ICN 
_pdbx_entry_details.compound_details         ? 
_pdbx_entry_details.source_details           ? 
_pdbx_entry_details.nonpolymer_details       
;BOUND OLEATE HAS THREE CONFORMATIONS FOR THE CARBOXYLATE
GROUP.
;
_pdbx_entry_details.sequence_details         ? 
_pdbx_entry_details.has_ligand_of_interest   ? 
# 
loop_
_chem_comp_atom.comp_id 
_chem_comp_atom.atom_id 
_chem_comp_atom.type_symbol 
_chem_comp_atom.pdbx_aromatic_flag 
_chem_comp_atom.pdbx_stereo_config 
_chem_comp_atom.pdbx_ordinal 
ALA N    N N N 1   
ALA CA   C N S 2   
ALA C    C N N 3   
ALA O    O N N 4   
ALA CB   C N N 5   
ALA OXT  O N N 6   
ALA H    H N N 7   
ALA H2   H N N 8   
ALA HA   H N N 9   
ALA HB1  H N N 10  
ALA HB2  H N N 11  
ALA HB3  H N N 12  
ALA HXT  H N N 13  
ARG N    N N N 14  
ARG CA   C N S 15  
ARG C    C N N 16  
ARG O    O N N 17  
ARG CB   C N N 18  
ARG CG   C N N 19  
ARG CD   C N N 20  
ARG NE   N N N 21  
ARG CZ   C N N 22  
ARG NH1  N N N 23  
ARG NH2  N N N 24  
ARG OXT  O N N 25  
ARG H    H N N 26  
ARG H2   H N N 27  
ARG HA   H N N 28  
ARG HB2  H N N 29  
ARG HB3  H N N 30  
ARG HG2  H N N 31  
ARG HG3  H N N 32  
ARG HD2  H N N 33  
ARG HD3  H N N 34  
ARG HE   H N N 35  
ARG HH11 H N N 36  
ARG HH12 H N N 37  
ARG HH21 H N N 38  
ARG HH22 H N N 39  
ARG HXT  H N N 40  
ASN N    N N N 41  
ASN CA   C N S 42  
ASN C    C N N 43  
ASN O    O N N 44  
ASN CB   C N N 45  
ASN CG   C N N 46  
ASN OD1  O N N 47  
ASN ND2  N N N 48  
ASN OXT  O N N 49  
ASN H    H N N 50  
ASN H2   H N N 51  
ASN HA   H N N 52  
ASN HB2  H N N 53  
ASN HB3  H N N 54  
ASN HD21 H N N 55  
ASN HD22 H N N 56  
ASN HXT  H N N 57  
ASP N    N N N 58  
ASP CA   C N S 59  
ASP C    C N N 60  
ASP O    O N N 61  
ASP CB   C N N 62  
ASP CG   C N N 63  
ASP OD1  O N N 64  
ASP OD2  O N N 65  
ASP OXT  O N N 66  
ASP H    H N N 67  
ASP H2   H N N 68  
ASP HA   H N N 69  
ASP HB2  H N N 70  
ASP HB3  H N N 71  
ASP HD2  H N N 72  
ASP HXT  H N N 73  
GLN N    N N N 74  
GLN CA   C N S 75  
GLN C    C N N 76  
GLN O    O N N 77  
GLN CB   C N N 78  
GLN CG   C N N 79  
GLN CD   C N N 80  
GLN OE1  O N N 81  
GLN NE2  N N N 82  
GLN OXT  O N N 83  
GLN H    H N N 84  
GLN H2   H N N 85  
GLN HA   H N N 86  
GLN HB2  H N N 87  
GLN HB3  H N N 88  
GLN HG2  H N N 89  
GLN HG3  H N N 90  
GLN HE21 H N N 91  
GLN HE22 H N N 92  
GLN HXT  H N N 93  
GLU N    N N N 94  
GLU CA   C N S 95  
GLU C    C N N 96  
GLU O    O N N 97  
GLU CB   C N N 98  
GLU CG   C N N 99  
GLU CD   C N N 100 
GLU OE1  O N N 101 
GLU OE2  O N N 102 
GLU OXT  O N N 103 
GLU H    H N N 104 
GLU H2   H N N 105 
GLU HA   H N N 106 
GLU HB2  H N N 107 
GLU HB3  H N N 108 
GLU HG2  H N N 109 
GLU HG3  H N N 110 
GLU HE2  H N N 111 
GLU HXT  H N N 112 
GLY N    N N N 113 
GLY CA   C N N 114 
GLY C    C N N 115 
GLY O    O N N 116 
GLY OXT  O N N 117 
GLY H    H N N 118 
GLY H2   H N N 119 
GLY HA2  H N N 120 
GLY HA3  H N N 121 
GLY HXT  H N N 122 
HIS N    N N N 123 
HIS CA   C N S 124 
HIS C    C N N 125 
HIS O    O N N 126 
HIS CB   C N N 127 
HIS CG   C Y N 128 
HIS ND1  N Y N 129 
HIS CD2  C Y N 130 
HIS CE1  C Y N 131 
HIS NE2  N Y N 132 
HIS OXT  O N N 133 
HIS H    H N N 134 
HIS H2   H N N 135 
HIS HA   H N N 136 
HIS HB2  H N N 137 
HIS HB3  H N N 138 
HIS HD1  H N N 139 
HIS HD2  H N N 140 
HIS HE1  H N N 141 
HIS HE2  H N N 142 
HIS HXT  H N N 143 
HOH O    O N N 144 
HOH H1   H N N 145 
HOH H2   H N N 146 
ILE N    N N N 147 
ILE CA   C N S 148 
ILE C    C N N 149 
ILE O    O N N 150 
ILE CB   C N S 151 
ILE CG1  C N N 152 
ILE CG2  C N N 153 
ILE CD1  C N N 154 
ILE OXT  O N N 155 
ILE H    H N N 156 
ILE H2   H N N 157 
ILE HA   H N N 158 
ILE HB   H N N 159 
ILE HG12 H N N 160 
ILE HG13 H N N 161 
ILE HG21 H N N 162 
ILE HG22 H N N 163 
ILE HG23 H N N 164 
ILE HD11 H N N 165 
ILE HD12 H N N 166 
ILE HD13 H N N 167 
ILE HXT  H N N 168 
LEU N    N N N 169 
LEU CA   C N S 170 
LEU C    C N N 171 
LEU O    O N N 172 
LEU CB   C N N 173 
LEU CG   C N N 174 
LEU CD1  C N N 175 
LEU CD2  C N N 176 
LEU OXT  O N N 177 
LEU H    H N N 178 
LEU H2   H N N 179 
LEU HA   H N N 180 
LEU HB2  H N N 181 
LEU HB3  H N N 182 
LEU HG   H N N 183 
LEU HD11 H N N 184 
LEU HD12 H N N 185 
LEU HD13 H N N 186 
LEU HD21 H N N 187 
LEU HD22 H N N 188 
LEU HD23 H N N 189 
LEU HXT  H N N 190 
LYS N    N N N 191 
LYS CA   C N S 192 
LYS C    C N N 193 
LYS O    O N N 194 
LYS CB   C N N 195 
LYS CG   C N N 196 
LYS CD   C N N 197 
LYS CE   C N N 198 
LYS NZ   N N N 199 
LYS OXT  O N N 200 
LYS H    H N N 201 
LYS H2   H N N 202 
LYS HA   H N N 203 
LYS HB2  H N N 204 
LYS HB3  H N N 205 
LYS HG2  H N N 206 
LYS HG3  H N N 207 
LYS HD2  H N N 208 
LYS HD3  H N N 209 
LYS HE2  H N N 210 
LYS HE3  H N N 211 
LYS HZ1  H N N 212 
LYS HZ2  H N N 213 
LYS HZ3  H N N 214 
LYS HXT  H N N 215 
MET N    N N N 216 
MET CA   C N S 217 
MET C    C N N 218 
MET O    O N N 219 
MET CB   C N N 220 
MET CG   C N N 221 
MET SD   S N N 222 
MET CE   C N N 223 
MET OXT  O N N 224 
MET H    H N N 225 
MET H2   H N N 226 
MET HA   H N N 227 
MET HB2  H N N 228 
MET HB3  H N N 229 
MET HG2  H N N 230 
MET HG3  H N N 231 
MET HE1  H N N 232 
MET HE2  H N N 233 
MET HE3  H N N 234 
MET HXT  H N N 235 
OLA C1   C N N 236 
OLA O1   O N N 237 
OLA O2   O N N 238 
OLA C2   C N N 239 
OLA C3   C N N 240 
OLA C4   C N N 241 
OLA C5   C N N 242 
OLA C6   C N N 243 
OLA C7   C N N 244 
OLA C8   C N N 245 
OLA C9   C N N 246 
OLA C10  C N N 247 
OLA C11  C N N 248 
OLA C12  C N N 249 
OLA C13  C N N 250 
OLA C14  C N N 251 
OLA C15  C N N 252 
OLA C16  C N N 253 
OLA C17  C N N 254 
OLA C18  C N N 255 
OLA HO2  H N N 256 
OLA H21  H N N 257 
OLA H22  H N N 258 
OLA H31  H N N 259 
OLA H32  H N N 260 
OLA H41  H N N 261 
OLA H42  H N N 262 
OLA H51  H N N 263 
OLA H52  H N N 264 
OLA H61  H N N 265 
OLA H62  H N N 266 
OLA H71  H N N 267 
OLA H72  H N N 268 
OLA H81  H N N 269 
OLA H82  H N N 270 
OLA H9   H N N 271 
OLA H10  H N N 272 
OLA H111 H N N 273 
OLA H112 H N N 274 
OLA H121 H N N 275 
OLA H122 H N N 276 
OLA H131 H N N 277 
OLA H132 H N N 278 
OLA H141 H N N 279 
OLA H142 H N N 280 
OLA H151 H N N 281 
OLA H152 H N N 282 
OLA H161 H N N 283 
OLA H162 H N N 284 
OLA H171 H N N 285 
OLA H172 H N N 286 
OLA H181 H N N 287 
OLA H182 H N N 288 
OLA H183 H N N 289 
PHE N    N N N 290 
PHE CA   C N S 291 
PHE C    C N N 292 
PHE O    O N N 293 
PHE CB   C N N 294 
PHE CG   C Y N 295 
PHE CD1  C Y N 296 
PHE CD2  C Y N 297 
PHE CE1  C Y N 298 
PHE CE2  C Y N 299 
PHE CZ   C Y N 300 
PHE OXT  O N N 301 
PHE H    H N N 302 
PHE H2   H N N 303 
PHE HA   H N N 304 
PHE HB2  H N N 305 
PHE HB3  H N N 306 
PHE HD1  H N N 307 
PHE HD2  H N N 308 
PHE HE1  H N N 309 
PHE HE2  H N N 310 
PHE HZ   H N N 311 
PHE HXT  H N N 312 
SER N    N N N 313 
SER CA   C N S 314 
SER C    C N N 315 
SER O    O N N 316 
SER CB   C N N 317 
SER OG   O N N 318 
SER OXT  O N N 319 
SER H    H N N 320 
SER H2   H N N 321 
SER HA   H N N 322 
SER HB2  H N N 323 
SER HB3  H N N 324 
SER HG   H N N 325 
SER HXT  H N N 326 
THR N    N N N 327 
THR CA   C N S 328 
THR C    C N N 329 
THR O    O N N 330 
THR CB   C N R 331 
THR OG1  O N N 332 
THR CG2  C N N 333 
THR OXT  O N N 334 
THR H    H N N 335 
THR H2   H N N 336 
THR HA   H N N 337 
THR HB   H N N 338 
THR HG1  H N N 339 
THR HG21 H N N 340 
THR HG22 H N N 341 
THR HG23 H N N 342 
THR HXT  H N N 343 
TRP N    N N N 344 
TRP CA   C N S 345 
TRP C    C N N 346 
TRP O    O N N 347 
TRP CB   C N N 348 
TRP CG   C Y N 349 
TRP CD1  C Y N 350 
TRP CD2  C Y N 351 
TRP NE1  N Y N 352 
TRP CE2  C Y N 353 
TRP CE3  C Y N 354 
TRP CZ2  C Y N 355 
TRP CZ3  C Y N 356 
TRP CH2  C Y N 357 
TRP OXT  O N N 358 
TRP H    H N N 359 
TRP H2   H N N 360 
TRP HA   H N N 361 
TRP HB2  H N N 362 
TRP HB3  H N N 363 
TRP HD1  H N N 364 
TRP HE1  H N N 365 
TRP HE3  H N N 366 
TRP HZ2  H N N 367 
TRP HZ3  H N N 368 
TRP HH2  H N N 369 
TRP HXT  H N N 370 
TYR N    N N N 371 
TYR CA   C N S 372 
TYR C    C N N 373 
TYR O    O N N 374 
TYR CB   C N N 375 
TYR CG   C Y N 376 
TYR CD1  C Y N 377 
TYR CD2  C Y N 378 
TYR CE1  C Y N 379 
TYR CE2  C Y N 380 
TYR CZ   C Y N 381 
TYR OH   O N N 382 
TYR OXT  O N N 383 
TYR H    H N N 384 
TYR H2   H N N 385 
TYR HA   H N N 386 
TYR HB2  H N N 387 
TYR HB3  H N N 388 
TYR HD1  H N N 389 
TYR HD2  H N N 390 
TYR HE1  H N N 391 
TYR HE2  H N N 392 
TYR HH   H N N 393 
TYR HXT  H N N 394 
VAL N    N N N 395 
VAL CA   C N S 396 
VAL C    C N N 397 
VAL O    O N N 398 
VAL CB   C N N 399 
VAL CG1  C N N 400 
VAL CG2  C N N 401 
VAL OXT  O N N 402 
VAL H    H N N 403 
VAL H2   H N N 404 
VAL HA   H N N 405 
VAL HB   H N N 406 
VAL HG11 H N N 407 
VAL HG12 H N N 408 
VAL HG13 H N N 409 
VAL HG21 H N N 410 
VAL HG22 H N N 411 
VAL HG23 H N N 412 
VAL HXT  H N N 413 
# 
loop_
_chem_comp_bond.comp_id 
_chem_comp_bond.atom_id_1 
_chem_comp_bond.atom_id_2 
_chem_comp_bond.value_order 
_chem_comp_bond.pdbx_aromatic_flag 
_chem_comp_bond.pdbx_stereo_config 
_chem_comp_bond.pdbx_ordinal 
ALA N   CA   sing N N 1   
ALA N   H    sing N N 2   
ALA N   H2   sing N N 3   
ALA CA  C    sing N N 4   
ALA CA  CB   sing N N 5   
ALA CA  HA   sing N N 6   
ALA C   O    doub N N 7   
ALA C   OXT  sing N N 8   
ALA CB  HB1  sing N N 9   
ALA CB  HB2  sing N N 10  
ALA CB  HB3  sing N N 11  
ALA OXT HXT  sing N N 12  
ARG N   CA   sing N N 13  
ARG N   H    sing N N 14  
ARG N   H2   sing N N 15  
ARG CA  C    sing N N 16  
ARG CA  CB   sing N N 17  
ARG CA  HA   sing N N 18  
ARG C   O    doub N N 19  
ARG C   OXT  sing N N 20  
ARG CB  CG   sing N N 21  
ARG CB  HB2  sing N N 22  
ARG CB  HB3  sing N N 23  
ARG CG  CD   sing N N 24  
ARG CG  HG2  sing N N 25  
ARG CG  HG3  sing N N 26  
ARG CD  NE   sing N N 27  
ARG CD  HD2  sing N N 28  
ARG CD  HD3  sing N N 29  
ARG NE  CZ   sing N N 30  
ARG NE  HE   sing N N 31  
ARG CZ  NH1  sing N N 32  
ARG CZ  NH2  doub N N 33  
ARG NH1 HH11 sing N N 34  
ARG NH1 HH12 sing N N 35  
ARG NH2 HH21 sing N N 36  
ARG NH2 HH22 sing N N 37  
ARG OXT HXT  sing N N 38  
ASN N   CA   sing N N 39  
ASN N   H    sing N N 40  
ASN N   H2   sing N N 41  
ASN CA  C    sing N N 42  
ASN CA  CB   sing N N 43  
ASN CA  HA   sing N N 44  
ASN C   O    doub N N 45  
ASN C   OXT  sing N N 46  
ASN CB  CG   sing N N 47  
ASN CB  HB2  sing N N 48  
ASN CB  HB3  sing N N 49  
ASN CG  OD1  doub N N 50  
ASN CG  ND2  sing N N 51  
ASN ND2 HD21 sing N N 52  
ASN ND2 HD22 sing N N 53  
ASN OXT HXT  sing N N 54  
ASP N   CA   sing N N 55  
ASP N   H    sing N N 56  
ASP N   H2   sing N N 57  
ASP CA  C    sing N N 58  
ASP CA  CB   sing N N 59  
ASP CA  HA   sing N N 60  
ASP C   O    doub N N 61  
ASP C   OXT  sing N N 62  
ASP CB  CG   sing N N 63  
ASP CB  HB2  sing N N 64  
ASP CB  HB3  sing N N 65  
ASP CG  OD1  doub N N 66  
ASP CG  OD2  sing N N 67  
ASP OD2 HD2  sing N N 68  
ASP OXT HXT  sing N N 69  
GLN N   CA   sing N N 70  
GLN N   H    sing N N 71  
GLN N   H2   sing N N 72  
GLN CA  C    sing N N 73  
GLN CA  CB   sing N N 74  
GLN CA  HA   sing N N 75  
GLN C   O    doub N N 76  
GLN C   OXT  sing N N 77  
GLN CB  CG   sing N N 78  
GLN CB  HB2  sing N N 79  
GLN CB  HB3  sing N N 80  
GLN CG  CD   sing N N 81  
GLN CG  HG2  sing N N 82  
GLN CG  HG3  sing N N 83  
GLN CD  OE1  doub N N 84  
GLN CD  NE2  sing N N 85  
GLN NE2 HE21 sing N N 86  
GLN NE2 HE22 sing N N 87  
GLN OXT HXT  sing N N 88  
GLU N   CA   sing N N 89  
GLU N   H    sing N N 90  
GLU N   H2   sing N N 91  
GLU CA  C    sing N N 92  
GLU CA  CB   sing N N 93  
GLU CA  HA   sing N N 94  
GLU C   O    doub N N 95  
GLU C   OXT  sing N N 96  
GLU CB  CG   sing N N 97  
GLU CB  HB2  sing N N 98  
GLU CB  HB3  sing N N 99  
GLU CG  CD   sing N N 100 
GLU CG  HG2  sing N N 101 
GLU CG  HG3  sing N N 102 
GLU CD  OE1  doub N N 103 
GLU CD  OE2  sing N N 104 
GLU OE2 HE2  sing N N 105 
GLU OXT HXT  sing N N 106 
GLY N   CA   sing N N 107 
GLY N   H    sing N N 108 
GLY N   H2   sing N N 109 
GLY CA  C    sing N N 110 
GLY CA  HA2  sing N N 111 
GLY CA  HA3  sing N N 112 
GLY C   O    doub N N 113 
GLY C   OXT  sing N N 114 
GLY OXT HXT  sing N N 115 
HIS N   CA   sing N N 116 
HIS N   H    sing N N 117 
HIS N   H2   sing N N 118 
HIS CA  C    sing N N 119 
HIS CA  CB   sing N N 120 
HIS CA  HA   sing N N 121 
HIS C   O    doub N N 122 
HIS C   OXT  sing N N 123 
HIS CB  CG   sing N N 124 
HIS CB  HB2  sing N N 125 
HIS CB  HB3  sing N N 126 
HIS CG  ND1  sing Y N 127 
HIS CG  CD2  doub Y N 128 
HIS ND1 CE1  doub Y N 129 
HIS ND1 HD1  sing N N 130 
HIS CD2 NE2  sing Y N 131 
HIS CD2 HD2  sing N N 132 
HIS CE1 NE2  sing Y N 133 
HIS CE1 HE1  sing N N 134 
HIS NE2 HE2  sing N N 135 
HIS OXT HXT  sing N N 136 
HOH O   H1   sing N N 137 
HOH O   H2   sing N N 138 
ILE N   CA   sing N N 139 
ILE N   H    sing N N 140 
ILE N   H2   sing N N 141 
ILE CA  C    sing N N 142 
ILE CA  CB   sing N N 143 
ILE CA  HA   sing N N 144 
ILE C   O    doub N N 145 
ILE C   OXT  sing N N 146 
ILE CB  CG1  sing N N 147 
ILE CB  CG2  sing N N 148 
ILE CB  HB   sing N N 149 
ILE CG1 CD1  sing N N 150 
ILE CG1 HG12 sing N N 151 
ILE CG1 HG13 sing N N 152 
ILE CG2 HG21 sing N N 153 
ILE CG2 HG22 sing N N 154 
ILE CG2 HG23 sing N N 155 
ILE CD1 HD11 sing N N 156 
ILE CD1 HD12 sing N N 157 
ILE CD1 HD13 sing N N 158 
ILE OXT HXT  sing N N 159 
LEU N   CA   sing N N 160 
LEU N   H    sing N N 161 
LEU N   H2   sing N N 162 
LEU CA  C    sing N N 163 
LEU CA  CB   sing N N 164 
LEU CA  HA   sing N N 165 
LEU C   O    doub N N 166 
LEU C   OXT  sing N N 167 
LEU CB  CG   sing N N 168 
LEU CB  HB2  sing N N 169 
LEU CB  HB3  sing N N 170 
LEU CG  CD1  sing N N 171 
LEU CG  CD2  sing N N 172 
LEU CG  HG   sing N N 173 
LEU CD1 HD11 sing N N 174 
LEU CD1 HD12 sing N N 175 
LEU CD1 HD13 sing N N 176 
LEU CD2 HD21 sing N N 177 
LEU CD2 HD22 sing N N 178 
LEU CD2 HD23 sing N N 179 
LEU OXT HXT  sing N N 180 
LYS N   CA   sing N N 181 
LYS N   H    sing N N 182 
LYS N   H2   sing N N 183 
LYS CA  C    sing N N 184 
LYS CA  CB   sing N N 185 
LYS CA  HA   sing N N 186 
LYS C   O    doub N N 187 
LYS C   OXT  sing N N 188 
LYS CB  CG   sing N N 189 
LYS CB  HB2  sing N N 190 
LYS CB  HB3  sing N N 191 
LYS CG  CD   sing N N 192 
LYS CG  HG2  sing N N 193 
LYS CG  HG3  sing N N 194 
LYS CD  CE   sing N N 195 
LYS CD  HD2  sing N N 196 
LYS CD  HD3  sing N N 197 
LYS CE  NZ   sing N N 198 
LYS CE  HE2  sing N N 199 
LYS CE  HE3  sing N N 200 
LYS NZ  HZ1  sing N N 201 
LYS NZ  HZ2  sing N N 202 
LYS NZ  HZ3  sing N N 203 
LYS OXT HXT  sing N N 204 
MET N   CA   sing N N 205 
MET N   H    sing N N 206 
MET N   H2   sing N N 207 
MET CA  C    sing N N 208 
MET CA  CB   sing N N 209 
MET CA  HA   sing N N 210 
MET C   O    doub N N 211 
MET C   OXT  sing N N 212 
MET CB  CG   sing N N 213 
MET CB  HB2  sing N N 214 
MET CB  HB3  sing N N 215 
MET CG  SD   sing N N 216 
MET CG  HG2  sing N N 217 
MET CG  HG3  sing N N 218 
MET SD  CE   sing N N 219 
MET CE  HE1  sing N N 220 
MET CE  HE2  sing N N 221 
MET CE  HE3  sing N N 222 
MET OXT HXT  sing N N 223 
OLA C1  O1   doub N N 224 
OLA C1  O2   sing N N 225 
OLA C1  C2   sing N N 226 
OLA O2  HO2  sing N N 227 
OLA C2  C3   sing N N 228 
OLA C2  H21  sing N N 229 
OLA C2  H22  sing N N 230 
OLA C3  C4   sing N N 231 
OLA C3  H31  sing N N 232 
OLA C3  H32  sing N N 233 
OLA C4  C5   sing N N 234 
OLA C4  H41  sing N N 235 
OLA C4  H42  sing N N 236 
OLA C5  C6   sing N N 237 
OLA C5  H51  sing N N 238 
OLA C5  H52  sing N N 239 
OLA C6  C7   sing N N 240 
OLA C6  H61  sing N N 241 
OLA C6  H62  sing N N 242 
OLA C7  C8   sing N N 243 
OLA C7  H71  sing N N 244 
OLA C7  H72  sing N N 245 
OLA C8  C9   sing N N 246 
OLA C8  H81  sing N N 247 
OLA C8  H82  sing N N 248 
OLA C9  C10  doub N Z 249 
OLA C9  H9   sing N N 250 
OLA C10 C11  sing N N 251 
OLA C10 H10  sing N N 252 
OLA C11 C12  sing N N 253 
OLA C11 H111 sing N N 254 
OLA C11 H112 sing N N 255 
OLA C12 C13  sing N N 256 
OLA C12 H121 sing N N 257 
OLA C12 H122 sing N N 258 
OLA C13 C14  sing N N 259 
OLA C13 H131 sing N N 260 
OLA C13 H132 sing N N 261 
OLA C14 C15  sing N N 262 
OLA C14 H141 sing N N 263 
OLA C14 H142 sing N N 264 
OLA C15 C16  sing N N 265 
OLA C15 H151 sing N N 266 
OLA C15 H152 sing N N 267 
OLA C16 C17  sing N N 268 
OLA C16 H161 sing N N 269 
OLA C16 H162 sing N N 270 
OLA C17 C18  sing N N 271 
OLA C17 H171 sing N N 272 
OLA C17 H172 sing N N 273 
OLA C18 H181 sing N N 274 
OLA C18 H182 sing N N 275 
OLA C18 H183 sing N N 276 
PHE N   CA   sing N N 277 
PHE N   H    sing N N 278 
PHE N   H2   sing N N 279 
PHE CA  C    sing N N 280 
PHE CA  CB   sing N N 281 
PHE CA  HA   sing N N 282 
PHE C   O    doub N N 283 
PHE C   OXT  sing N N 284 
PHE CB  CG   sing N N 285 
PHE CB  HB2  sing N N 286 
PHE CB  HB3  sing N N 287 
PHE CG  CD1  doub Y N 288 
PHE CG  CD2  sing Y N 289 
PHE CD1 CE1  sing Y N 290 
PHE CD1 HD1  sing N N 291 
PHE CD2 CE2  doub Y N 292 
PHE CD2 HD2  sing N N 293 
PHE CE1 CZ   doub Y N 294 
PHE CE1 HE1  sing N N 295 
PHE CE2 CZ   sing Y N 296 
PHE CE2 HE2  sing N N 297 
PHE CZ  HZ   sing N N 298 
PHE OXT HXT  sing N N 299 
SER N   CA   sing N N 300 
SER N   H    sing N N 301 
SER N   H2   sing N N 302 
SER CA  C    sing N N 303 
SER CA  CB   sing N N 304 
SER CA  HA   sing N N 305 
SER C   O    doub N N 306 
SER C   OXT  sing N N 307 
SER CB  OG   sing N N 308 
SER CB  HB2  sing N N 309 
SER CB  HB3  sing N N 310 
SER OG  HG   sing N N 311 
SER OXT HXT  sing N N 312 
THR N   CA   sing N N 313 
THR N   H    sing N N 314 
THR N   H2   sing N N 315 
THR CA  C    sing N N 316 
THR CA  CB   sing N N 317 
THR CA  HA   sing N N 318 
THR C   O    doub N N 319 
THR C   OXT  sing N N 320 
THR CB  OG1  sing N N 321 
THR CB  CG2  sing N N 322 
THR CB  HB   sing N N 323 
THR OG1 HG1  sing N N 324 
THR CG2 HG21 sing N N 325 
THR CG2 HG22 sing N N 326 
THR CG2 HG23 sing N N 327 
THR OXT HXT  sing N N 328 
TRP N   CA   sing N N 329 
TRP N   H    sing N N 330 
TRP N   H2   sing N N 331 
TRP CA  C    sing N N 332 
TRP CA  CB   sing N N 333 
TRP CA  HA   sing N N 334 
TRP C   O    doub N N 335 
TRP C   OXT  sing N N 336 
TRP CB  CG   sing N N 337 
TRP CB  HB2  sing N N 338 
TRP CB  HB3  sing N N 339 
TRP CG  CD1  doub Y N 340 
TRP CG  CD2  sing Y N 341 
TRP CD1 NE1  sing Y N 342 
TRP CD1 HD1  sing N N 343 
TRP CD2 CE2  doub Y N 344 
TRP CD2 CE3  sing Y N 345 
TRP NE1 CE2  sing Y N 346 
TRP NE1 HE1  sing N N 347 
TRP CE2 CZ2  sing Y N 348 
TRP CE3 CZ3  doub Y N 349 
TRP CE3 HE3  sing N N 350 
TRP CZ2 CH2  doub Y N 351 
TRP CZ2 HZ2  sing N N 352 
TRP CZ3 CH2  sing Y N 353 
TRP CZ3 HZ3  sing N N 354 
TRP CH2 HH2  sing N N 355 
TRP OXT HXT  sing N N 356 
TYR N   CA   sing N N 357 
TYR N   H    sing N N 358 
TYR N   H2   sing N N 359 
TYR CA  C    sing N N 360 
TYR CA  CB   sing N N 361 
TYR CA  HA   sing N N 362 
TYR C   O    doub N N 363 
TYR C   OXT  sing N N 364 
TYR CB  CG   sing N N 365 
TYR CB  HB2  sing N N 366 
TYR CB  HB3  sing N N 367 
TYR CG  CD1  doub Y N 368 
TYR CG  CD2  sing Y N 369 
TYR CD1 CE1  sing Y N 370 
TYR CD1 HD1  sing N N 371 
TYR CD2 CE2  doub Y N 372 
TYR CD2 HD2  sing N N 373 
TYR CE1 CZ   doub Y N 374 
TYR CE1 HE1  sing N N 375 
TYR CE2 CZ   sing Y N 376 
TYR CE2 HE2  sing N N 377 
TYR CZ  OH   sing N N 378 
TYR OH  HH   sing N N 379 
TYR OXT HXT  sing N N 380 
VAL N   CA   sing N N 381 
VAL N   H    sing N N 382 
VAL N   H2   sing N N 383 
VAL CA  C    sing N N 384 
VAL CA  CB   sing N N 385 
VAL CA  HA   sing N N 386 
VAL C   O    doub N N 387 
VAL C   OXT  sing N N 388 
VAL CB  CG1  sing N N 389 
VAL CB  CG2  sing N N 390 
VAL CB  HB   sing N N 391 
VAL CG1 HG11 sing N N 392 
VAL CG1 HG12 sing N N 393 
VAL CG1 HG13 sing N N 394 
VAL CG2 HG21 sing N N 395 
VAL CG2 HG22 sing N N 396 
VAL CG2 HG23 sing N N 397 
VAL OXT HXT  sing N N 398 
# 
_atom_sites.entry_id                    1ICN 
_atom_sites.fract_transf_matrix[1][1]   0.00679402 
_atom_sites.fract_transf_matrix[1][2]   0.02272020 
_atom_sites.fract_transf_matrix[1][3]   0.01477251 
_atom_sites.fract_transf_matrix[2][1]   -0.00178403 
_atom_sites.fract_transf_matrix[2][2]   0.01090176 
_atom_sites.fract_transf_matrix[2][3]   -0.01594648 
_atom_sites.fract_transf_matrix[3][1]   -0.03060015 
_atom_sites.fract_transf_matrix[3][2]   0.00587816 
_atom_sites.fract_transf_matrix[3][3]   0.00744201 
_atom_sites.fract_transf_vector[1]      0.260131 
_atom_sites.fract_transf_vector[2]      -0.006394 
_atom_sites.fract_transf_vector[3]      0.266194 
# 
loop_
_atom_type.symbol 
C 
N 
O 
S 
# 
loop_
_atom_site.group_PDB 
_atom_site.id 
_atom_site.type_symbol 
_atom_site.label_atom_id 
_atom_site.label_alt_id 
_atom_site.label_comp_id 
_atom_site.label_asym_id 
_atom_site.label_entity_id 
_atom_site.label_seq_id 
_atom_site.pdbx_PDB_ins_code 
_atom_site.Cartn_x 
_atom_site.Cartn_y 
_atom_site.Cartn_z 
_atom_site.occupancy 
_atom_site.B_iso_or_equiv 
_atom_site.pdbx_formal_charge 
_atom_site.auth_seq_id 
_atom_site.auth_comp_id 
_atom_site.auth_asym_id 
_atom_site.auth_atom_id 
_atom_site.pdbx_PDB_model_num 
ATOM   1    N N   . ALA A 1 1   ? -5.867  -16.175 -4.871  1.00 58.58 ? 1   ALA A N   1 
ATOM   2    C CA  . ALA A 1 1   ? -5.009  -15.249 -4.145  1.00 53.64 ? 1   ALA A CA  1 
ATOM   3    C C   . ALA A 1 1   ? -5.143  -13.821 -4.641  1.00 43.37 ? 1   ALA A C   1 
ATOM   4    O O   . ALA A 1 1   ? -6.177  -13.364 -5.127  1.00 46.82 ? 1   ALA A O   1 
ATOM   5    C CB  . ALA A 1 1   ? -3.535  -15.639 -4.157  1.00 55.69 ? 1   ALA A CB  1 
ATOM   6    N N   . PHE A 1 2   ? -4.035  -13.126 -4.515  1.00 32.44 ? 2   PHE A N   1 
ATOM   7    C CA  . PHE A 1 2   ? -4.008  -11.738 -4.910  1.00 21.78 ? 2   PHE A CA  1 
ATOM   8    C C   . PHE A 1 2   ? -3.731  -11.562 -6.383  1.00 16.81 ? 2   PHE A C   1 
ATOM   9    O O   . PHE A 1 2   ? -3.644  -10.456 -6.859  1.00 21.75 ? 2   PHE A O   1 
ATOM   10   C CB  . PHE A 1 2   ? -2.869  -11.164 -4.094  1.00 18.23 ? 2   PHE A CB  1 
ATOM   11   C CG  . PHE A 1 2   ? -3.158  -11.278 -2.622  1.00 20.60 ? 2   PHE A CG  1 
ATOM   12   C CD1 . PHE A 1 2   ? -4.004  -10.369 -2.000  1.00 24.15 ? 2   PHE A CD1 1 
ATOM   13   C CD2 . PHE A 1 2   ? -2.573  -12.266 -1.832  1.00 24.28 ? 2   PHE A CD2 1 
ATOM   14   C CE1 . PHE A 1 2   ? -4.269  -10.427 -0.637  1.00 26.26 ? 2   PHE A CE1 1 
ATOM   15   C CE2 . PHE A 1 2   ? -2.836  -12.351 -0.463  1.00 23.68 ? 2   PHE A CE2 1 
ATOM   16   C CZ  . PHE A 1 2   ? -3.696  -11.432 0.136   1.00 22.52 ? 2   PHE A CZ  1 
ATOM   17   N N   . ASP A 1 3   ? -3.479  -12.618 -7.121  1.00 14.88 ? 3   ASP A N   1 
ATOM   18   C CA  . ASP A 1 3   ? -3.139  -12.483 -8.515  1.00 16.38 ? 3   ASP A CA  1 
ATOM   19   C C   . ASP A 1 3   ? -4.082  -11.670 -9.353  1.00 18.17 ? 3   ASP A C   1 
ATOM   20   O O   . ASP A 1 3   ? -5.264  -11.894 -9.330  1.00 23.68 ? 3   ASP A O   1 
ATOM   21   C CB  . ASP A 1 3   ? -3.159  -13.860 -9.216  1.00 22.53 ? 3   ASP A CB  1 
ATOM   22   C CG  . ASP A 1 3   ? -2.494  -14.891 -8.358  1.00 29.84 ? 3   ASP A CG  1 
ATOM   23   O OD1 . ASP A 1 3   ? -1.275  -15.010 -8.288  1.00 34.00 ? 3   ASP A OD1 1 
ATOM   24   O OD2 . ASP A 1 3   ? -3.368  -15.578 -7.671  1.00 26.25 ? 3   ASP A OD2 1 
ATOM   25   N N   . GLY A 1 4   ? -3.594  -10.803 -10.219 1.00 14.49 ? 4   GLY A N   1 
ATOM   26   C CA  . GLY A 1 4   ? -4.539  -10.103 -11.071 1.00 17.15 ? 4   GLY A CA  1 
ATOM   27   C C   . GLY A 1 4   ? -4.330  -8.596  -11.068 1.00 15.64 ? 4   GLY A C   1 
ATOM   28   O O   . GLY A 1 4   ? -3.381  -8.120  -10.428 1.00 13.52 ? 4   GLY A O   1 
ATOM   29   N N   . THR A 1 5   ? -5.226  -7.910  -11.771 1.00 9.78  ? 5   THR A N   1 
ATOM   30   C CA  . THR A 1 5   ? -5.198  -6.465  -11.860 1.00 10.40 ? 5   THR A CA  1 
ATOM   31   C C   . THR A 1 5   ? -6.313  -5.885  -11.030 1.00 11.58 ? 5   THR A C   1 
ATOM   32   O O   . THR A 1 5   ? -7.423  -6.409  -11.107 1.00 14.01 ? 5   THR A O   1 
ATOM   33   C CB  . THR A 1 5   ? -5.201  -5.996  -13.325 1.00 14.45 ? 5   THR A CB  1 
ATOM   34   O OG1 . THR A 1 5   ? -4.028  -6.569  -13.911 1.00 16.81 ? 5   THR A OG1 1 
ATOM   35   C CG2 . THR A 1 5   ? -5.172  -4.466  -13.330 1.00 12.84 ? 5   THR A CG2 1 
ATOM   36   N N   . TRP A 1 6   ? -5.985  -4.952  -10.172 1.00 12.05 ? 6   TRP A N   1 
ATOM   37   C CA  . TRP A 1 6   ? -6.901  -4.400  -9.191  1.00 12.42 ? 6   TRP A CA  1 
ATOM   38   C C   . TRP A 1 6   ? -6.923  -2.900  -9.335  1.00 16.10 ? 6   TRP A C   1 
ATOM   39   O O   . TRP A 1 6   ? -5.865  -2.269  -9.424  1.00 19.23 ? 6   TRP A O   1 
ATOM   40   C CB  . TRP A 1 6   ? -6.334  -4.727  -7.784  1.00 7.60  ? 6   TRP A CB  1 
ATOM   41   C CG  . TRP A 1 6   ? -6.248  -6.210  -7.479  1.00 14.67 ? 6   TRP A CG  1 
ATOM   42   C CD1 . TRP A 1 6   ? -5.183  -7.031  -7.720  1.00 16.08 ? 6   TRP A CD1 1 
ATOM   43   C CD2 . TRP A 1 6   ? -7.299  -7.083  -6.961  1.00 14.38 ? 6   TRP A CD2 1 
ATOM   44   N NE1 . TRP A 1 6   ? -5.472  -8.338  -7.365  1.00 14.46 ? 6   TRP A NE1 1 
ATOM   45   C CE2 . TRP A 1 6   ? -6.748  -8.386  -6.847  1.00 15.93 ? 6   TRP A CE2 1 
ATOM   46   C CE3 . TRP A 1 6   ? -8.645  -6.856  -6.574  1.00 11.85 ? 6   TRP A CE3 1 
ATOM   47   C CZ2 . TRP A 1 6   ? -7.517  -9.465  -6.364  1.00 17.98 ? 6   TRP A CZ2 1 
ATOM   48   C CZ3 . TRP A 1 6   ? -9.400  -7.918  -6.068  1.00 13.67 ? 6   TRP A CZ3 1 
ATOM   49   C CH2 . TRP A 1 6   ? -8.835  -9.210  -5.979  1.00 16.09 ? 6   TRP A CH2 1 
ATOM   50   N N   . LYS A 1 7   ? -8.095  -2.294  -9.260  1.00 13.37 ? 7   LYS A N   1 
ATOM   51   C CA  . LYS A 1 7   ? -8.198  -0.866  -9.440  1.00 11.44 ? 7   LYS A CA  1 
ATOM   52   C C   . LYS A 1 7   ? -8.911  -0.258  -8.260  1.00 13.01 ? 7   LYS A C   1 
ATOM   53   O O   . LYS A 1 7   ? -9.942  -0.753  -7.762  1.00 14.96 ? 7   LYS A O   1 
ATOM   54   C CB  . LYS A 1 7   ? -9.034  -0.711  -10.675 1.00 17.04 ? 7   LYS A CB  1 
ATOM   55   C CG  . LYS A 1 7   ? -9.066  0.736   -11.106 1.00 33.52 ? 7   LYS A CG  1 
ATOM   56   C CD  . LYS A 1 7   ? -7.664  1.253   -11.361 1.00 42.58 ? 7   LYS A CD  1 
ATOM   57   C CE  . LYS A 1 7   ? -7.636  2.741   -11.645 1.00 44.89 ? 7   LYS A CE  1 
ATOM   58   N NZ  . LYS A 1 7   ? -8.085  3.070   -13.013 1.00 48.45 ? 7   LYS A NZ  1 
ATOM   59   N N   . VAL A 1 8   ? -8.355  0.799   -7.731  1.00 11.92 ? 8   VAL A N   1 
ATOM   60   C CA  . VAL A 1 8   ? -8.967  1.342   -6.526  1.00 11.34 ? 8   VAL A CA  1 
ATOM   61   C C   . VAL A 1 8   ? -10.379 1.796   -6.791  1.00 20.75 ? 8   VAL A C   1 
ATOM   62   O O   . VAL A 1 8   ? -10.635 2.427   -7.818  1.00 15.76 ? 8   VAL A O   1 
ATOM   63   C CB  . VAL A 1 8   ? -8.129  2.416   -5.862  1.00 13.05 ? 8   VAL A CB  1 
ATOM   64   C CG1 . VAL A 1 8   ? -8.113  3.665   -6.727  1.00 14.82 ? 8   VAL A CG1 1 
ATOM   65   C CG2 . VAL A 1 8   ? -8.678  2.713   -4.474  1.00 16.44 ? 8   VAL A CG2 1 
ATOM   66   N N   . ASP A 1 9   ? -11.280 1.423   -5.862  1.00 23.17 ? 9   ASP A N   1 
ATOM   67   C CA  . ASP A 1 9   ? -12.702 1.755   -5.883  1.00 18.67 ? 9   ASP A CA  1 
ATOM   68   C C   . ASP A 1 9   ? -13.100 2.837   -4.879  1.00 19.04 ? 9   ASP A C   1 
ATOM   69   O O   . ASP A 1 9   ? -13.658 3.878   -5.215  1.00 18.67 ? 9   ASP A O   1 
ATOM   70   C CB  . ASP A 1 9   ? -13.509 0.480   -5.655  1.00 19.80 ? 9   ASP A CB  1 
ATOM   71   C CG  . ASP A 1 9   ? -14.971 0.837   -5.673  1.00 25.12 ? 9   ASP A CG  1 
ATOM   72   O OD1 . ASP A 1 9   ? -15.320 1.509   -6.737  1.00 28.42 ? 9   ASP A OD1 1 
ATOM   73   O OD2 . ASP A 1 9   ? -15.708 0.529   -4.779  1.00 21.48 ? 9   ASP A OD2 1 
ATOM   74   N N   . ARG A 1 10  ? -12.720 2.682   -3.624  1.00 12.25 ? 10  ARG A N   1 
ATOM   75   C CA  . ARG A 1 10  ? -13.068 3.693   -2.655  1.00 10.37 ? 10  ARG A CA  1 
ATOM   76   C C   . ARG A 1 10  ? -12.073 3.674   -1.494  1.00 12.55 ? 10  ARG A C   1 
ATOM   77   O O   . ARG A 1 10  ? -11.369 2.685   -1.271  1.00 12.93 ? 10  ARG A O   1 
ATOM   78   C CB  . ARG A 1 10  ? -14.458 3.421   -2.127  1.00 17.03 ? 10  ARG A CB  1 
ATOM   79   C CG  . ARG A 1 10  ? -14.667 2.010   -1.588  1.00 14.04 ? 10  ARG A CG  1 
ATOM   80   C CD  . ARG A 1 10  ? -16.108 1.574   -1.311  1.00 15.02 ? 10  ARG A CD  1 
ATOM   81   N NE  . ARG A 1 10  ? -16.160 0.358   -0.525  1.00 13.30 ? 10  ARG A NE  1 
ATOM   82   C CZ  . ARG A 1 10  ? -16.089 -0.853  -1.086  1.00 13.56 ? 10  ARG A CZ  1 
ATOM   83   N NH1 . ARG A 1 10  ? -16.066 -1.033  -2.396  1.00 16.58 ? 10  ARG A NH1 1 
ATOM   84   N NH2 . ARG A 1 10  ? -16.107 -1.949  -0.352  1.00 16.93 ? 10  ARG A NH2 1 
ATOM   85   N N   . ASN A 1 11  ? -12.133 4.736   -0.723  1.00 10.35 ? 11  ASN A N   1 
ATOM   86   C CA  . ASN A 1 11  ? -11.234 4.909   0.418   1.00 11.06 ? 11  ASN A CA  1 
ATOM   87   C C   . ASN A 1 11  ? -11.969 5.129   1.722   1.00 15.85 ? 11  ASN A C   1 
ATOM   88   O O   . ASN A 1 11  ? -13.059 5.672   1.701   1.00 17.73 ? 11  ASN A O   1 
ATOM   89   C CB  . ASN A 1 11  ? -10.407 6.208   0.265   1.00 14.67 ? 11  ASN A CB  1 
ATOM   90   C CG  . ASN A 1 11  ? -9.729  6.321   -1.093  1.00 20.42 ? 11  ASN A CG  1 
ATOM   91   O OD1 . ASN A 1 11  ? -9.115  5.385   -1.607  1.00 21.05 ? 11  ASN A OD1 1 
ATOM   92   N ND2 . ASN A 1 11  ? -9.803  7.489   -1.691  1.00 24.00 ? 11  ASN A ND2 1 
ATOM   93   N N   . GLU A 1 12  ? -11.335 4.896   2.859   1.00 11.54 ? 12  GLU A N   1 
ATOM   94   C CA  . GLU A 1 12  ? -11.960 5.214   4.113   1.00 13.34 ? 12  GLU A CA  1 
ATOM   95   C C   . GLU A 1 12  ? -10.946 5.924   4.979   1.00 12.24 ? 12  GLU A C   1 
ATOM   96   O O   . GLU A 1 12  ? -9.913  5.347   5.247   1.00 13.50 ? 12  GLU A O   1 
ATOM   97   C CB  . GLU A 1 12  ? -12.538 3.982   4.858   1.00 18.03 ? 12  GLU A CB  1 
ATOM   98   C CG  . GLU A 1 12  ? -13.663 3.275   4.081   1.00 19.55 ? 12  GLU A CG  1 
ATOM   99   C CD  . GLU A 1 12  ? -14.260 2.073   4.768   1.00 27.79 ? 12  GLU A CD  1 
ATOM   100  O OE1 . GLU A 1 12  ? -13.915 1.989   6.039   1.00 26.83 ? 12  GLU A OE1 1 
ATOM   101  O OE2 . GLU A 1 12  ? -14.992 1.285   4.179   1.00 31.35 ? 12  GLU A OE2 1 
ATOM   102  N N   . ASN A 1 13  ? -11.221 7.148   5.408   1.00 7.81  ? 13  ASN A N   1 
ATOM   103  C CA  . ASN A 1 13  ? -10.340 7.907   6.279   1.00 10.86 ? 13  ASN A CA  1 
ATOM   104  C C   . ASN A 1 13  ? -8.967  8.214   5.703   1.00 12.51 ? 13  ASN A C   1 
ATOM   105  O O   . ASN A 1 13  ? -7.991  8.484   6.411   1.00 10.86 ? 13  ASN A O   1 
ATOM   106  C CB  . ASN A 1 13  ? -10.214 7.166   7.653   1.00 15.34 ? 13  ASN A CB  1 
ATOM   107  C CG  . ASN A 1 13  ? -9.945  8.164   8.762   1.00 22.92 ? 13  ASN A CG  1 
ATOM   108  O OD1 . ASN A 1 13  ? -10.435 9.313   8.688   1.00 22.15 ? 13  ASN A OD1 1 
ATOM   109  N ND2 . ASN A 1 13  ? -9.130  7.768   9.768   1.00 24.43 ? 13  ASN A ND2 1 
ATOM   110  N N   . TYR A 1 14  ? -8.855  8.122   4.379   1.00 12.70 ? 14  TYR A N   1 
ATOM   111  C CA  . TYR A 1 14  ? -7.566  8.292   3.756   1.00 12.62 ? 14  TYR A CA  1 
ATOM   112  C C   . TYR A 1 14  ? -6.994  9.697   3.843   1.00 15.92 ? 14  TYR A C   1 
ATOM   113  O O   . TYR A 1 14  ? -5.769  9.871   4.039   1.00 12.14 ? 14  TYR A O   1 
ATOM   114  C CB  . TYR A 1 14  ? -7.667  7.751   2.331   1.00 12.00 ? 14  TYR A CB  1 
ATOM   115  C CG  . TYR A 1 14  ? -6.338  7.625   1.632   1.00 12.77 ? 14  TYR A CG  1 
ATOM   116  C CD1 . TYR A 1 14  ? -5.246  6.995   2.239   1.00 14.95 ? 14  TYR A CD1 1 
ATOM   117  C CD2 . TYR A 1 14  ? -6.237  8.018   0.296   1.00 11.63 ? 14  TYR A CD2 1 
ATOM   118  C CE1 . TYR A 1 14  ? -4.065  6.776   1.518   1.00 18.24 ? 14  TYR A CE1 1 
ATOM   119  C CE2 . TYR A 1 14  ? -5.069  7.806   -0.442  1.00 14.65 ? 14  TYR A CE2 1 
ATOM   120  C CZ  . TYR A 1 14  ? -3.968  7.212   0.188   1.00 18.78 ? 14  TYR A CZ  1 
ATOM   121  O OH  . TYR A 1 14  ? -2.805  7.008   -0.514  1.00 16.04 ? 14  TYR A OH  1 
ATOM   122  N N   . GLU A 1 15  ? -7.841  10.734  3.694   1.00 11.35 ? 15  GLU A N   1 
ATOM   123  C CA  . GLU A 1 15  ? -7.244  12.039  3.786   1.00 13.56 ? 15  GLU A CA  1 
ATOM   124  C C   . GLU A 1 15  ? -6.718  12.305  5.175   1.00 16.24 ? 15  GLU A C   1 
ATOM   125  O O   . GLU A 1 15  ? -5.718  12.994  5.340   1.00 15.01 ? 15  GLU A O   1 
ATOM   126  C CB  . GLU A 1 15  ? -8.106  13.255  3.390   1.00 17.12 ? 15  GLU A CB  1 
ATOM   127  C CG  . GLU A 1 15  ? -8.454  13.199  1.910   1.00 22.38 ? 15  GLU A CG  1 
ATOM   128  C CD  . GLU A 1 15  ? -9.324  14.373  1.575   1.00 26.37 ? 15  GLU A CD  1 
ATOM   129  O OE1 . GLU A 1 15  ? -9.187  15.411  2.189   1.00 29.97 ? 15  GLU A OE1 1 
ATOM   130  O OE2 . GLU A 1 15  ? -10.198 14.104  0.624   1.00 25.55 ? 15  GLU A OE2 1 
ATOM   131  N N   . LYS A 1 16  ? -7.399  11.824  6.221   1.00 15.86 ? 16  LYS A N   1 
ATOM   132  C CA  . LYS A 1 16  ? -6.887  12.069  7.579   1.00 14.38 ? 16  LYS A CA  1 
ATOM   133  C C   . LYS A 1 16  ? -5.557  11.334  7.787   1.00 17.68 ? 16  LYS A C   1 
ATOM   134  O O   . LYS A 1 16  ? -4.700  11.817  8.536   1.00 15.34 ? 16  LYS A O   1 
ATOM   135  C CB  . LYS A 1 16  ? -7.858  11.497  8.613   1.00 24.50 ? 16  LYS A CB  1 
ATOM   136  C CG  . LYS A 1 16  ? -8.876  12.496  9.116   1.00 35.89 ? 16  LYS A CG  1 
ATOM   137  C CD  . LYS A 1 16  ? -8.214  13.463  10.079  1.00 48.49 ? 16  LYS A CD  1 
ATOM   138  C CE  . LYS A 1 16  ? -9.122  14.601  10.513  1.00 57.18 ? 16  LYS A CE  1 
ATOM   139  N NZ  . LYS A 1 16  ? -8.374  15.801  10.949  1.00 62.39 ? 16  LYS A NZ  1 
ATOM   140  N N   . PHE A 1 17  ? -5.395  10.163  7.143   1.00 12.90 ? 17  PHE A N   1 
ATOM   141  C CA  . PHE A 1 17  ? -4.178  9.373   7.270   1.00 10.45 ? 17  PHE A CA  1 
ATOM   142  C C   . PHE A 1 17  ? -3.051  10.135  6.568   1.00 15.54 ? 17  PHE A C   1 
ATOM   143  O O   . PHE A 1 17  ? -1.961  10.296  7.132   1.00 14.43 ? 17  PHE A O   1 
ATOM   144  C CB  . PHE A 1 17  ? -4.396  7.984   6.684   1.00 10.44 ? 17  PHE A CB  1 
ATOM   145  C CG  . PHE A 1 17  ? -3.156  7.130   6.682   1.00 15.33 ? 17  PHE A CG  1 
ATOM   146  C CD1 . PHE A 1 17  ? -2.258  7.161   5.606   1.00 14.36 ? 17  PHE A CD1 1 
ATOM   147  C CD2 . PHE A 1 17  ? -2.913  6.303   7.782   1.00 19.76 ? 17  PHE A CD2 1 
ATOM   148  C CE1 . PHE A 1 17  ? -1.138  6.324   5.605   1.00 17.41 ? 17  PHE A CE1 1 
ATOM   149  C CE2 . PHE A 1 17  ? -1.794  5.466   7.795   1.00 20.90 ? 17  PHE A CE2 1 
ATOM   150  C CZ  . PHE A 1 17  ? -0.909  5.502   6.710   1.00 17.93 ? 17  PHE A CZ  1 
ATOM   151  N N   . MET A 1 18  ? -3.348  10.697  5.387   1.00 14.36 ? 18  MET A N   1 
ATOM   152  C CA  . MET A 1 18  ? -2.362  11.505  4.680   1.00 9.96  ? 18  MET A CA  1 
ATOM   153  C C   . MET A 1 18  ? -1.940  12.743  5.423   1.00 14.52 ? 18  MET A C   1 
ATOM   154  O O   . MET A 1 18  ? -0.774  13.108  5.449   1.00 15.36 ? 18  MET A O   1 
ATOM   155  C CB  . MET A 1 18  ? -2.861  11.845  3.295   1.00 10.72 ? 18  MET A CB  1 
ATOM   156  C CG  . MET A 1 18  ? -2.819  10.611  2.440   1.00 12.36 ? 18  MET A CG  1 
ATOM   157  S SD  . MET A 1 18  ? -3.120  11.041  0.705   1.00 16.86 ? 18  MET A SD  1 
ATOM   158  C CE  . MET A 1 18  ? -4.928  11.174  0.621   1.00 17.28 ? 18  MET A CE  1 
ATOM   159  N N   . GLU A 1 19  ? -2.884  13.389  6.096   1.00 11.05 ? 19  GLU A N   1 
ATOM   160  C CA  . GLU A 1 19  ? -2.574  14.567  6.898   1.00 11.80 ? 19  GLU A CA  1 
ATOM   161  C C   . GLU A 1 19  ? -1.610  14.216  8.036   1.00 17.80 ? 19  GLU A C   1 
ATOM   162  O O   . GLU A 1 19  ? -0.675  14.957  8.294   1.00 16.05 ? 19  GLU A O   1 
ATOM   163  C CB  . GLU A 1 19  ? -3.903  15.045  7.517   1.00 13.98 ? 19  GLU A CB  1 
ATOM   164  C CG  . GLU A 1 19  ? -3.756  16.181  8.553   1.00 24.92 ? 19  GLU A CG  1 
ATOM   165  C CD  . GLU A 1 19  ? -5.117  16.499  9.142   1.00 35.90 ? 19  GLU A CD  1 
ATOM   166  O OE1 . GLU A 1 19  ? -6.049  16.949  8.501   1.00 33.91 ? 19  GLU A OE1 1 
ATOM   167  O OE2 . GLU A 1 19  ? -5.238  16.157  10.408  1.00 45.81 ? 19  GLU A OE2 1 
ATOM   168  N N   . LYS A 1 20  ? -1.835  13.095  8.719   1.00 15.10 ? 20  LYS A N   1 
ATOM   169  C CA  . LYS A 1 20  ? -0.942  12.658  9.793   1.00 16.22 ? 20  LYS A CA  1 
ATOM   170  C C   . LYS A 1 20  ? 0.478   12.395  9.280   1.00 19.99 ? 20  LYS A C   1 
ATOM   171  O O   . LYS A 1 20  ? 1.460   12.683  9.963   1.00 17.74 ? 20  LYS A O   1 
ATOM   172  C CB  . LYS A 1 20  ? -1.512  11.327  10.289  1.00 18.37 ? 20  LYS A CB  1 
ATOM   173  C CG  . LYS A 1 20  ? -1.011  10.907  11.658  1.00 20.91 ? 20  LYS A CG  1 
ATOM   174  C CD  . LYS A 1 20  ? -1.591  11.795  12.738  1.00 28.78 ? 20  LYS A CD  1 
ATOM   175  C CE  . LYS A 1 20  ? -0.946  11.577  14.097  1.00 36.95 ? 20  LYS A CE  1 
ATOM   176  N NZ  . LYS A 1 20  ? -1.632  12.327  15.156  1.00 39.17 ? 20  LYS A NZ  1 
ATOM   177  N N   . MET A 1 21  ? 0.574   11.839  8.060   1.00 14.17 ? 21  MET A N   1 
ATOM   178  C CA  . MET A 1 21  ? 1.809   11.560  7.381   1.00 13.75 ? 21  MET A CA  1 
ATOM   179  C C   . MET A 1 21  ? 2.536   12.847  7.031   1.00 21.21 ? 21  MET A C   1 
ATOM   180  O O   . MET A 1 21  ? 3.747   12.813  6.849   1.00 23.80 ? 21  MET A O   1 
ATOM   181  C CB  . MET A 1 21  ? 1.540   10.686  6.168   1.00 15.92 ? 21  MET A CB  1 
ATOM   182  C CG  . MET A 1 21  ? 1.225   9.284   6.668   1.00 15.66 ? 21  MET A CG  1 
ATOM   183  S SD  . MET A 1 21  ? 2.696   8.233   7.033   1.00 22.50 ? 21  MET A SD  1 
ATOM   184  C CE  . MET A 1 21  ? 3.272   7.960   5.327   1.00 21.62 ? 21  MET A CE  1 
ATOM   185  N N   . GLY A 1 22  ? 1.809   13.963  7.042   1.00 19.86 ? 22  GLY A N   1 
ATOM   186  C CA  . GLY A 1 22  ? 2.314   15.301  6.796   1.00 19.54 ? 22  GLY A CA  1 
ATOM   187  C C   . GLY A 1 22  ? 2.102   15.824  5.378   1.00 24.03 ? 22  GLY A C   1 
ATOM   188  O O   . GLY A 1 22  ? 2.739   16.798  4.956   1.00 28.26 ? 22  GLY A O   1 
ATOM   189  N N   . ILE A 1 23  ? 1.198   15.213  4.628   1.00 17.19 ? 23  ILE A N   1 
ATOM   190  C CA  . ILE A 1 23  ? 0.956   15.633  3.249   1.00 18.23 ? 23  ILE A CA  1 
ATOM   191  C C   . ILE A 1 23  ? 0.093   16.849  3.231   1.00 19.00 ? 23  ILE A C   1 
ATOM   192  O O   . ILE A 1 23  ? -0.857  16.906  3.978   1.00 19.98 ? 23  ILE A O   1 
ATOM   193  C CB  . ILE A 1 23  ? 0.322   14.481  2.508   1.00 14.39 ? 23  ILE A CB  1 
ATOM   194  C CG1 . ILE A 1 23  ? 1.400   13.414  2.511   1.00 15.23 ? 23  ILE A CG1 1 
ATOM   195  C CG2 . ILE A 1 23  ? 0.021   14.938  1.092   1.00 15.50 ? 23  ILE A CG2 1 
ATOM   196  C CD1 . ILE A 1 23  ? 0.871   12.100  1.980   1.00 21.92 ? 23  ILE A CD1 1 
ATOM   197  N N   . ASN A 1 24  ? 0.421   17.824  2.393   1.00 17.70 ? 24  ASN A N   1 
ATOM   198  C CA  . ASN A 1 24  ? -0.320  19.076  2.391   1.00 17.24 ? 24  ASN A CA  1 
ATOM   199  C C   . ASN A 1 24  ? -1.716  18.917  1.855   1.00 17.26 ? 24  ASN A C   1 
ATOM   200  O O   . ASN A 1 24  ? -1.987  17.957  1.122   1.00 20.11 ? 24  ASN A O   1 
ATOM   201  C CB  . ASN A 1 24  ? 0.467   20.220  1.712   1.00 23.21 ? 24  ASN A CB  1 
ATOM   202  C CG  . ASN A 1 24  ? 0.367   20.245  0.191   1.00 29.92 ? 24  ASN A CG  1 
ATOM   203  O OD1 . ASN A 1 24  ? -0.632  19.892  -0.440  1.00 32.29 ? 24  ASN A OD1 1 
ATOM   204  N ND2 . ASN A 1 24  ? 1.434   20.684  -0.455  1.00 35.34 ? 24  ASN A ND2 1 
ATOM   205  N N   . VAL A 1 25  ? -2.593  19.854  2.187   1.00 17.45 ? 25  VAL A N   1 
ATOM   206  C CA  . VAL A 1 25  ? -3.980  19.808  1.758   1.00 17.72 ? 25  VAL A CA  1 
ATOM   207  C C   . VAL A 1 25  ? -4.254  19.503  0.282   1.00 18.75 ? 25  VAL A C   1 
ATOM   208  O O   . VAL A 1 25  ? -5.033  18.623  -0.126  1.00 19.61 ? 25  VAL A O   1 
ATOM   209  C CB  . VAL A 1 25  ? -4.648  21.110  2.215   1.00 28.71 ? 25  VAL A CB  1 
ATOM   210  C CG1 . VAL A 1 25  ? -4.244  22.236  1.271   1.00 37.75 ? 25  VAL A CG1 1 
ATOM   211  C CG2 . VAL A 1 25  ? -6.160  21.031  2.098   1.00 26.29 ? 25  VAL A CG2 1 
ATOM   212  N N   . VAL A 1 26  ? -3.621  20.259  -0.602  1.00 16.06 ? 26  VAL A N   1 
ATOM   213  C CA  . VAL A 1 26  ? -3.874  20.041  -2.007  1.00 14.21 ? 26  VAL A CA  1 
ATOM   214  C C   . VAL A 1 26  ? -3.455  18.657  -2.467  1.00 18.32 ? 26  VAL A C   1 
ATOM   215  O O   . VAL A 1 26  ? -4.149  17.966  -3.245  1.00 15.46 ? 26  VAL A O   1 
ATOM   216  C CB  . VAL A 1 26  ? -3.148  21.150  -2.760  1.00 17.16 ? 26  VAL A CB  1 
ATOM   217  C CG1 . VAL A 1 26  ? -3.022  20.803  -4.240  1.00 21.71 ? 26  VAL A CG1 1 
ATOM   218  C CG2 . VAL A 1 26  ? -3.988  22.414  -2.586  1.00 18.43 ? 26  VAL A CG2 1 
ATOM   219  N N   . LYS A 1 27  ? -2.300  18.221  -1.942  1.00 16.98 ? 27  LYS A N   1 
ATOM   220  C CA  . LYS A 1 27  ? -1.757  16.913  -2.333  1.00 14.91 ? 27  LYS A CA  1 
ATOM   221  C C   . LYS A 1 27  ? -2.650  15.753  -1.865  1.00 15.04 ? 27  LYS A C   1 
ATOM   222  O O   . LYS A 1 27  ? -2.679  14.688  -2.527  1.00 15.89 ? 27  LYS A O   1 
ATOM   223  C CB  . LYS A 1 27  ? -0.285  16.718  -1.971  1.00 15.62 ? 27  LYS A CB  1 
ATOM   224  C CG  . LYS A 1 27  ? 0.572   17.893  -2.468  1.00 19.58 ? 27  LYS A CG  1 
ATOM   225  C CD  . LYS A 1 27  ? 0.599   18.098  -3.987  1.00 24.54 ? 27  LYS A CD  1 
ATOM   226  C CE  . LYS A 1 27  ? 1.478   19.281  -4.423  1.00 33.18 ? 27  LYS A CE  1 
ATOM   227  N NZ  . LYS A 1 27  ? 1.610   19.428  -5.888  1.00 34.55 ? 27  LYS A NZ  1 
ATOM   228  N N   . ARG A 1 28  ? -3.341  15.989  -0.730  1.00 15.72 ? 28  ARG A N   1 
ATOM   229  C CA  . ARG A 1 28  ? -4.250  14.949  -0.216  1.00 15.33 ? 28  ARG A CA  1 
ATOM   230  C C   . ARG A 1 28  ? -5.406  14.751  -1.201  1.00 15.34 ? 28  ARG A C   1 
ATOM   231  O O   . ARG A 1 28  ? -5.848  13.601  -1.423  1.00 16.06 ? 28  ARG A O   1 
ATOM   232  C CB  . ARG A 1 28  ? -4.827  15.233  1.177   1.00 15.52 ? 28  ARG A CB  1 
ATOM   233  C CG  . ARG A 1 28  ? -3.710  15.396  2.186   1.00 17.34 ? 28  ARG A CG  1 
ATOM   234  C CD  . ARG A 1 28  ? -4.148  15.499  3.623   1.00 20.64 ? 28  ARG A CD  1 
ATOM   235  N NE  . ARG A 1 28  ? -5.055  16.572  3.993   1.00 27.91 ? 28  ARG A NE  1 
ATOM   236  C CZ  . ARG A 1 28  ? -4.742  17.641  4.758   1.00 27.96 ? 28  ARG A CZ  1 
ATOM   237  N NH1 . ARG A 1 28  ? -3.514  17.911  5.187   1.00 24.27 ? 28  ARG A NH1 1 
ATOM   238  N NH2 . ARG A 1 28  ? -5.667  18.505  5.113   1.00 26.75 ? 28  ARG A NH2 1 
ATOM   239  N N   . LYS A 1 29  ? -5.880  15.891  -1.761  1.00 14.12 ? 29  LYS A N   1 
ATOM   240  C CA  . LYS A 1 29  ? -6.962  15.771  -2.732  1.00 14.49 ? 29  LYS A CA  1 
ATOM   241  C C   . LYS A 1 29  ? -6.512  14.949  -3.927  1.00 13.99 ? 29  LYS A C   1 
ATOM   242  O O   . LYS A 1 29  ? -7.221  14.080  -4.479  1.00 16.16 ? 29  LYS A O   1 
ATOM   243  C CB  . LYS A 1 29  ? -7.566  17.143  -3.074  1.00 19.78 ? 29  LYS A CB  1 
ATOM   244  C CG  . LYS A 1 29  ? -8.178  17.854  -1.855  1.00 21.74 ? 29  LYS A CG  1 
ATOM   245  C CD  . LYS A 1 29  ? -9.476  17.129  -1.484  1.00 26.17 ? 29  LYS A CD  1 
ATOM   246  C CE  . LYS A 1 29  ? -10.288 17.616  -0.277  1.00 31.69 ? 29  LYS A CE  1 
ATOM   247  N NZ  . LYS A 1 29  ? -11.538 16.815  -0.202  1.00 31.88 ? 29  LYS A NZ  1 
ATOM   248  N N   . LEU A 1 30  ? -5.281  15.235  -4.358  1.00 13.43 ? 30  LEU A N   1 
ATOM   249  C CA  . LEU A 1 30  ? -4.758  14.472  -5.478  1.00 15.86 ? 30  LEU A CA  1 
ATOM   250  C C   . LEU A 1 30  ? -4.571  12.993  -5.137  1.00 16.34 ? 30  LEU A C   1 
ATOM   251  O O   . LEU A 1 30  ? -4.801  12.071  -5.948  1.00 18.61 ? 30  LEU A O   1 
ATOM   252  C CB  . LEU A 1 30  ? -3.417  14.997  -6.021  1.00 16.06 ? 30  LEU A CB  1 
ATOM   253  C CG  . LEU A 1 30  ? -3.473  16.477  -6.402  1.00 16.96 ? 30  LEU A CG  1 
ATOM   254  C CD1 . LEU A 1 30  ? -2.064  17.000  -6.772  1.00 19.56 ? 30  LEU A CD1 1 
ATOM   255  C CD2 . LEU A 1 30  ? -4.431  16.680  -7.567  1.00 16.04 ? 30  LEU A CD2 1 
ATOM   256  N N   . GLY A 1 31  ? -4.082  12.778  -3.927  1.00 12.98 ? 31  GLY A N   1 
ATOM   257  C CA  . GLY A 1 31  ? -3.826  11.417  -3.487  1.00 13.83 ? 31  GLY A CA  1 
ATOM   258  C C   . GLY A 1 31  ? -5.049  10.540  -3.417  1.00 13.71 ? 31  GLY A C   1 
ATOM   259  O O   . GLY A 1 31  ? -5.011  9.328   -3.717  1.00 14.97 ? 31  GLY A O   1 
ATOM   260  N N   . ALA A 1 32  ? -6.123  11.204  -3.038  1.00 14.96 ? 32  ALA A N   1 
ATOM   261  C CA  . ALA A 1 32  ? -7.356  10.478  -2.857  1.00 11.54 ? 32  ALA A CA  1 
ATOM   262  C C   . ALA A 1 32  ? -7.986  10.125  -4.163  1.00 12.05 ? 32  ALA A C   1 
ATOM   263  O O   . ALA A 1 32  ? -8.815  9.218   -4.208  1.00 17.12 ? 32  ALA A O   1 
ATOM   264  C CB  . ALA A 1 32  ? -8.315  11.264  -1.968  1.00 16.14 ? 32  ALA A CB  1 
ATOM   265  N N   . HIS A 1 33  ? -7.526  10.775  -5.231  1.00 9.97  ? 33  HIS A N   1 
ATOM   266  C CA  . HIS A 1 33  ? -8.049  10.473  -6.552  1.00 13.11 ? 33  HIS A CA  1 
ATOM   267  C C   . HIS A 1 33  ? -6.872  10.166  -7.488  1.00 14.47 ? 33  HIS A C   1 
ATOM   268  O O   . HIS A 1 33  ? -6.686  10.792  -8.550  1.00 15.41 ? 33  HIS A O   1 
ATOM   269  C CB  . HIS A 1 33  ? -8.682  11.758  -7.107  1.00 19.80 ? 33  HIS A CB  1 
ATOM   270  C CG  . HIS A 1 33  ? -10.025 12.090  -6.561  1.00 29.19 ? 33  HIS A CG  1 
ATOM   271  N ND1 . HIS A 1 33  ? -10.205 13.033  -5.545  1.00 34.14 ? 33  HIS A ND1 1 
ATOM   272  C CD2 . HIS A 1 33  ? -11.236 11.583  -6.935  1.00 31.41 ? 33  HIS A CD2 1 
ATOM   273  C CE1 . HIS A 1 33  ? -11.513 13.075  -5.326  1.00 35.51 ? 33  HIS A CE1 1 
ATOM   274  N NE2 . HIS A 1 33  ? -12.149 12.217  -6.123  1.00 37.96 ? 33  HIS A NE2 1 
ATOM   275  N N   . ASP A 1 34  ? -6.066  9.206   -7.044  1.00 13.53 ? 34  ASP A N   1 
ATOM   276  C CA  . ASP A 1 34  ? -4.855  8.787   -7.716  1.00 14.52 ? 34  ASP A CA  1 
ATOM   277  C C   . ASP A 1 34  ? -4.969  7.784   -8.829  1.00 12.18 ? 34  ASP A C   1 
ATOM   278  O O   . ASP A 1 34  ? -3.985  7.527   -9.496  1.00 12.33 ? 34  ASP A O   1 
ATOM   279  C CB  . ASP A 1 34  ? -3.787  8.438   -6.675  1.00 11.66 ? 34  ASP A CB  1 
ATOM   280  C CG  . ASP A 1 34  ? -4.078  7.174   -5.946  1.00 13.65 ? 34  ASP A CG  1 
ATOM   281  O OD1 . ASP A 1 34  ? -5.221  6.593   -6.184  1.00 12.77 ? 34  ASP A OD1 1 
ATOM   282  O OD2 . ASP A 1 34  ? -3.259  6.700   -5.213  1.00 14.99 ? 34  ASP A OD2 1 
ATOM   283  N N   . ASN A 1 35  ? -6.159  7.220   -9.031  1.00 12.93 ? 35  ASN A N   1 
ATOM   284  C CA  . ASN A 1 35  ? -6.395  6.257   -10.108 1.00 13.35 ? 35  ASN A CA  1 
ATOM   285  C C   . ASN A 1 35  ? -5.513  5.045   -9.963  1.00 12.47 ? 35  ASN A C   1 
ATOM   286  O O   . ASN A 1 35  ? -5.225  4.373   -10.925 1.00 15.08 ? 35  ASN A O   1 
ATOM   287  C CB  . ASN A 1 35  ? -6.194  6.898   -11.511 1.00 21.96 ? 35  ASN A CB  1 
ATOM   288  C CG  . ASN A 1 35  ? -7.303  7.863   -11.931 1.00 41.17 ? 35  ASN A CG  1 
ATOM   289  O OD1 . ASN A 1 35  ? -8.490  7.693   -11.570 1.00 48.26 ? 35  ASN A OD1 1 
ATOM   290  N ND2 . ASN A 1 35  ? -6.957  8.887   -12.712 1.00 44.25 ? 35  ASN A ND2 1 
ATOM   291  N N   . LEU A 1 36  ? -5.079  4.724   -8.770  1.00 8.62  ? 36  LEU A N   1 
ATOM   292  C CA  . LEU A 1 36  ? -4.182  3.598   -8.561  1.00 8.35  ? 36  LEU A CA  1 
ATOM   293  C C   . LEU A 1 36  ? -4.705  2.267   -9.042  1.00 10.71 ? 36  LEU A C   1 
ATOM   294  O O   . LEU A 1 36  ? -5.800  1.811   -8.736  1.00 10.75 ? 36  LEU A O   1 
ATOM   295  C CB  . LEU A 1 36  ? -3.873  3.525   -7.046  1.00 7.87  ? 36  LEU A CB  1 
ATOM   296  C CG  . LEU A 1 36  ? -2.888  2.463   -6.591  1.00 13.44 ? 36  LEU A CG  1 
ATOM   297  C CD1 . LEU A 1 36  ? -1.525  2.798   -7.204  1.00 15.31 ? 36  LEU A CD1 1 
ATOM   298  C CD2 . LEU A 1 36  ? -2.863  2.477   -5.060  1.00 11.15 ? 36  LEU A CD2 1 
ATOM   299  N N   . LYS A 1 37  ? -3.842  1.596   -9.760  1.00 8.56  ? 37  LYS A N   1 
ATOM   300  C CA  . LYS A 1 37  ? -4.095  0.291   -10.304 1.00 9.23  ? 37  LYS A CA  1 
ATOM   301  C C   . LYS A 1 37  ? -2.869  -0.560  -9.958  1.00 13.82 ? 37  LYS A C   1 
ATOM   302  O O   . LYS A 1 37  ? -1.737  -0.090  -10.039 1.00 17.02 ? 37  LYS A O   1 
ATOM   303  C CB  . LYS A 1 37  ? -4.131  0.452   -11.802 1.00 12.48 ? 37  LYS A CB  1 
ATOM   304  C CG  . LYS A 1 37  ? -4.067  -0.892  -12.484 1.00 23.99 ? 37  LYS A CG  1 
ATOM   305  C CD  . LYS A 1 37  ? -4.300  -0.593  -13.947 1.00 35.88 ? 37  LYS A CD  1 
ATOM   306  C CE  . LYS A 1 37  ? -3.703  -1.591  -14.921 1.00 47.60 ? 37  LYS A CE  1 
ATOM   307  N NZ  . LYS A 1 37  ? -3.616  -1.027  -16.289 1.00 54.35 ? 37  LYS A NZ  1 
ATOM   308  N N   . LEU A 1 38  ? -3.070  -1.784  -9.480  1.00 9.86  ? 38  LEU A N   1 
ATOM   309  C CA  . LEU A 1 38  ? -1.982  -2.668  -9.115  1.00 8.88  ? 38  LEU A CA  1 
ATOM   310  C C   . LEU A 1 38  ? -2.117  -3.932  -9.952  1.00 18.36 ? 38  LEU A C   1 
ATOM   311  O O   . LEU A 1 38  ? -3.255  -4.481  -10.074 1.00 18.96 ? 38  LEU A O   1 
ATOM   312  C CB  . LEU A 1 38  ? -2.176  -3.105  -7.623  1.00 9.62  ? 38  LEU A CB  1 
ATOM   313  C CG  . LEU A 1 38  ? -2.175  -1.980  -6.585  1.00 14.29 ? 38  LEU A CG  1 
ATOM   314  C CD1 . LEU A 1 38  ? -2.391  -2.556  -5.192  1.00 14.67 ? 38  LEU A CD1 1 
ATOM   315  C CD2 . LEU A 1 38  ? -0.852  -1.216  -6.587  1.00 17.43 ? 38  LEU A CD2 1 
ATOM   316  N N   . THR A 1 39  ? -0.982  -4.411  -10.481 1.00 10.91 ? 39  THR A N   1 
ATOM   317  C CA  . THR A 1 39  ? -0.981  -5.662  -11.198 1.00 13.18 ? 39  THR A CA  1 
ATOM   318  C C   . THR A 1 39  ? -0.045  -6.546  -10.371 1.00 10.09 ? 39  THR A C   1 
ATOM   319  O O   . THR A 1 39  ? 1.107   -6.229  -10.183 1.00 12.74 ? 39  THR A O   1 
ATOM   320  C CB  . THR A 1 39  ? -0.579  -5.515  -12.685 1.00 15.06 ? 39  THR A CB  1 
ATOM   321  O OG1 . THR A 1 39  ? -1.472  -4.603  -13.311 1.00 14.09 ? 39  THR A OG1 1 
ATOM   322  C CG2 . THR A 1 39  ? -0.656  -6.873  -13.392 1.00 14.81 ? 39  THR A CG2 1 
ATOM   323  N N   . ILE A 1 40  ? -0.598  -7.588  -9.805  1.00 8.93  ? 40  ILE A N   1 
ATOM   324  C CA  . ILE A 1 40  ? 0.102   -8.443  -8.887  1.00 11.17 ? 40  ILE A CA  1 
ATOM   325  C C   . ILE A 1 40  ? 0.375   -9.796  -9.479  1.00 12.29 ? 40  ILE A C   1 
ATOM   326  O O   . ILE A 1 40  ? -0.511  -10.497 -9.921  1.00 13.92 ? 40  ILE A O   1 
ATOM   327  C CB  . ILE A 1 40  ? -0.797  -8.609  -7.658  1.00 13.17 ? 40  ILE A CB  1 
ATOM   328  C CG1 . ILE A 1 40  ? -0.898  -7.239  -6.949  1.00 12.44 ? 40  ILE A CG1 1 
ATOM   329  C CG2 . ILE A 1 40  ? -0.167  -9.617  -6.687  1.00 19.31 ? 40  ILE A CG2 1 
ATOM   330  C CD1 . ILE A 1 40  ? -1.833  -7.230  -5.747  1.00 15.17 ? 40  ILE A CD1 1 
ATOM   331  N N   . THR A 1 41  ? 1.635   -10.217 -9.463  1.00 11.18 ? 41  THR A N   1 
ATOM   332  C CA  . THR A 1 41  ? 1.980   -11.553 -9.957  1.00 11.09 ? 41  THR A CA  1 
ATOM   333  C C   . THR A 1 41  ? 2.916   -12.123 -8.896  1.00 15.89 ? 41  THR A C   1 
ATOM   334  O O   . THR A 1 41  ? 3.671   -11.392 -8.262  1.00 15.22 ? 41  THR A O   1 
ATOM   335  C CB  . THR A 1 41  ? 2.657   -11.586 -11.340 1.00 18.90 ? 41  THR A CB  1 
ATOM   336  O OG1 . THR A 1 41  ? 3.855   -10.888 -11.186 1.00 26.86 ? 41  THR A OG1 1 
ATOM   337  C CG2 . THR A 1 41  ? 1.884   -10.847 -12.454 1.00 17.80 ? 41  THR A CG2 1 
ATOM   338  N N   . GLN A 1 42  ? 2.886   -13.432 -8.696  1.00 16.26 ? 42  GLN A N   1 
ATOM   339  C CA  . GLN A 1 42  ? 3.711   -14.052 -7.688  1.00 20.70 ? 42  GLN A CA  1 
ATOM   340  C C   . GLN A 1 42  ? 4.552   -15.102 -8.375  1.00 21.79 ? 42  GLN A C   1 
ATOM   341  O O   . GLN A 1 42  ? 4.087   -15.745 -9.320  1.00 21.25 ? 42  GLN A O   1 
ATOM   342  C CB  . GLN A 1 42  ? 2.759   -14.801 -6.728  1.00 24.96 ? 42  GLN A CB  1 
ATOM   343  C CG  . GLN A 1 42  ? 3.407   -15.721 -5.686  1.00 27.64 ? 42  GLN A CG  1 
ATOM   344  C CD  . GLN A 1 42  ? 2.465   -16.077 -4.550  1.00 31.07 ? 42  GLN A CD  1 
ATOM   345  O OE1 . GLN A 1 42  ? 1.292   -15.713 -4.515  1.00 31.15 ? 42  GLN A OE1 1 
ATOM   346  N NE2 . GLN A 1 42  ? 3.001   -16.801 -3.574  1.00 38.14 ? 42  GLN A NE2 1 
ATOM   347  N N   . GLU A 1 43  ? 5.762   -15.303 -7.864  1.00 16.41 ? 43  GLU A N   1 
ATOM   348  C CA  . GLU A 1 43  ? 6.600   -16.346 -8.433  1.00 21.90 ? 43  GLU A CA  1 
ATOM   349  C C   . GLU A 1 43  ? 7.315   -16.865 -7.205  1.00 21.86 ? 43  GLU A C   1 
ATOM   350  O O   . GLU A 1 43  ? 8.245   -16.261 -6.708  1.00 17.39 ? 43  GLU A O   1 
ATOM   351  C CB  . GLU A 1 43  ? 7.577   -15.828 -9.497  1.00 28.83 ? 43  GLU A CB  1 
ATOM   352  C CG  . GLU A 1 43  ? 8.299   -16.943 -10.247 1.00 43.87 ? 43  GLU A CG  1 
ATOM   353  C CD  . GLU A 1 43  ? 9.055   -16.364 -11.423 1.00 58.10 ? 43  GLU A CD  1 
ATOM   354  O OE1 . GLU A 1 43  ? 9.382   -15.183 -11.522 1.00 58.32 ? 43  GLU A OE1 1 
ATOM   355  O OE2 . GLU A 1 43  ? 9.313   -17.285 -12.326 1.00 65.46 ? 43  GLU A OE2 1 
ATOM   356  N N   . GLY A 1 44  ? 6.720   -17.913 -6.689  1.00 26.39 ? 44  GLY A N   1 
ATOM   357  C CA  . GLY A 1 44  ? 7.196   -18.558 -5.496  1.00 27.38 ? 44  GLY A CA  1 
ATOM   358  C C   . GLY A 1 44  ? 7.012   -17.671 -4.304  1.00 20.07 ? 44  GLY A C   1 
ATOM   359  O O   . GLY A 1 44  ? 5.900   -17.326 -3.951  1.00 23.55 ? 44  GLY A O   1 
ATOM   360  N N   . ASN A 1 45  ? 8.160   -17.334 -3.707  1.00 19.60 ? 45  ASN A N   1 
ATOM   361  C CA  . ASN A 1 45  ? 8.166   -16.526 -2.522  1.00 23.06 ? 45  ASN A CA  1 
ATOM   362  C C   . ASN A 1 45  ? 8.253   -15.057 -2.870  1.00 15.13 ? 45  ASN A C   1 
ATOM   363  O O   . ASN A 1 45  ? 8.295   -14.212 -1.977  1.00 17.56 ? 45  ASN A O   1 
ATOM   364  C CB  . ASN A 1 45  ? 9.476   -16.861 -1.762  1.00 28.07 ? 45  ASN A CB  1 
ATOM   365  C CG  . ASN A 1 45  ? 9.236   -16.851 -0.273  1.00 40.88 ? 45  ASN A CG  1 
ATOM   366  O OD1 . ASN A 1 45  ? 10.154  -16.578 0.544   1.00 44.33 ? 45  ASN A OD1 1 
ATOM   367  N ND2 . ASN A 1 45  ? 7.972   -17.153 0.062   1.00 41.90 ? 45  ASN A ND2 1 
ATOM   368  N N   . LYS A 1 46  ? 8.230   -14.763 -4.152  1.00 9.90  ? 46  LYS A N   1 
ATOM   369  C CA  . LYS A 1 46  ? 8.447   -13.368 -4.508  1.00 12.57 ? 46  LYS A CA  1 
ATOM   370  C C   . LYS A 1 46  ? 7.291   -12.786 -5.298  1.00 15.18 ? 46  LYS A C   1 
ATOM   371  O O   . LYS A 1 46  ? 6.739   -13.436 -6.183  1.00 19.41 ? 46  LYS A O   1 
ATOM   372  C CB  . LYS A 1 46  ? 9.597   -13.467 -5.514  1.00 21.07 ? 46  LYS A CB  1 
ATOM   373  C CG  . LYS A 1 46  ? 10.760  -12.565 -5.184  1.00 34.24 ? 46  LYS A CG  1 
ATOM   374  C CD  . LYS A 1 46  ? 12.055  -13.099 -5.782  1.00 36.46 ? 46  LYS A CD  1 
ATOM   375  C CE  . LYS A 1 46  ? 12.461  -12.447 -7.100  1.00 35.59 ? 46  LYS A CE  1 
ATOM   376  N NZ  . LYS A 1 46  ? 13.678  -11.630 -7.028  1.00 28.90 ? 46  LYS A NZ  1 
ATOM   377  N N   . PHE A 1 47  ? 7.010   -11.538 -4.997  1.00 12.43 ? 47  PHE A N   1 
ATOM   378  C CA  . PHE A 1 47  ? 5.905   -10.857 -5.643  1.00 15.42 ? 47  PHE A CA  1 
ATOM   379  C C   . PHE A 1 47  ? 6.407   -9.731  -6.510  1.00 18.21 ? 47  PHE A C   1 
ATOM   380  O O   . PHE A 1 47  ? 7.318   -9.010  -6.088  1.00 14.88 ? 47  PHE A O   1 
ATOM   381  C CB  . PHE A 1 47  ? 5.040   -10.201 -4.502  1.00 14.31 ? 47  PHE A CB  1 
ATOM   382  C CG  . PHE A 1 47  ? 4.060   -11.181 -3.871  1.00 18.05 ? 47  PHE A CG  1 
ATOM   383  C CD1 . PHE A 1 47  ? 4.439   -12.022 -2.820  1.00 22.72 ? 47  PHE A CD1 1 
ATOM   384  C CD2 . PHE A 1 47  ? 2.772   -11.358 -4.381  1.00 23.46 ? 47  PHE A CD2 1 
ATOM   385  C CE1 . PHE A 1 47  ? 3.540   -12.945 -2.279  1.00 21.02 ? 47  PHE A CE1 1 
ATOM   386  C CE2 . PHE A 1 47  ? 1.884   -12.330 -3.893  1.00 23.99 ? 47  PHE A CE2 1 
ATOM   387  C CZ  . PHE A 1 47  ? 2.272   -13.129 -2.821  1.00 21.11 ? 47  PHE A CZ  1 
ATOM   388  N N   . THR A 1 48  ? 5.749   -9.536  -7.651  1.00 14.06 ? 48  THR A N   1 
ATOM   389  C CA  . THR A 1 48  ? 6.093   -8.390  -8.442  1.00 10.60 ? 48  THR A CA  1 
ATOM   390  C C   . THR A 1 48  ? 4.807   -7.600  -8.549  1.00 13.32 ? 48  THR A C   1 
ATOM   391  O O   . THR A 1 48  ? 3.795   -8.127  -9.027  1.00 19.07 ? 48  THR A O   1 
ATOM   392  C CB  . THR A 1 48  ? 6.635   -8.715  -9.836  1.00 18.73 ? 48  THR A CB  1 
ATOM   393  O OG1 . THR A 1 48  ? 7.811   -9.517  -9.693  1.00 19.24 ? 48  THR A OG1 1 
ATOM   394  C CG2 . THR A 1 48  ? 6.929   -7.381  -10.575 1.00 17.24 ? 48  THR A CG2 1 
ATOM   395  N N   . VAL A 1 49  ? 4.839   -6.348  -8.142  1.00 13.40 ? 49  VAL A N   1 
ATOM   396  C CA  . VAL A 1 49  ? 3.660   -5.533  -8.237  1.00 16.03 ? 49  VAL A CA  1 
ATOM   397  C C   . VAL A 1 49  ? 3.906   -4.344  -9.157  1.00 18.49 ? 49  VAL A C   1 
ATOM   398  O O   . VAL A 1 49  ? 4.769   -3.498  -8.870  1.00 19.30 ? 49  VAL A O   1 
ATOM   399  C CB  . VAL A 1 49  ? 3.324   -5.024  -6.848  1.00 13.43 ? 49  VAL A CB  1 
ATOM   400  C CG1 . VAL A 1 49  ? 2.099   -4.138  -6.870  1.00 18.22 ? 49  VAL A CG1 1 
ATOM   401  C CG2 . VAL A 1 49  ? 3.049   -6.218  -5.933  1.00 19.52 ? 49  VAL A CG2 1 
ATOM   402  N N   . LYS A 1 50  ? 3.132   -4.236  -10.232 1.00 13.97 ? 50  LYS A N   1 
ATOM   403  C CA  . LYS A 1 50  ? 3.250   -3.068  -11.103 1.00 12.29 ? 50  LYS A CA  1 
ATOM   404  C C   . LYS A 1 50  ? 2.319   -2.006  -10.486 1.00 15.84 ? 50  LYS A C   1 
ATOM   405  O O   . LYS A 1 50  ? 1.118   -2.197  -10.412 1.00 15.53 ? 50  LYS A O   1 
ATOM   406  C CB  . LYS A 1 50  ? 2.884   -3.362  -12.547 1.00 17.02 ? 50  LYS A CB  1 
ATOM   407  C CG  . LYS A 1 50  ? 3.900   -4.375  -13.053 1.00 26.98 ? 50  LYS A CG  1 
ATOM   408  C CD  . LYS A 1 50  ? 3.947   -4.807  -14.495 1.00 34.62 ? 50  LYS A CD  1 
ATOM   409  C CE  . LYS A 1 50  ? 5.367   -5.243  -14.870 1.00 35.57 ? 50  LYS A CE  1 
ATOM   410  N NZ  . LYS A 1 50  ? 6.304   -4.177  -15.282 1.00 34.31 ? 50  LYS A NZ  1 
ATOM   411  N N   . GLU A 1 51  ? 2.842   -0.912  -9.979  1.00 14.29 ? 51  GLU A N   1 
ATOM   412  C CA  . GLU A 1 51  ? 2.014   0.100   -9.401  1.00 10.63 ? 51  GLU A CA  1 
ATOM   413  C C   . GLU A 1 51  ? 1.819   1.205   -10.429 1.00 13.82 ? 51  GLU A C   1 
ATOM   414  O O   . GLU A 1 51  ? 2.785   1.754   -10.952 1.00 19.39 ? 51  GLU A O   1 
ATOM   415  C CB  . GLU A 1 51  ? 2.640   0.538   -8.074  1.00 12.51 ? 51  GLU A CB  1 
ATOM   416  C CG  . GLU A 1 51  ? 2.176   1.922   -7.621  1.00 14.22 ? 51  GLU A CG  1 
ATOM   417  C CD  . GLU A 1 51  ? 2.859   2.326   -6.342  1.00 17.43 ? 51  GLU A CD  1 
ATOM   418  O OE1 . GLU A 1 51  ? 3.349   1.510   -5.563  1.00 20.78 ? 51  GLU A OE1 1 
ATOM   419  O OE2 . GLU A 1 51  ? 2.977   3.631   -6.266  1.00 14.53 ? 51  GLU A OE2 1 
ATOM   420  N N   . SER A 1 52  ? 0.602   1.533   -10.840 1.00 10.70 ? 52  SER A N   1 
ATOM   421  C CA  . SER A 1 52  ? 0.442   2.562   -11.856 1.00 10.05 ? 52  SER A CA  1 
ATOM   422  C C   . SER A 1 52  ? -0.539  3.615   -11.371 1.00 15.00 ? 52  SER A C   1 
ATOM   423  O O   . SER A 1 52  ? -1.655  3.253   -10.985 1.00 16.79 ? 52  SER A O   1 
ATOM   424  C CB  . SER A 1 52  ? -0.014  1.893   -13.134 1.00 17.12 ? 52  SER A CB  1 
ATOM   425  O OG  . SER A 1 52  ? -0.395  2.967   -13.975 1.00 26.15 ? 52  SER A OG  1 
ATOM   426  N N   . SER A 1 53  ? -0.163  4.879   -11.309 1.00 10.36 ? 53  SER A N   1 
ATOM   427  C CA  . SER A 1 53  ? -1.105  5.846   -10.786 1.00 12.55 ? 53  SER A CA  1 
ATOM   428  C C   . SER A 1 53  ? -0.880  7.156   -11.502 1.00 14.47 ? 53  SER A C   1 
ATOM   429  O O   . SER A 1 53  ? -0.053  7.242   -12.401 1.00 13.49 ? 53  SER A O   1 
ATOM   430  C CB  . SER A 1 53  ? -0.839  6.007   -9.295  1.00 13.20 ? 53  SER A CB  1 
ATOM   431  O OG  . SER A 1 53  ? 0.297   6.854   -9.082  1.00 12.41 ? 53  SER A OG  1 
ATOM   432  N N   . ASN A 1 54  ? -1.601  8.172   -11.103 1.00 12.57 ? 54  ASN A N   1 
ATOM   433  C CA  . ASN A 1 54  ? -1.456  9.501   -11.703 1.00 14.00 ? 54  ASN A CA  1 
ATOM   434  C C   . ASN A 1 54  ? -0.102  10.048  -11.381 1.00 16.71 ? 54  ASN A C   1 
ATOM   435  O O   . ASN A 1 54  ? 0.378   10.921  -12.098 1.00 16.20 ? 54  ASN A O   1 
ATOM   436  C CB  . ASN A 1 54  ? -2.484  10.534  -11.196 1.00 15.83 ? 54  ASN A CB  1 
ATOM   437  C CG  . ASN A 1 54  ? -3.901  10.341  -11.708 1.00 21.24 ? 54  ASN A CG  1 
ATOM   438  O OD1 . ASN A 1 54  ? -4.086  9.736   -12.785 1.00 26.04 ? 54  ASN A OD1 1 
ATOM   439  N ND2 . ASN A 1 54  ? -4.918  10.815  -10.976 1.00 18.08 ? 54  ASN A ND2 1 
ATOM   440  N N   . PHE A 1 55  ? 0.502   9.556   -10.305 1.00 15.85 ? 55  PHE A N   1 
ATOM   441  C CA  . PHE A 1 55  ? 1.822   10.022  -9.883  1.00 17.29 ? 55  PHE A CA  1 
ATOM   442  C C   . PHE A 1 55  ? 3.013   9.377   -10.551 1.00 19.11 ? 55  PHE A C   1 
ATOM   443  O O   . PHE A 1 55  ? 3.971   10.089  -10.867 1.00 15.19 ? 55  PHE A O   1 
ATOM   444  C CB  . PHE A 1 55  ? 2.086   9.859   -8.386  1.00 18.82 ? 55  PHE A CB  1 
ATOM   445  C CG  . PHE A 1 55  ? 0.975   10.501  -7.604  1.00 21.94 ? 55  PHE A CG  1 
ATOM   446  C CD1 . PHE A 1 55  ? 0.706   11.862  -7.753  1.00 25.94 ? 55  PHE A CD1 1 
ATOM   447  C CD2 . PHE A 1 55  ? 0.186   9.769   -6.718  1.00 21.67 ? 55  PHE A CD2 1 
ATOM   448  C CE1 . PHE A 1 55  ? -0.313  12.463  -7.003  1.00 27.26 ? 55  PHE A CE1 1 
ATOM   449  C CE2 . PHE A 1 55  ? -0.816  10.371  -5.957  1.00 25.12 ? 55  PHE A CE2 1 
ATOM   450  C CZ  . PHE A 1 55  ? -1.083  11.731  -6.100  1.00 23.94 ? 55  PHE A CZ  1 
ATOM   451  N N   . ARG A 1 56  ? 2.912   8.081   -10.817 1.00 11.77 ? 56  ARG A N   1 
ATOM   452  C CA  . ARG A 1 56  ? 4.048   7.380   -11.367 1.00 14.35 ? 56  ARG A CA  1 
ATOM   453  C C   . ARG A 1 56  ? 3.705   5.986   -11.786 1.00 15.72 ? 56  ARG A C   1 
ATOM   454  O O   . ARG A 1 56  ? 2.638   5.499   -11.473 1.00 16.93 ? 56  ARG A O   1 
ATOM   455  C CB  . ARG A 1 56  ? 5.055   7.199   -10.231 1.00 13.03 ? 56  ARG A CB  1 
ATOM   456  C CG  . ARG A 1 56  ? 4.608   6.401   -9.008  1.00 10.65 ? 56  ARG A CG  1 
ATOM   457  C CD  . ARG A 1 56  ? 5.514   6.555   -7.793  1.00 15.35 ? 56  ARG A CD  1 
ATOM   458  N NE  . ARG A 1 56  ? 5.038   5.679   -6.708  1.00 17.42 ? 56  ARG A NE  1 
ATOM   459  C CZ  . ARG A 1 56  ? 5.733   5.428   -5.584  1.00 21.66 ? 56  ARG A CZ  1 
ATOM   460  N NH1 . ARG A 1 56  ? 6.923   6.010   -5.375  1.00 17.86 ? 56  ARG A NH1 1 
ATOM   461  N NH2 . ARG A 1 56  ? 5.242   4.606   -4.630  1.00 18.97 ? 56  ARG A NH2 1 
ATOM   462  N N   . ASN A 1 57  ? 4.665   5.328   -12.412 1.00 11.73 ? 57  ASN A N   1 
ATOM   463  C CA  . ASN A 1 57  ? 4.473   3.941   -12.819 1.00 15.09 ? 57  ASN A CA  1 
ATOM   464  C C   . ASN A 1 57  ? 5.747   3.202   -12.450 1.00 24.35 ? 57  ASN A C   1 
ATOM   465  O O   . ASN A 1 57  ? 6.742   3.308   -13.173 1.00 31.37 ? 57  ASN A O   1 
ATOM   466  C CB  . ASN A 1 57  ? 4.196   3.817   -14.327 1.00 19.18 ? 57  ASN A CB  1 
ATOM   467  C CG  . ASN A 1 57  ? 2.950   4.613   -14.641 1.00 27.34 ? 57  ASN A CG  1 
ATOM   468  O OD1 . ASN A 1 57  ? 2.965   5.774   -15.091 1.00 32.15 ? 57  ASN A OD1 1 
ATOM   469  N ND2 . ASN A 1 57  ? 1.834   3.983   -14.363 1.00 28.01 ? 57  ASN A ND2 1 
ATOM   470  N N   . ILE A 1 58  ? 5.719   2.389   -11.397 1.00 16.10 ? 58  ILE A N   1 
ATOM   471  C CA  . ILE A 1 58  ? 6.916   1.693   -10.979 1.00 11.72 ? 58  ILE A CA  1 
ATOM   472  C C   . ILE A 1 58  ? 6.644   0.257   -10.670 1.00 17.82 ? 58  ILE A C   1 
ATOM   473  O O   . ILE A 1 58  ? 5.500   -0.139  -10.562 1.00 19.48 ? 58  ILE A O   1 
ATOM   474  C CB  . ILE A 1 58  ? 7.458   2.306   -9.693  1.00 17.22 ? 58  ILE A CB  1 
ATOM   475  C CG1 . ILE A 1 58  ? 6.413   2.154   -8.600  1.00 21.35 ? 58  ILE A CG1 1 
ATOM   476  C CG2 . ILE A 1 58  ? 7.730   3.791   -9.950  1.00 24.53 ? 58  ILE A CG2 1 
ATOM   477  C CD1 . ILE A 1 58  ? 6.822   2.753   -7.258  1.00 26.92 ? 58  ILE A CD1 1 
ATOM   478  N N   . ASP A 1 59  ? 7.734   -0.505  -10.554 1.00 14.18 ? 59  ASP A N   1 
ATOM   479  C CA  . ASP A 1 59  ? 7.633   -1.897  -10.208 1.00 16.55 ? 59  ASP A CA  1 
ATOM   480  C C   . ASP A 1 59  ? 8.049   -2.005  -8.749  1.00 17.04 ? 59  ASP A C   1 
ATOM   481  O O   . ASP A 1 59  ? 8.941   -1.274  -8.267  1.00 18.78 ? 59  ASP A O   1 
ATOM   482  C CB  . ASP A 1 59  ? 8.571   -2.698  -11.106 1.00 22.60 ? 59  ASP A CB  1 
ATOM   483  C CG  . ASP A 1 59  ? 8.025   -2.979  -12.459 1.00 32.19 ? 59  ASP A CG  1 
ATOM   484  O OD1 . ASP A 1 59  ? 7.056   -2.171  -12.796 1.00 32.97 ? 59  ASP A OD1 1 
ATOM   485  O OD2 . ASP A 1 59  ? 8.460   -3.880  -13.143 1.00 42.26 ? 59  ASP A OD2 1 
ATOM   486  N N   . VAL A 1 60  ? 7.346   -2.863  -8.008  1.00 7.74  ? 60  VAL A N   1 
ATOM   487  C CA  . VAL A 1 60  ? 7.665   -3.052  -6.625  1.00 9.98  ? 60  VAL A CA  1 
ATOM   488  C C   . VAL A 1 60  ? 7.932   -4.549  -6.537  1.00 12.82 ? 60  VAL A C   1 
ATOM   489  O O   . VAL A 1 60  ? 7.049   -5.350  -6.835  1.00 13.73 ? 60  VAL A O   1 
ATOM   490  C CB  . VAL A 1 60  ? 6.547   -2.612  -5.710  1.00 14.16 ? 60  VAL A CB  1 
ATOM   491  C CG1 . VAL A 1 60  ? 7.062   -2.766  -4.304  1.00 14.91 ? 60  VAL A CG1 1 
ATOM   492  C CG2 . VAL A 1 60  ? 6.273   -1.125  -5.929  1.00 15.26 ? 60  VAL A CG2 1 
ATOM   493  N N   . VAL A 1 61  ? 9.149   -4.952  -6.158  1.00 12.27 ? 61  VAL A N   1 
ATOM   494  C CA  . VAL A 1 61  ? 9.442   -6.384  -6.122  1.00 10.95 ? 61  VAL A CA  1 
ATOM   495  C C   . VAL A 1 61  ? 9.910   -6.750  -4.739  1.00 14.80 ? 61  VAL A C   1 
ATOM   496  O O   . VAL A 1 61  ? 10.737  -6.013  -4.221  1.00 14.31 ? 61  VAL A O   1 
ATOM   497  C CB  . VAL A 1 61  ? 10.537  -6.650  -7.142  1.00 13.88 ? 61  VAL A CB  1 
ATOM   498  C CG1 . VAL A 1 61  ? 10.975  -8.105  -7.044  1.00 14.41 ? 61  VAL A CG1 1 
ATOM   499  C CG2 . VAL A 1 61  ? 10.037  -6.358  -8.542  1.00 17.31 ? 61  VAL A CG2 1 
ATOM   500  N N   . PHE A 1 62  ? 9.379   -7.788  -4.103  1.00 12.73 ? 62  PHE A N   1 
ATOM   501  C CA  . PHE A 1 62  ? 9.824   -8.147  -2.768  1.00 10.74 ? 62  PHE A CA  1 
ATOM   502  C C   . PHE A 1 62  ? 9.712   -9.667  -2.591  1.00 11.94 ? 62  PHE A C   1 
ATOM   503  O O   . PHE A 1 62  ? 8.997   -10.357 -3.334  1.00 12.88 ? 62  PHE A O   1 
ATOM   504  C CB  . PHE A 1 62  ? 9.096   -7.334  -1.672  1.00 13.60 ? 62  PHE A CB  1 
ATOM   505  C CG  . PHE A 1 62  ? 7.589   -7.557  -1.713  1.00 14.72 ? 62  PHE A CG  1 
ATOM   506  C CD1 . PHE A 1 62  ? 7.014   -8.666  -1.090  1.00 15.30 ? 62  PHE A CD1 1 
ATOM   507  C CD2 . PHE A 1 62  ? 6.729   -6.682  -2.379  1.00 14.60 ? 62  PHE A CD2 1 
ATOM   508  C CE1 . PHE A 1 62  ? 5.648   -8.938  -1.173  1.00 16.17 ? 62  PHE A CE1 1 
ATOM   509  C CE2 . PHE A 1 62  ? 5.354   -6.916  -2.448  1.00 16.57 ? 62  PHE A CE2 1 
ATOM   510  C CZ  . PHE A 1 62  ? 4.815   -8.071  -1.880  1.00 14.61 ? 62  PHE A CZ  1 
ATOM   511  N N   . GLU A 1 63  ? 10.497  -10.183 -1.658  1.00 10.52 ? 63  GLU A N   1 
ATOM   512  C CA  . GLU A 1 63  ? 10.491  -11.590 -1.245  1.00 13.94 ? 63  GLU A CA  1 
ATOM   513  C C   . GLU A 1 63  ? 9.870   -11.618 0.153   1.00 12.66 ? 63  GLU A C   1 
ATOM   514  O O   . GLU A 1 63  ? 10.180  -10.801 1.022   1.00 10.85 ? 63  GLU A O   1 
ATOM   515  C CB  . GLU A 1 63  ? 11.859  -12.275 -1.165  1.00 15.08 ? 63  GLU A CB  1 
ATOM   516  C CG  . GLU A 1 63  ? 11.723  -13.788 -0.930  1.00 25.94 ? 63  GLU A CG  1 
ATOM   517  C CD  . GLU A 1 63  ? 13.057  -14.524 -0.885  1.00 34.89 ? 63  GLU A CD  1 
ATOM   518  O OE1 . GLU A 1 63  ? 14.088  -13.814 -1.318  1.00 30.82 ? 63  GLU A OE1 1 
ATOM   519  O OE2 . GLU A 1 63  ? 13.154  -15.681 -0.470  1.00 37.74 ? 63  GLU A OE2 1 
ATOM   520  N N   . LEU A 1 64  ? 8.934   -12.530 0.369   1.00 10.03 ? 64  LEU A N   1 
ATOM   521  C CA  . LEU A 1 64  ? 8.297   -12.577 1.668   1.00 14.82 ? 64  LEU A CA  1 
ATOM   522  C C   . LEU A 1 64  ? 9.337   -12.762 2.774   1.00 14.67 ? 64  LEU A C   1 
ATOM   523  O O   . LEU A 1 64  ? 10.227  -13.595 2.631   1.00 14.56 ? 64  LEU A O   1 
ATOM   524  C CB  . LEU A 1 64  ? 7.310   -13.773 1.701   1.00 16.62 ? 64  LEU A CB  1 
ATOM   525  C CG  . LEU A 1 64  ? 6.119   -13.626 0.742   1.00 14.78 ? 64  LEU A CG  1 
ATOM   526  C CD1 . LEU A 1 64  ? 5.305   -14.908 0.855   1.00 19.40 ? 64  LEU A CD1 1 
ATOM   527  C CD2 . LEU A 1 64  ? 5.275   -12.457 1.228   1.00 15.48 ? 64  LEU A CD2 1 
ATOM   528  N N   . GLY A 1 65  ? 9.260   -11.982 3.830   1.00 13.52 ? 65  GLY A N   1 
ATOM   529  C CA  . GLY A 1 65  ? 10.206  -12.146 4.934   1.00 13.59 ? 65  GLY A CA  1 
ATOM   530  C C   . GLY A 1 65  ? 11.563  -11.453 4.767   1.00 17.22 ? 65  GLY A C   1 
ATOM   531  O O   . GLY A 1 65  ? 12.349  -11.470 5.697   1.00 19.02 ? 65  GLY A O   1 
ATOM   532  N N   . VAL A 1 66  ? 11.863  -10.806 3.633   1.00 15.26 ? 66  VAL A N   1 
ATOM   533  C CA  . VAL A 1 66  ? 13.117  -10.119 3.449   1.00 10.00 ? 66  VAL A CA  1 
ATOM   534  C C   . VAL A 1 66  ? 12.905  -8.616  3.421   1.00 11.42 ? 66  VAL A C   1 
ATOM   535  O O   . VAL A 1 66  ? 12.095  -8.166  2.635   1.00 13.75 ? 66  VAL A O   1 
ATOM   536  C CB  . VAL A 1 66  ? 13.737  -10.640 2.164   1.00 12.91 ? 66  VAL A CB  1 
ATOM   537  C CG1 . VAL A 1 66  ? 15.040  -9.923  1.850   1.00 16.13 ? 66  VAL A CG1 1 
ATOM   538  C CG2 . VAL A 1 66  ? 13.913  -12.163 2.220   1.00 14.16 ? 66  VAL A CG2 1 
ATOM   539  N N   . ASP A 1 67  ? 13.664  -7.808  4.165   1.00 11.16 ? 67  ASP A N   1 
ATOM   540  C CA  . ASP A 1 67  ? 13.461  -6.381  4.128   1.00 13.24 ? 67  ASP A CA  1 
ATOM   541  C C   . ASP A 1 67  ? 13.787  -5.780  2.816   1.00 16.62 ? 67  ASP A C   1 
ATOM   542  O O   . ASP A 1 67  ? 14.698  -6.248  2.162   1.00 17.69 ? 67  ASP A O   1 
ATOM   543  C CB  . ASP A 1 67  ? 14.355  -5.501  4.969   1.00 29.01 ? 67  ASP A CB  1 
ATOM   544  C CG  . ASP A 1 67  ? 14.791  -6.336  6.093   1.00 46.77 ? 67  ASP A CG  1 
ATOM   545  O OD1 . ASP A 1 67  ? 14.086  -6.517  7.076   1.00 49.83 ? 67  ASP A OD1 1 
ATOM   546  O OD2 . ASP A 1 67  ? 15.957  -6.859  5.780   1.00 53.61 ? 67  ASP A OD2 1 
ATOM   547  N N   . PHE A 1 68  ? 13.083  -4.714  2.495   1.00 14.45 ? 68  PHE A N   1 
ATOM   548  C CA  . PHE A 1 68  ? 13.307  -4.014  1.249   1.00 10.59 ? 68  PHE A CA  1 
ATOM   549  C C   . PHE A 1 68  ? 12.926  -2.593  1.447   1.00 13.10 ? 68  PHE A C   1 
ATOM   550  O O   . PHE A 1 68  ? 12.393  -2.228  2.503   1.00 15.28 ? 68  PHE A O   1 
ATOM   551  C CB  . PHE A 1 68  ? 12.574  -4.655  0.102   1.00 14.14 ? 68  PHE A CB  1 
ATOM   552  C CG  . PHE A 1 68  ? 11.092  -4.410  0.115   1.00 17.47 ? 68  PHE A CG  1 
ATOM   553  C CD1 . PHE A 1 68  ? 10.267  -5.067  1.031   1.00 14.71 ? 68  PHE A CD1 1 
ATOM   554  C CD2 . PHE A 1 68  ? 10.524  -3.620  -0.886  1.00 21.64 ? 68  PHE A CD2 1 
ATOM   555  C CE1 . PHE A 1 68  ? 8.901   -4.808  1.023   1.00 16.39 ? 68  PHE A CE1 1 
ATOM   556  C CE2 . PHE A 1 68  ? 9.147   -3.387  -0.949  1.00 16.57 ? 68  PHE A CE2 1 
ATOM   557  C CZ  . PHE A 1 68  ? 8.358   -3.963  0.049   1.00 16.79 ? 68  PHE A CZ  1 
ATOM   558  N N   . ALA A 1 69  ? 13.278  -1.772  0.502   1.00 12.64 ? 69  ALA A N   1 
ATOM   559  C CA  . ALA A 1 69  ? 12.966  -0.369  0.743   1.00 16.86 ? 69  ALA A CA  1 
ATOM   560  C C   . ALA A 1 69  ? 11.886  0.067   -0.211  1.00 17.52 ? 69  ALA A C   1 
ATOM   561  O O   . ALA A 1 69  ? 11.773  -0.437  -1.339  1.00 17.58 ? 69  ALA A O   1 
ATOM   562  C CB  . ALA A 1 69  ? 14.229  0.474   0.583   1.00 21.38 ? 69  ALA A CB  1 
ATOM   563  N N   . TYR A 1 70  ? 11.046  0.995   0.236   1.00 18.19 ? 70  TYR A N   1 
ATOM   564  C CA  . TYR A 1 70  ? 9.971   1.425   -0.612  1.00 16.43 ? 70  TYR A CA  1 
ATOM   565  C C   . TYR A 1 70  ? 9.773   2.905   -0.381  1.00 14.00 ? 70  TYR A C   1 
ATOM   566  O O   . TYR A 1 70  ? 9.706   3.346   0.757   1.00 19.08 ? 70  TYR A O   1 
ATOM   567  C CB  . TYR A 1 70  ? 8.646   0.652   -0.251  1.00 19.41 ? 70  TYR A CB  1 
ATOM   568  C CG  . TYR A 1 70  ? 7.388   1.103   -1.007  1.00 15.09 ? 70  TYR A CG  1 
ATOM   569  C CD1 . TYR A 1 70  ? 7.177   0.728   -2.330  1.00 14.31 ? 70  TYR A CD1 1 
ATOM   570  C CD2 . TYR A 1 70  ? 6.427   1.935   -0.431  1.00 16.70 ? 70  TYR A CD2 1 
ATOM   571  C CE1 . TYR A 1 70  ? 6.066   1.107   -3.088  1.00 16.41 ? 70  TYR A CE1 1 
ATOM   572  C CE2 . TYR A 1 70  ? 5.287   2.303   -1.149  1.00 18.51 ? 70  TYR A CE2 1 
ATOM   573  C CZ  . TYR A 1 70  ? 5.110   1.921   -2.476  1.00 19.49 ? 70  TYR A CZ  1 
ATOM   574  O OH  . TYR A 1 70  ? 4.017   2.376   -3.189  1.00 17.13 ? 70  TYR A OH  1 
ATOM   575  N N   . SER A 1 71  ? 9.601   3.611   -1.483  1.00 11.54 ? 71  SER A N   1 
ATOM   576  C CA  . SER A 1 71  ? 9.317   5.013   -1.471  1.00 18.26 ? 71  SER A CA  1 
ATOM   577  C C   . SER A 1 71  ? 7.868   5.348   -1.821  1.00 16.00 ? 71  SER A C   1 
ATOM   578  O O   . SER A 1 71  ? 7.283   4.879   -2.822  1.00 16.94 ? 71  SER A O   1 
ATOM   579  C CB  . SER A 1 71  ? 10.125  5.675   -2.584  1.00 32.92 ? 71  SER A CB  1 
ATOM   580  O OG  . SER A 1 71  ? 11.474  5.814   -2.212  1.00 42.00 ? 71  SER A OG  1 
ATOM   581  N N   . LEU A 1 72  ? 7.313   6.210   -0.969  1.00 13.89 ? 72  LEU A N   1 
ATOM   582  C CA  . LEU A 1 72  ? 5.964   6.750   -1.138  1.00 20.49 ? 72  LEU A CA  1 
ATOM   583  C C   . LEU A 1 72  ? 6.000   7.757   -2.297  1.00 20.65 ? 72  LEU A C   1 
ATOM   584  O O   . LEU A 1 72  ? 7.041   8.312   -2.661  1.00 18.11 ? 72  LEU A O   1 
ATOM   585  C CB  . LEU A 1 72  ? 5.400   7.406   0.164   1.00 19.63 ? 72  LEU A CB  1 
ATOM   586  C CG  . LEU A 1 72  ? 5.276   6.421   1.329   1.00 22.09 ? 72  LEU A CG  1 
ATOM   587  C CD1 . LEU A 1 72  ? 4.541   7.025   2.538   1.00 19.29 ? 72  LEU A CD1 1 
ATOM   588  C CD2 . LEU A 1 72  ? 4.591   5.164   0.809   1.00 27.33 ? 72  LEU A CD2 1 
ATOM   589  N N   . ALA A 1 73  ? 4.855   8.056   -2.900  1.00 23.67 ? 73  ALA A N   1 
ATOM   590  C CA  . ALA A 1 73  ? 4.845   8.939   -4.038  1.00 24.69 ? 73  ALA A CA  1 
ATOM   591  C C   . ALA A 1 73  ? 5.348   10.317  -3.654  1.00 26.98 ? 73  ALA A C   1 
ATOM   592  O O   . ALA A 1 73  ? 5.879   11.084  -4.455  1.00 26.72 ? 73  ALA A O   1 
ATOM   593  C CB  . ALA A 1 73  ? 3.440   8.968   -4.627  1.00 20.54 ? 73  ALA A CB  1 
ATOM   594  N N   . ASP A 1 74  ? 5.218   10.631  -2.377  1.00 24.15 ? 74  ASP A N   1 
ATOM   595  C CA  . ASP A 1 74  ? 5.713   11.954  -2.061  1.00 24.89 ? 74  ASP A CA  1 
ATOM   596  C C   . ASP A 1 74  ? 7.184   12.034  -1.763  1.00 27.10 ? 74  ASP A C   1 
ATOM   597  O O   . ASP A 1 74  ? 7.671   13.084  -1.382  1.00 27.67 ? 74  ASP A O   1 
ATOM   598  C CB  . ASP A 1 74  ? 4.982   12.492  -0.853  1.00 27.68 ? 74  ASP A CB  1 
ATOM   599  C CG  . ASP A 1 74  ? 5.465   11.828  0.401   1.00 30.76 ? 74  ASP A CG  1 
ATOM   600  O OD1 . ASP A 1 74  ? 5.703   10.539  0.290   1.00 26.72 ? 74  ASP A OD1 1 
ATOM   601  O OD2 . ASP A 1 74  ? 5.557   12.454  1.445   1.00 35.25 ? 74  ASP A OD2 1 
ATOM   602  N N   . GLY A 1 75  ? 7.896   10.929  -1.921  1.00 27.29 ? 75  GLY A N   1 
ATOM   603  C CA  . GLY A 1 75  ? 9.313   10.918  -1.642  1.00 23.97 ? 75  GLY A CA  1 
ATOM   604  C C   . GLY A 1 75  ? 9.656   10.286  -0.293  1.00 21.54 ? 75  GLY A C   1 
ATOM   605  O O   . GLY A 1 75  ? 10.803  9.996   -0.037  1.00 25.00 ? 75  GLY A O   1 
ATOM   606  N N   . THR A 1 76  ? 8.703   10.019  0.596   1.00 15.31 ? 76  THR A N   1 
ATOM   607  C CA  . THR A 1 76  ? 8.924   9.419   1.898   1.00 13.23 ? 76  THR A CA  1 
ATOM   608  C C   . THR A 1 76  ? 9.385   7.992   1.761   1.00 13.09 ? 76  THR A C   1 
ATOM   609  O O   . THR A 1 76  ? 8.788   7.153   1.085   1.00 14.45 ? 76  THR A O   1 
ATOM   610  C CB  . THR A 1 76  ? 7.662   9.426   2.777   1.00 13.71 ? 76  THR A CB  1 
ATOM   611  O OG1 . THR A 1 76  ? 7.341   10.757  3.053   1.00 22.76 ? 76  THR A OG1 1 
ATOM   612  C CG2 . THR A 1 76  ? 7.901   8.810   4.136   1.00 12.07 ? 76  THR A CG2 1 
ATOM   613  N N   . GLU A 1 77  ? 10.498  7.752   2.445   1.00 14.35 ? 77  GLU A N   1 
ATOM   614  C CA  . GLU A 1 77  ? 11.072  6.410   2.397   1.00 19.75 ? 77  GLU A CA  1 
ATOM   615  C C   . GLU A 1 77  ? 10.744  5.506   3.566   1.00 16.13 ? 77  GLU A C   1 
ATOM   616  O O   . GLU A 1 77  ? 10.880  5.884   4.750   1.00 15.22 ? 77  GLU A O   1 
ATOM   617  C CB  . GLU A 1 77  ? 12.612  6.476   2.277   1.00 28.56 ? 77  GLU A CB  1 
ATOM   618  C CG  . GLU A 1 77  ? 13.003  6.616   0.792   1.00 38.33 ? 77  GLU A CG  1 
ATOM   619  C CD  . GLU A 1 77  ? 14.186  7.521   0.589   1.00 47.45 ? 77  GLU A CD  1 
ATOM   620  O OE1 . GLU A 1 77  ? 14.873  7.957   1.525   1.00 45.78 ? 77  GLU A OE1 1 
ATOM   621  O OE2 . GLU A 1 77  ? 14.323  7.789   -0.698  1.00 53.13 ? 77  GLU A OE2 1 
ATOM   622  N N   . LEU A 1 78  ? 10.442  4.265   3.197   1.00 13.95 ? 78  LEU A N   1 
ATOM   623  C CA  . LEU A 1 78  ? 10.164  3.277   4.227   1.00 13.11 ? 78  LEU A CA  1 
ATOM   624  C C   . LEU A 1 78  ? 11.046  2.047   4.002   1.00 12.83 ? 78  LEU A C   1 
ATOM   625  O O   . LEU A 1 78  ? 11.451  1.694   2.881   1.00 16.46 ? 78  LEU A O   1 
ATOM   626  C CB  . LEU A 1 78  ? 8.741   2.663   3.966   1.00 16.65 ? 78  LEU A CB  1 
ATOM   627  C CG  . LEU A 1 78  ? 7.568   3.647   3.810   1.00 19.75 ? 78  LEU A CG  1 
ATOM   628  C CD1 . LEU A 1 78  ? 6.247   2.881   3.660   1.00 17.98 ? 78  LEU A CD1 1 
ATOM   629  C CD2 . LEU A 1 78  ? 7.516   4.484   5.072   1.00 17.56 ? 78  LEU A CD2 1 
ATOM   630  N N   . THR A 1 79  ? 11.246  1.296   5.084   1.00 13.39 ? 79  THR A N   1 
ATOM   631  C CA  . THR A 1 79  ? 11.888  -0.004  4.933   1.00 13.98 ? 79  THR A CA  1 
ATOM   632  C C   . THR A 1 79  ? 11.071  -1.013  5.758   1.00 13.80 ? 79  THR A C   1 
ATOM   633  O O   . THR A 1 79  ? 10.503  -0.689  6.820   1.00 16.41 ? 79  THR A O   1 
ATOM   634  C CB  . THR A 1 79  ? 13.338  0.016   5.449   1.00 22.41 ? 79  THR A CB  1 
ATOM   635  O OG1 . THR A 1 79  ? 13.332  0.470   6.783   1.00 21.92 ? 79  THR A OG1 1 
ATOM   636  C CG2 . THR A 1 79  ? 14.097  1.070   4.649   1.00 26.35 ? 79  THR A CG2 1 
ATOM   637  N N   . GLY A 1 80  ? 10.945  -2.244  5.306   1.00 14.53 ? 80  GLY A N   1 
ATOM   638  C CA  . GLY A 1 80  ? 10.211  -3.161  6.148   1.00 11.65 ? 80  GLY A CA  1 
ATOM   639  C C   . GLY A 1 80  ? 10.061  -4.450  5.390   1.00 10.97 ? 80  GLY A C   1 
ATOM   640  O O   . GLY A 1 80  ? 10.722  -4.671  4.375   1.00 11.31 ? 80  GLY A O   1 
ATOM   641  N N   . THR A 1 81  ? 9.166   -5.323  5.871   1.00 12.05 ? 81  THR A N   1 
ATOM   642  C CA  . THR A 1 81  ? 8.897   -6.623  5.226   1.00 15.65 ? 81  THR A CA  1 
ATOM   643  C C   . THR A 1 81  ? 7.418   -6.917  5.127   1.00 15.65 ? 81  THR A C   1 
ATOM   644  O O   . THR A 1 81  ? 6.555   -6.395  5.844   1.00 20.33 ? 81  THR A O   1 
ATOM   645  C CB  . THR A 1 81  ? 9.359   -7.818  6.107   1.00 19.46 ? 81  THR A CB  1 
ATOM   646  O OG1 . THR A 1 81  ? 8.650   -7.658  7.323   1.00 23.72 ? 81  THR A OG1 1 
ATOM   647  C CG2 . THR A 1 81  ? 10.805  -7.526  6.446   1.00 17.17 ? 81  THR A CG2 1 
ATOM   648  N N   . TRP A 1 82  ? 7.164   -7.793  4.194   1.00 12.60 ? 82  TRP A N   1 
ATOM   649  C CA  . TRP A 1 82  ? 5.830   -8.292  4.065   1.00 11.85 ? 82  TRP A CA  1 
ATOM   650  C C   . TRP A 1 82  ? 5.991   -9.782  4.426   1.00 15.37 ? 82  TRP A C   1 
ATOM   651  O O   . TRP A 1 82  ? 6.947   -10.476 4.013   1.00 15.90 ? 82  TRP A O   1 
ATOM   652  C CB  . TRP A 1 82  ? 5.318   -8.270  2.601   1.00 15.10 ? 82  TRP A CB  1 
ATOM   653  C CG  . TRP A 1 82  ? 4.888   -6.934  2.063   1.00 18.49 ? 82  TRP A CG  1 
ATOM   654  C CD1 . TRP A 1 82  ? 5.534   -6.179  1.140   1.00 14.72 ? 82  TRP A CD1 1 
ATOM   655  C CD2 . TRP A 1 82  ? 3.638   -6.259  2.313   1.00 17.88 ? 82  TRP A CD2 1 
ATOM   656  N NE1 . TRP A 1 82  ? 4.797   -5.037  0.861   1.00 13.68 ? 82  TRP A NE1 1 
ATOM   657  C CE2 . TRP A 1 82  ? 3.608   -5.084  1.534   1.00 14.86 ? 82  TRP A CE2 1 
ATOM   658  C CE3 . TRP A 1 82  ? 2.554   -6.563  3.135   1.00 21.25 ? 82  TRP A CE3 1 
ATOM   659  C CZ2 . TRP A 1 82  ? 2.552   -4.183  1.546   1.00 15.95 ? 82  TRP A CZ2 1 
ATOM   660  C CZ3 . TRP A 1 82  ? 1.488   -5.685  3.115   1.00 19.61 ? 82  TRP A CZ3 1 
ATOM   661  C CH2 . TRP A 1 82  ? 1.526   -4.488  2.387   1.00 16.67 ? 82  TRP A CH2 1 
ATOM   662  N N   . THR A 1 83  ? 4.994   -10.343 5.120   1.00 15.49 ? 83  THR A N   1 
ATOM   663  C CA  . THR A 1 83  ? 4.956   -11.769 5.435   1.00 17.93 ? 83  THR A CA  1 
ATOM   664  C C   . THR A 1 83  ? 3.526   -12.263 5.282   1.00 18.11 ? 83  THR A C   1 
ATOM   665  O O   . THR A 1 83  ? 2.595   -11.489 5.326   1.00 20.90 ? 83  THR A O   1 
ATOM   666  C CB  . THR A 1 83  ? 5.538   -12.108 6.806   1.00 25.86 ? 83  THR A CB  1 
ATOM   667  O OG1 . THR A 1 83  ? 4.665   -11.556 7.752   1.00 33.05 ? 83  THR A OG1 1 
ATOM   668  C CG2 . THR A 1 83  ? 6.859   -11.365 6.922   1.00 25.40 ? 83  THR A CG2 1 
ATOM   669  N N   . MET A 1 84  ? 3.328   -13.498 4.930   1.00 18.03 ? 84  MET A N   1 
ATOM   670  C CA  . MET A 1 84  ? 1.982   -14.019 4.725   1.00 22.38 ? 84  MET A CA  1 
ATOM   671  C C   . MET A 1 84  ? 1.545   -14.615 6.046   1.00 30.67 ? 84  MET A C   1 
ATOM   672  O O   . MET A 1 84  ? 2.237   -15.501 6.555   1.00 31.62 ? 84  MET A O   1 
ATOM   673  C CB  . MET A 1 84  ? 2.071   -15.099 3.631   1.00 25.00 ? 84  MET A CB  1 
ATOM   674  C CG  . MET A 1 84  ? 0.764   -15.707 3.143   1.00 33.33 ? 84  MET A CG  1 
ATOM   675  S SD  . MET A 1 84  ? 0.012   -14.703 1.830   1.00 41.06 ? 84  MET A SD  1 
ATOM   676  C CE  . MET A 1 84  ? 0.844   -15.414 0.380   1.00 39.55 ? 84  MET A CE  1 
ATOM   677  N N   . GLU A 1 85  ? 0.459   -14.141 6.649   1.00 30.83 ? 85  GLU A N   1 
ATOM   678  C CA  . GLU A 1 85  ? 0.017   -14.673 7.928   1.00 41.26 ? 85  GLU A CA  1 
ATOM   679  C C   . GLU A 1 85  ? -1.389  -15.157 7.647   1.00 50.25 ? 85  GLU A C   1 
ATOM   680  O O   . GLU A 1 85  ? -2.296  -14.356 7.381   1.00 49.57 ? 85  GLU A O   1 
ATOM   681  C CB  . GLU A 1 85  ? -0.102  -13.569 8.984   1.00 46.28 ? 85  GLU A CB  1 
ATOM   682  C CG  . GLU A 1 85  ? 0.592   -13.863 10.323  1.00 56.58 ? 85  GLU A CG  1 
ATOM   683  C CD  . GLU A 1 85  ? 1.897   -13.104 10.371  1.00 66.62 ? 85  GLU A CD  1 
ATOM   684  O OE1 . GLU A 1 85  ? 2.828   -13.669 9.648   1.00 70.14 ? 85  GLU A OE1 1 
ATOM   685  O OE2 . GLU A 1 85  ? 2.049   -12.072 11.015  1.00 68.34 ? 85  GLU A OE2 1 
ATOM   686  N N   . GLY A 1 86  ? -1.580  -16.472 7.685   1.00 52.18 ? 86  GLY A N   1 
ATOM   687  C CA  . GLY A 1 86  ? -2.898  -16.950 7.349   1.00 48.22 ? 86  GLY A CA  1 
ATOM   688  C C   . GLY A 1 86  ? -3.055  -16.687 5.859   1.00 43.82 ? 86  GLY A C   1 
ATOM   689  O O   . GLY A 1 86  ? -2.254  -17.142 5.039   1.00 42.64 ? 86  GLY A O   1 
ATOM   690  N N   . ASN A 1 87  ? -4.116  -15.964 5.519   1.00 42.22 ? 87  ASN A N   1 
ATOM   691  C CA  . ASN A 1 87  ? -4.432  -15.629 4.134   1.00 42.56 ? 87  ASN A CA  1 
ATOM   692  C C   . ASN A 1 87  ? -4.196  -14.167 3.772   1.00 28.46 ? 87  ASN A C   1 
ATOM   693  O O   . ASN A 1 87  ? -4.618  -13.694 2.725   1.00 26.32 ? 87  ASN A O   1 
ATOM   694  C CB  . ASN A 1 87  ? -5.890  -15.991 3.824   1.00 55.85 ? 87  ASN A CB  1 
ATOM   695  C CG  . ASN A 1 87  ? -5.960  -17.144 2.849   1.00 70.47 ? 87  ASN A CG  1 
ATOM   696  O OD1 . ASN A 1 87  ? -5.482  -17.012 1.701   1.00 74.90 ? 87  ASN A OD1 1 
ATOM   697  N ND2 . ASN A 1 87  ? -6.555  -18.251 3.307   1.00 75.39 ? 87  ASN A ND2 1 
ATOM   698  N N   . LYS A 1 88  ? -3.580  -13.450 4.682   1.00 19.31 ? 88  LYS A N   1 
ATOM   699  C CA  . LYS A 1 88  ? -3.338  -12.050 4.502   1.00 23.49 ? 88  LYS A CA  1 
ATOM   700  C C   . LYS A 1 88  ? -1.860  -11.736 4.376   1.00 23.47 ? 88  LYS A C   1 
ATOM   701  O O   . LYS A 1 88  ? -1.034  -12.456 4.901   1.00 21.69 ? 88  LYS A O   1 
ATOM   702  C CB  . LYS A 1 88  ? -3.682  -11.364 5.812   1.00 27.25 ? 88  LYS A CB  1 
ATOM   703  C CG  . LYS A 1 88  ? -5.071  -11.611 6.338   1.00 34.23 ? 88  LYS A CG  1 
ATOM   704  C CD  . LYS A 1 88  ? -5.354  -10.689 7.514   1.00 40.14 ? 88  LYS A CD  1 
ATOM   705  C CE  . LYS A 1 88  ? -6.759  -10.847 8.065   1.00 46.26 ? 88  LYS A CE  1 
ATOM   706  N NZ  . LYS A 1 88  ? -7.110  -9.783  9.026   1.00 51.16 ? 88  LYS A NZ  1 
ATOM   707  N N   . LEU A 1 89  ? -1.564  -10.613 3.731   1.00 15.18 ? 89  LEU A N   1 
ATOM   708  C CA  . LEU A 1 89  ? -0.202  -10.128 3.678   1.00 14.94 ? 89  LEU A CA  1 
ATOM   709  C C   . LEU A 1 89  ? -0.099  -9.076  4.775   1.00 19.89 ? 89  LEU A C   1 
ATOM   710  O O   . LEU A 1 89  ? -0.940  -8.162  4.772   1.00 21.12 ? 89  LEU A O   1 
ATOM   711  C CB  . LEU A 1 89  ? 0.098   -9.482  2.331   1.00 19.69 ? 89  LEU A CB  1 
ATOM   712  C CG  . LEU A 1 89  ? 0.423   -10.470 1.223   1.00 23.50 ? 89  LEU A CG  1 
ATOM   713  C CD1 . LEU A 1 89  ? 0.466   -9.738  -0.118  1.00 21.89 ? 89  LEU A CD1 1 
ATOM   714  C CD2 . LEU A 1 89  ? 1.816   -11.024 1.529   1.00 22.28 ? 89  LEU A CD2 1 
ATOM   715  N N   . VAL A 1 90  ? 0.863   -9.219  5.710   1.00 10.83 ? 90  VAL A N   1 
ATOM   716  C CA  . VAL A 1 90  ? 1.004   -8.282  6.762   1.00 11.70 ? 90  VAL A CA  1 
ATOM   717  C C   . VAL A 1 90  ? 2.317   -7.570  6.518   1.00 17.06 ? 90  VAL A C   1 
ATOM   718  O O   . VAL A 1 90  ? 3.352   -8.256  6.367   1.00 14.34 ? 90  VAL A O   1 
ATOM   719  C CB  . VAL A 1 90  ? 1.024   -9.039  8.074   1.00 18.62 ? 90  VAL A CB  1 
ATOM   720  C CG1 . VAL A 1 90  ? 1.185   -7.978  9.144   1.00 20.23 ? 90  VAL A CG1 1 
ATOM   721  C CG2 . VAL A 1 90  ? -0.264  -9.829  8.304   1.00 19.32 ? 90  VAL A CG2 1 
ATOM   722  N N   . GLY A 1 91  ? 2.298   -6.228  6.442   1.00 13.93 ? 91  GLY A N   1 
ATOM   723  C CA  . GLY A 1 91  ? 3.502   -5.504  6.148   1.00 13.21 ? 91  GLY A CA  1 
ATOM   724  C C   . GLY A 1 91  ? 3.933   -4.677  7.331   1.00 15.41 ? 91  GLY A C   1 
ATOM   725  O O   . GLY A 1 91  ? 3.126   -3.878  7.842   1.00 16.12 ? 91  GLY A O   1 
ATOM   726  N N   . LYS A 1 92  ? 5.160   -4.848  7.822   1.00 11.42 ? 92  LYS A N   1 
ATOM   727  C CA  . LYS A 1 92  ? 5.613   -4.041  8.964   1.00 14.92 ? 92  LYS A CA  1 
ATOM   728  C C   . LYS A 1 92  ? 6.740   -3.146  8.445   1.00 15.40 ? 92  LYS A C   1 
ATOM   729  O O   . LYS A 1 92  ? 7.783   -3.682  8.052   1.00 12.32 ? 92  LYS A O   1 
ATOM   730  C CB  . LYS A 1 92  ? 6.136   -4.896  10.113  1.00 19.01 ? 92  LYS A CB  1 
ATOM   731  C CG  . LYS A 1 92  ? 5.078   -5.889  10.551  1.00 27.31 ? 92  LYS A CG  1 
ATOM   732  C CD  . LYS A 1 92  ? 5.448   -6.693  11.779  1.00 36.76 ? 92  LYS A CD  1 
ATOM   733  C CE  . LYS A 1 92  ? 4.663   -8.007  11.846  1.00 47.65 ? 92  LYS A CE  1 
ATOM   734  N NZ  . LYS A 1 92  ? 4.409   -8.483  13.223  1.00 52.61 ? 92  LYS A NZ  1 
ATOM   735  N N   . PHE A 1 93  ? 6.476   -1.845  8.399   1.00 11.38 ? 93  PHE A N   1 
ATOM   736  C CA  . PHE A 1 93  ? 7.403   -0.869  7.865   1.00 11.95 ? 93  PHE A CA  1 
ATOM   737  C C   . PHE A 1 93  ? 7.775   0.182   8.875   1.00 14.75 ? 93  PHE A C   1 
ATOM   738  O O   . PHE A 1 93  ? 7.183   0.289   9.929   1.00 16.00 ? 93  PHE A O   1 
ATOM   739  C CB  . PHE A 1 93  ? 6.756   -0.117  6.708   1.00 10.98 ? 93  PHE A CB  1 
ATOM   740  C CG  . PHE A 1 93  ? 6.547   -1.111  5.601   1.00 14.57 ? 93  PHE A CG  1 
ATOM   741  C CD1 . PHE A 1 93  ? 7.606   -1.430  4.750   1.00 18.76 ? 93  PHE A CD1 1 
ATOM   742  C CD2 . PHE A 1 93  ? 5.325   -1.767  5.458   1.00 20.78 ? 93  PHE A CD2 1 
ATOM   743  C CE1 . PHE A 1 93  ? 7.472   -2.394  3.749   1.00 22.40 ? 93  PHE A CE1 1 
ATOM   744  C CE2 . PHE A 1 93  ? 5.164   -2.715  4.446   1.00 22.81 ? 93  PHE A CE2 1 
ATOM   745  C CZ  . PHE A 1 93  ? 6.241   -3.041  3.619   1.00 19.20 ? 93  PHE A CZ  1 
ATOM   746  N N   . LYS A 1 94  ? 8.780   0.951   8.542   1.00 10.40 ? 94  LYS A N   1 
ATOM   747  C CA  . LYS A 1 94  ? 9.147   2.014   9.454   1.00 14.32 ? 94  LYS A CA  1 
ATOM   748  C C   . LYS A 1 94  ? 9.588   3.146   8.560   1.00 14.81 ? 94  LYS A C   1 
ATOM   749  O O   . LYS A 1 94  ? 10.188  2.889   7.520   1.00 13.63 ? 94  LYS A O   1 
ATOM   750  C CB  . LYS A 1 94  ? 10.333  1.441   10.215  1.00 25.18 ? 94  LYS A CB  1 
ATOM   751  C CG  . LYS A 1 94  ? 11.118  2.329   11.142  1.00 37.30 ? 94  LYS A CG  1 
ATOM   752  C CD  . LYS A 1 94  ? 12.134  1.441   11.832  1.00 41.10 ? 94  LYS A CD  1 
ATOM   753  C CE  . LYS A 1 94  ? 11.438  0.193   12.373  1.00 45.09 ? 94  LYS A CE  1 
ATOM   754  N NZ  . LYS A 1 94  ? 10.591  0.417   13.561  1.00 47.76 ? 94  LYS A NZ  1 
ATOM   755  N N   . ARG A 1 95  ? 9.233   4.373   8.886   1.00 12.78 ? 95  ARG A N   1 
ATOM   756  C CA  . ARG A 1 95  ? 9.693   5.480   8.061   1.00 12.85 ? 95  ARG A CA  1 
ATOM   757  C C   . ARG A 1 95  ? 11.181  5.664   8.354   1.00 17.36 ? 95  ARG A C   1 
ATOM   758  O O   . ARG A 1 95  ? 11.560  5.743   9.500   1.00 18.61 ? 95  ARG A O   1 
ATOM   759  C CB  . ARG A 1 95  ? 9.026   6.794   8.514   1.00 13.84 ? 95  ARG A CB  1 
ATOM   760  C CG  . ARG A 1 95  ? 7.624   6.939   7.961   1.00 12.96 ? 95  ARG A CG  1 
ATOM   761  C CD  . ARG A 1 95  ? 6.958   8.223   8.412   1.00 13.75 ? 95  ARG A CD  1 
ATOM   762  N NE  . ARG A 1 95  ? 7.683   9.390   7.956   1.00 15.90 ? 95  ARG A NE  1 
ATOM   763  C CZ  . ARG A 1 95  ? 7.079   10.501  7.567   1.00 23.02 ? 95  ARG A CZ  1 
ATOM   764  N NH1 . ARG A 1 95  ? 5.752   10.596  7.529   1.00 23.67 ? 95  ARG A NH1 1 
ATOM   765  N NH2 . ARG A 1 95  ? 7.821   11.530  7.159   1.00 23.78 ? 95  ARG A NH2 1 
ATOM   766  N N   . VAL A 1 96  ? 12.019  5.861   7.354   1.00 16.61 ? 96  VAL A N   1 
ATOM   767  C CA  . VAL A 1 96  ? 13.433  6.051   7.602   1.00 19.59 ? 96  VAL A CA  1 
ATOM   768  C C   . VAL A 1 96  ? 13.723  7.374   8.304   1.00 19.69 ? 96  VAL A C   1 
ATOM   769  O O   . VAL A 1 96  ? 14.563  7.412   9.201   1.00 21.82 ? 96  VAL A O   1 
ATOM   770  C CB  . VAL A 1 96  ? 14.158  5.896   6.248   1.00 19.51 ? 96  VAL A CB  1 
ATOM   771  C CG1 . VAL A 1 96  ? 15.639  6.193   6.404   1.00 22.37 ? 96  VAL A CG1 1 
ATOM   772  C CG2 . VAL A 1 96  ? 14.002  4.484   5.695   1.00 17.37 ? 96  VAL A CG2 1 
ATOM   773  N N   . ASP A 1 97  ? 13.029  8.463   7.978   1.00 13.02 ? 97  ASP A N   1 
ATOM   774  C CA  . ASP A 1 97  ? 13.311  9.738   8.623   1.00 15.03 ? 97  ASP A CA  1 
ATOM   775  C C   . ASP A 1 97  ? 13.051  9.884   10.101  1.00 17.98 ? 97  ASP A C   1 
ATOM   776  O O   . ASP A 1 97  ? 13.881  10.378  10.854  1.00 19.23 ? 97  ASP A O   1 
ATOM   777  C CB  . ASP A 1 97  ? 12.529  10.875  7.965   1.00 19.76 ? 97  ASP A CB  1 
ATOM   778  C CG  . ASP A 1 97  ? 11.031  10.678  7.860   1.00 28.11 ? 97  ASP A CG  1 
ATOM   779  O OD1 . ASP A 1 97  ? 10.433  9.730   8.381   1.00 21.26 ? 97  ASP A OD1 1 
ATOM   780  O OD2 . ASP A 1 97  ? 10.436  11.636  7.126   1.00 29.94 ? 97  ASP A OD2 1 
ATOM   781  N N   . ASN A 1 98  ? 11.842  9.529   10.527  1.00 14.88 ? 98  ASN A N   1 
ATOM   782  C CA  . ASN A 1 98  ? 11.441  9.655   11.899  1.00 15.98 ? 98  ASN A CA  1 
ATOM   783  C C   . ASN A 1 98  ? 11.318  8.381   12.723  1.00 15.77 ? 98  ASN A C   1 
ATOM   784  O O   . ASN A 1 98  ? 10.935  8.488   13.898  1.00 17.85 ? 98  ASN A O   1 
ATOM   785  C CB  . ASN A 1 98  ? 10.203  10.562  12.075  1.00 17.18 ? 98  ASN A CB  1 
ATOM   786  C CG  . ASN A 1 98  ? 8.944   9.958   11.457  1.00 20.05 ? 98  ASN A CG  1 
ATOM   787  O OD1 . ASN A 1 98  ? 7.938   10.685  11.221  1.00 22.68 ? 98  ASN A OD1 1 
ATOM   788  N ND2 . ASN A 1 98  ? 8.989   8.643   11.231  1.00 11.75 ? 98  ASN A ND2 1 
ATOM   789  N N   . GLY A 1 99  ? 11.610  7.219   12.115  1.00 11.65 ? 99  GLY A N   1 
ATOM   790  C CA  . GLY A 1 99  ? 11.572  5.954   12.791  1.00 12.89 ? 99  GLY A CA  1 
ATOM   791  C C   . GLY A 1 99  ? 10.215  5.431   13.231  1.00 16.45 ? 99  GLY A C   1 
ATOM   792  O O   . GLY A 1 99  ? 10.192  4.390   13.908  1.00 20.39 ? 99  GLY A O   1 
ATOM   793  N N   . LYS A 1 100 ? 9.134   6.109   12.863  1.00 14.15 ? 100 LYS A N   1 
ATOM   794  C CA  . LYS A 1 100 ? 7.794   5.671   13.271  1.00 13.84 ? 100 LYS A CA  1 
ATOM   795  C C   . LYS A 1 100 ? 7.250   4.505   12.466  1.00 12.72 ? 100 LYS A C   1 
ATOM   796  O O   . LYS A 1 100 ? 7.484   4.396   11.286  1.00 15.95 ? 100 LYS A O   1 
ATOM   797  C CB  . LYS A 1 100 ? 6.826   6.858   13.300  1.00 15.68 ? 100 LYS A CB  1 
ATOM   798  C CG  . LYS A 1 100 ? 7.149   7.703   14.539  1.00 21.69 ? 100 LYS A CG  1 
ATOM   799  C CD  . LYS A 1 100 ? 6.823   9.179   14.423  1.00 34.92 ? 100 LYS A CD  1 
ATOM   800  C CE  . LYS A 1 100 ? 7.330   9.960   15.634  1.00 41.61 ? 100 LYS A CE  1 
ATOM   801  N NZ  . LYS A 1 100 ? 7.172   9.161   16.868  1.00 43.14 ? 100 LYS A NZ  1 
ATOM   802  N N   . GLU A 1 101 ? 6.564   3.600   13.103  1.00 11.45 ? 101 GLU A N   1 
ATOM   803  C CA  . GLU A 1 101 ? 6.060   2.410   12.465  1.00 12.09 ? 101 GLU A CA  1 
ATOM   804  C C   . GLU A 1 101 ? 4.807   2.653   11.623  1.00 10.91 ? 101 GLU A C   1 
ATOM   805  O O   . GLU A 1 101 ? 3.944   3.463   11.941  1.00 12.27 ? 101 GLU A O   1 
ATOM   806  C CB  . GLU A 1 101 ? 5.710   1.501   13.651  1.00 19.87 ? 101 GLU A CB  1 
ATOM   807  C CG  . GLU A 1 101 ? 5.184   0.096   13.326  1.00 32.64 ? 101 GLU A CG  1 
ATOM   808  C CD  . GLU A 1 101 ? 4.625   -0.578  14.558  1.00 42.75 ? 101 GLU A CD  1 
ATOM   809  O OE1 . GLU A 1 101 ? 3.720   0.135   15.191  1.00 46.36 ? 101 GLU A OE1 1 
ATOM   810  O OE2 . GLU A 1 101 ? 4.971   -1.687  14.922  1.00 46.74 ? 101 GLU A OE2 1 
ATOM   811  N N   . LEU A 1 102 ? 4.720   1.903   10.557  1.00 9.05  ? 102 LEU A N   1 
ATOM   812  C CA  . LEU A 1 102 ? 3.610   1.989   9.635   1.00 10.37 ? 102 LEU A CA  1 
ATOM   813  C C   . LEU A 1 102 ? 3.256   0.555   9.296   1.00 14.68 ? 102 LEU A C   1 
ATOM   814  O O   . LEU A 1 102 ? 4.089   -0.176  8.785   1.00 14.41 ? 102 LEU A O   1 
ATOM   815  C CB  . LEU A 1 102 ? 3.960   2.818   8.375   1.00 15.05 ? 102 LEU A CB  1 
ATOM   816  C CG  . LEU A 1 102 ? 2.742   3.158   7.478   1.00 22.41 ? 102 LEU A CG  1 
ATOM   817  C CD1 . LEU A 1 102 ? 3.122   4.139   6.357   1.00 19.06 ? 102 LEU A CD1 1 
ATOM   818  C CD2 . LEU A 1 102 ? 2.182   1.862   6.874   1.00 25.95 ? 102 LEU A CD2 1 
ATOM   819  N N   . ILE A 1 103 ? 2.040   0.121   9.663   1.00 14.57 ? 103 ILE A N   1 
ATOM   820  C CA  . ILE A 1 103 ? 1.578   -1.231  9.424   1.00 15.21 ? 103 ILE A CA  1 
ATOM   821  C C   . ILE A 1 103 ? 0.604   -1.277  8.265   1.00 14.55 ? 103 ILE A C   1 
ATOM   822  O O   . ILE A 1 103 ? -0.170  -0.376  8.053   1.00 16.12 ? 103 ILE A O   1 
ATOM   823  C CB  . ILE A 1 103 ? 0.816   -1.747  10.649  1.00 16.34 ? 103 ILE A CB  1 
ATOM   824  C CG1 . ILE A 1 103 ? 1.712   -1.760  11.887  1.00 21.49 ? 103 ILE A CG1 1 
ATOM   825  C CG2 . ILE A 1 103 ? 0.338   -3.147  10.328  1.00 13.45 ? 103 ILE A CG2 1 
ATOM   826  C CD1 . ILE A 1 103 ? 2.957   -2.637  11.783  1.00 21.10 ? 103 ILE A CD1 1 
ATOM   827  N N   . ALA A 1 104 ? 0.649   -2.327  7.474   1.00 10.86 ? 104 ALA A N   1 
ATOM   828  C CA  . ALA A 1 104 ? -0.293  -2.429  6.373   1.00 11.68 ? 104 ALA A CA  1 
ATOM   829  C C   . ALA A 1 104 ? -0.728  -3.880  6.321   1.00 16.84 ? 104 ALA A C   1 
ATOM   830  O O   . ALA A 1 104 ? 0.043   -4.802  6.577   1.00 20.77 ? 104 ALA A O   1 
ATOM   831  C CB  . ALA A 1 104 ? 0.360   -2.046  5.058   1.00 16.25 ? 104 ALA A CB  1 
ATOM   832  N N   . VAL A 1 105 ? -2.001  -4.109  6.038   1.00 11.70 ? 105 VAL A N   1 
ATOM   833  C CA  . VAL A 1 105 ? -2.492  -5.463  5.925   1.00 10.11 ? 105 VAL A CA  1 
ATOM   834  C C   . VAL A 1 105 ? -3.243  -5.502  4.597   1.00 14.08 ? 105 VAL A C   1 
ATOM   835  O O   . VAL A 1 105 ? -3.913  -4.521  4.227   1.00 17.15 ? 105 VAL A O   1 
ATOM   836  C CB  . VAL A 1 105 ? -3.440  -5.710  7.098   1.00 12.25 ? 105 VAL A CB  1 
ATOM   837  C CG1 . VAL A 1 105 ? -4.089  -7.098  6.987   1.00 15.27 ? 105 VAL A CG1 1 
ATOM   838  C CG2 . VAL A 1 105 ? -2.686  -5.458  8.409   1.00 12.32 ? 105 VAL A CG2 1 
ATOM   839  N N   . GLN A 1 106 ? -3.122  -6.607  3.885   1.00 9.47  ? 106 GLN A N   1 
ATOM   840  C CA  . GLN A 1 106 ? -3.816  -6.720  2.637   1.00 11.22 ? 106 GLN A CA  1 
ATOM   841  C C   . GLN A 1 106 ? -4.625  -8.010  2.748   1.00 15.23 ? 106 GLN A C   1 
ATOM   842  O O   . GLN A 1 106 ? -4.078  -9.049  3.132   1.00 14.94 ? 106 GLN A O   1 
ATOM   843  C CB  . GLN A 1 106 ? -2.984  -6.985  1.378   1.00 16.32 ? 106 GLN A CB  1 
ATOM   844  C CG  . GLN A 1 106 ? -2.001  -5.890  0.995   1.00 23.36 ? 106 GLN A CG  1 
ATOM   845  C CD  . GLN A 1 106 ? -2.064  -5.993  -0.524  1.00 29.02 ? 106 GLN A CD  1 
ATOM   846  O OE1 . GLN A 1 106 ? -1.808  -5.023  -1.206  1.00 31.40 ? 106 GLN A OE1 1 
ATOM   847  N NE2 . GLN A 1 106 ? -2.415  -7.156  -1.079  1.00 30.22 ? 106 GLN A NE2 1 
ATOM   848  N N   . GLU A 1 107 ? -5.917  -7.922  2.433   1.00 16.52 ? 107 GLU A N   1 
ATOM   849  C CA  . GLU A 1 107 ? -6.688  -9.167  2.489   1.00 21.58 ? 107 GLU A CA  1 
ATOM   850  C C   . GLU A 1 107 ? -7.756  -9.161  1.415   1.00 16.05 ? 107 GLU A C   1 
ATOM   851  O O   . GLU A 1 107 ? -8.087  -8.128  0.879   1.00 16.25 ? 107 GLU A O   1 
ATOM   852  C CB  . GLU A 1 107 ? -7.301  -9.378  3.875   1.00 27.03 ? 107 GLU A CB  1 
ATOM   853  C CG  . GLU A 1 107 ? -8.354  -8.297  4.079   1.00 33.16 ? 107 GLU A CG  1 
ATOM   854  C CD  . GLU A 1 107 ? -8.641  -8.148  5.537   1.00 38.39 ? 107 GLU A CD  1 
ATOM   855  O OE1 . GLU A 1 107 ? -8.854  -9.319  6.095   1.00 37.80 ? 107 GLU A OE1 1 
ATOM   856  O OE2 . GLU A 1 107 ? -8.626  -7.063  6.096   1.00 37.60 ? 107 GLU A OE2 1 
ATOM   857  N N   . ILE A 1 108 ? -8.240  -10.324 1.044   1.00 13.72 ? 108 ILE A N   1 
ATOM   858  C CA  . ILE A 1 108 ? -9.311  -10.419 0.058   1.00 14.50 ? 108 ILE A CA  1 
ATOM   859  C C   . ILE A 1 108 ? -10.653 -10.508 0.818   1.00 19.42 ? 108 ILE A C   1 
ATOM   860  O O   . ILE A 1 108 ? -10.805 -11.294 1.740   1.00 22.51 ? 108 ILE A O   1 
ATOM   861  C CB  . ILE A 1 108 ? -9.186  -11.723 -0.735  1.00 17.82 ? 108 ILE A CB  1 
ATOM   862  C CG1 . ILE A 1 108 ? -7.866  -11.872 -1.479  1.00 21.22 ? 108 ILE A CG1 1 
ATOM   863  C CG2 . ILE A 1 108 ? -10.312 -11.910 -1.765  1.00 18.84 ? 108 ILE A CG2 1 
ATOM   864  C CD1 . ILE A 1 108 ? -7.713  -10.799 -2.544  1.00 24.76 ? 108 ILE A CD1 1 
ATOM   865  N N   . SER A 1 109 ? -11.663 -9.734  0.437   1.00 18.82 ? 109 SER A N   1 
ATOM   866  C CA  . SER A 1 109 ? -12.997 -9.737  1.030   1.00 21.88 ? 109 SER A CA  1 
ATOM   867  C C   . SER A 1 109 ? -13.922 -9.976  -0.140  1.00 22.26 ? 109 SER A C   1 
ATOM   868  O O   . SER A 1 109 ? -14.209 -9.135  -1.005  1.00 18.54 ? 109 SER A O   1 
ATOM   869  C CB  . SER A 1 109 ? -13.390 -8.403  1.610   1.00 28.11 ? 109 SER A CB  1 
ATOM   870  O OG  . SER A 1 109 ? -14.766 -8.469  1.902   1.00 32.14 ? 109 SER A OG  1 
ATOM   871  N N   . GLY A 1 110 ? -14.308 -11.229 -0.244  1.00 28.16 ? 110 GLY A N   1 
ATOM   872  C CA  . GLY A 1 110 ? -15.149 -11.612 -1.353  1.00 29.57 ? 110 GLY A CA  1 
ATOM   873  C C   . GLY A 1 110 ? -14.330 -11.480 -2.608  1.00 27.82 ? 110 GLY A C   1 
ATOM   874  O O   . GLY A 1 110 ? -13.389 -12.214 -2.832  1.00 31.13 ? 110 GLY A O   1 
ATOM   875  N N   . ASN A 1 111 ? -14.685 -10.528 -3.435  1.00 28.21 ? 111 ASN A N   1 
ATOM   876  C CA  . ASN A 1 111 ? -13.905 -10.347 -4.628  1.00 24.39 ? 111 ASN A CA  1 
ATOM   877  C C   . ASN A 1 111 ? -13.254 -8.952  -4.624  1.00 19.96 ? 111 ASN A C   1 
ATOM   878  O O   . ASN A 1 111 ? -12.952 -8.345  -5.654  1.00 19.49 ? 111 ASN A O   1 
ATOM   879  C CB  . ASN A 1 111 ? -14.807 -10.600 -5.841  1.00 37.97 ? 111 ASN A CB  1 
ATOM   880  C CG  . ASN A 1 111 ? -15.879 -9.548  -6.106  1.00 44.22 ? 111 ASN A CG  1 
ATOM   881  O OD1 . ASN A 1 111 ? -16.513 -9.577  -7.177  1.00 52.42 ? 111 ASN A OD1 1 
ATOM   882  N ND2 . ASN A 1 111 ? -16.092 -8.630  -5.166  1.00 39.58 ? 111 ASN A ND2 1 
ATOM   883  N N   . GLU A 1 112 ? -13.088 -8.384  -3.440  1.00 12.18 ? 112 GLU A N   1 
ATOM   884  C CA  . GLU A 1 112 ? -12.464 -7.094  -3.355  1.00 12.16 ? 112 GLU A CA  1 
ATOM   885  C C   . GLU A 1 112 ? -11.150 -7.288  -2.625  1.00 18.05 ? 112 GLU A C   1 
ATOM   886  O O   . GLU A 1 112 ? -11.041 -8.203  -1.790  1.00 19.82 ? 112 GLU A O   1 
ATOM   887  C CB  . GLU A 1 112 ? -13.328 -6.139  -2.518  1.00 13.28 ? 112 GLU A CB  1 
ATOM   888  C CG  . GLU A 1 112 ? -14.475 -5.587  -3.374  1.00 14.88 ? 112 GLU A CG  1 
ATOM   889  C CD  . GLU A 1 112 ? -15.334 -4.601  -2.628  1.00 20.48 ? 112 GLU A CD  1 
ATOM   890  O OE1 . GLU A 1 112 ? -15.440 -4.820  -1.336  1.00 20.58 ? 112 GLU A OE1 1 
ATOM   891  O OE2 . GLU A 1 112 ? -15.891 -3.687  -3.182  1.00 25.49 ? 112 GLU A OE2 1 
ATOM   892  N N   . LEU A 1 113 ? -10.198 -6.402  -2.917  1.00 14.19 ? 113 LEU A N   1 
ATOM   893  C CA  . LEU A 1 113 ? -8.883  -6.418  -2.252  1.00 13.61 ? 113 LEU A CA  1 
ATOM   894  C C   . LEU A 1 113 ? -8.873  -5.244  -1.288  1.00 11.59 ? 113 LEU A C   1 
ATOM   895  O O   . LEU A 1 113 ? -9.153  -4.078  -1.638  1.00 9.88  ? 113 LEU A O   1 
ATOM   896  C CB  . LEU A 1 113 ? -7.702  -6.269  -3.254  1.00 17.46 ? 113 LEU A CB  1 
ATOM   897  C CG  . LEU A 1 113 ? -6.332  -6.102  -2.591  1.00 24.21 ? 113 LEU A CG  1 
ATOM   898  C CD1 . LEU A 1 113 ? -6.000  -7.516  -2.153  1.00 26.26 ? 113 LEU A CD1 1 
ATOM   899  C CD2 . LEU A 1 113 ? -5.314  -5.779  -3.670  1.00 30.21 ? 113 LEU A CD2 1 
ATOM   900  N N   . ILE A 1 114 ? -8.622  -5.567  -0.026  1.00 11.61 ? 114 ILE A N   1 
ATOM   901  C CA  . ILE A 1 114 ? -8.618  -4.464  0.903   1.00 12.38 ? 114 ILE A CA  1 
ATOM   902  C C   . ILE A 1 114 ? -7.254  -4.259  1.544   1.00 15.02 ? 114 ILE A C   1 
ATOM   903  O O   . ILE A 1 114 ? -6.614  -5.259  1.954   1.00 15.15 ? 114 ILE A O   1 
ATOM   904  C CB  . ILE A 1 114 ? -9.629  -4.732  2.025   1.00 18.89 ? 114 ILE A CB  1 
ATOM   905  C CG1 . ILE A 1 114 ? -10.956 -5.191  1.365   1.00 19.69 ? 114 ILE A CG1 1 
ATOM   906  C CG2 . ILE A 1 114 ? -9.669  -3.485  2.920   1.00 16.44 ? 114 ILE A CG2 1 
ATOM   907  C CD1 . ILE A 1 114 ? -12.096 -5.302  2.357   1.00 27.23 ? 114 ILE A CD1 1 
ATOM   908  N N   . GLN A 1 115 ? -6.846  -2.983  1.568   1.00 9.00  ? 115 GLN A N   1 
ATOM   909  C CA  . GLN A 1 115 ? -5.612  -2.650  2.240   1.00 8.73  ? 115 GLN A CA  1 
ATOM   910  C C   . GLN A 1 115 ? -5.945  -1.774  3.403   1.00 10.11 ? 115 GLN A C   1 
ATOM   911  O O   . GLN A 1 115 ? -6.606  -0.761  3.299   1.00 11.09 ? 115 GLN A O   1 
ATOM   912  C CB  . GLN A 1 115 ? -4.639  -1.833  1.348   1.00 11.61 ? 115 GLN A CB  1 
ATOM   913  C CG  . GLN A 1 115 ? -4.071  -2.671  0.197   1.00 12.03 ? 115 GLN A CG  1 
ATOM   914  C CD  . GLN A 1 115 ? -3.143  -1.852  -0.683  1.00 18.55 ? 115 GLN A CD  1 
ATOM   915  O OE1 . GLN A 1 115 ? -3.100  -0.600  -0.659  1.00 17.97 ? 115 GLN A OE1 1 
ATOM   916  N NE2 . GLN A 1 115 ? -2.409  -2.643  -1.449  1.00 22.80 ? 115 GLN A NE2 1 
ATOM   917  N N   . THR A 1 116 ? -5.354  -2.058  4.528   1.00 8.03  ? 116 THR A N   1 
ATOM   918  C CA  . THR A 1 116 ? -5.645  -1.186  5.677   1.00 9.82  ? 116 THR A CA  1 
ATOM   919  C C   . THR A 1 116 ? -4.254  -0.750  6.146   1.00 12.89 ? 116 THR A C   1 
ATOM   920  O O   . THR A 1 116 ? -3.298  -1.543  6.163   1.00 11.57 ? 116 THR A O   1 
ATOM   921  C CB  . THR A 1 116 ? -6.257  -2.020  6.843   1.00 10.96 ? 116 THR A CB  1 
ATOM   922  O OG1 . THR A 1 116 ? -7.410  -2.724  6.410   1.00 10.77 ? 116 THR A OG1 1 
ATOM   923  C CG2 . THR A 1 116 ? -6.450  -1.265  8.154   1.00 12.46 ? 116 THR A CG2 1 
ATOM   924  N N   . TYR A 1 117 ? -4.154  0.506   6.504   1.00 13.89 ? 117 TYR A N   1 
ATOM   925  C CA  . TYR A 1 117 ? -2.906  1.087   7.001   1.00 17.01 ? 117 TYR A CA  1 
ATOM   926  C C   . TYR A 1 117 ? -3.147  1.673   8.382   1.00 14.93 ? 117 TYR A C   1 
ATOM   927  O O   . TYR A 1 117 ? -4.231  2.208   8.662   1.00 14.16 ? 117 TYR A O   1 
ATOM   928  C CB  . TYR A 1 117 ? -2.441  2.295   6.106   1.00 17.17 ? 117 TYR A CB  1 
ATOM   929  C CG  . TYR A 1 117 ? -2.595  2.072   4.598   1.00 14.32 ? 117 TYR A CG  1 
ATOM   930  C CD1 . TYR A 1 117 ? -2.129  0.916   3.962   1.00 14.43 ? 117 TYR A CD1 1 
ATOM   931  C CD2 . TYR A 1 117 ? -3.143  3.081   3.794   1.00 14.76 ? 117 TYR A CD2 1 
ATOM   932  C CE1 . TYR A 1 117 ? -2.339  0.703   2.592   1.00 13.18 ? 117 TYR A CE1 1 
ATOM   933  C CE2 . TYR A 1 117 ? -3.306  2.917   2.420   1.00 13.27 ? 117 TYR A CE2 1 
ATOM   934  C CZ  . TYR A 1 117 ? -2.906  1.721   1.822   1.00 15.05 ? 117 TYR A CZ  1 
ATOM   935  O OH  . TYR A 1 117 ? -3.068  1.573   0.453   1.00 18.85 ? 117 TYR A OH  1 
ATOM   936  N N   . THR A 1 118 ? -2.124  1.607   9.226   1.00 9.81  ? 118 THR A N   1 
ATOM   937  C CA  . THR A 1 118 ? -2.202  2.279   10.503  1.00 9.95  ? 118 THR A CA  1 
ATOM   938  C C   . THR A 1 118 ? -0.867  3.026   10.656  1.00 12.74 ? 118 THR A C   1 
ATOM   939  O O   . THR A 1 118 ? 0.245   2.503   10.400  1.00 10.22 ? 118 THR A O   1 
ATOM   940  C CB  . THR A 1 118 ? -2.399  1.343   11.728  1.00 17.51 ? 118 THR A CB  1 
ATOM   941  O OG1 . THR A 1 118 ? -1.235  0.542   11.923  1.00 20.49 ? 118 THR A OG1 1 
ATOM   942  C CG2 . THR A 1 118 ? -3.605  0.407   11.569  1.00 18.18 ? 118 THR A CG2 1 
ATOM   943  N N   . TYR A 1 119 ? -1.015  4.233   11.148  1.00 10.75 ? 119 TYR A N   1 
ATOM   944  C CA  . TYR A 1 119 ? 0.082   5.120   11.425  1.00 9.79  ? 119 TYR A CA  1 
ATOM   945  C C   . TYR A 1 119 ? -0.302  6.085   12.540  1.00 13.04 ? 119 TYR A C   1 
ATOM   946  O O   . TYR A 1 119 ? -1.234  6.855   12.488  1.00 11.51 ? 119 TYR A O   1 
ATOM   947  C CB  . TYR A 1 119 ? 0.480   5.912   10.165  1.00 8.81  ? 119 TYR A CB  1 
ATOM   948  C CG  . TYR A 1 119 ? 1.611   6.880   10.412  1.00 11.92 ? 119 TYR A CG  1 
ATOM   949  C CD1 . TYR A 1 119 ? 2.936   6.456   10.468  1.00 10.46 ? 119 TYR A CD1 1 
ATOM   950  C CD2 . TYR A 1 119 ? 1.398   8.257   10.449  1.00 15.06 ? 119 TYR A CD2 1 
ATOM   951  C CE1 . TYR A 1 119 ? 3.990   7.358   10.661  1.00 13.58 ? 119 TYR A CE1 1 
ATOM   952  C CE2 . TYR A 1 119 ? 2.430   9.184   10.628  1.00 17.89 ? 119 TYR A CE2 1 
ATOM   953  C CZ  . TYR A 1 119 ? 3.748   8.726   10.739  1.00 16.10 ? 119 TYR A CZ  1 
ATOM   954  O OH  . TYR A 1 119 ? 4.789   9.603   10.928  1.00 17.55 ? 119 TYR A OH  1 
ATOM   955  N N   . GLU A 1 120 ? 0.471   6.043   13.610  1.00 14.56 ? 120 GLU A N   1 
ATOM   956  C CA  . GLU A 1 120 ? 0.370   6.915   14.726  1.00 15.15 ? 120 GLU A CA  1 
ATOM   957  C C   . GLU A 1 120 ? -1.021  6.986   15.263  1.00 16.26 ? 120 GLU A C   1 
ATOM   958  O O   . GLU A 1 120 ? -1.438  8.094   15.578  1.00 12.82 ? 120 GLU A O   1 
ATOM   959  C CB  . GLU A 1 120 ? 0.836   8.323   14.376  1.00 16.63 ? 120 GLU A CB  1 
ATOM   960  C CG  . GLU A 1 120 ? 2.358   8.409   14.303  1.00 23.99 ? 120 GLU A CG  1 
ATOM   961  C CD  . GLU A 1 120 ? 2.882   8.501   15.699  1.00 40.59 ? 120 GLU A CD  1 
ATOM   962  O OE1 . GLU A 1 120 ? 2.753   9.707   16.206  1.00 48.81 ? 120 GLU A OE1 1 
ATOM   963  O OE2 . GLU A 1 120 ? 3.346   7.540   16.294  1.00 44.74 ? 120 GLU A OE2 1 
ATOM   964  N N   . GLY A 1 121 ? -1.722  5.850   15.336  1.00 16.12 ? 121 GLY A N   1 
ATOM   965  C CA  . GLY A 1 121 ? -3.054  5.930   15.921  1.00 18.13 ? 121 GLY A CA  1 
ATOM   966  C C   . GLY A 1 121 ? -4.218  6.224   14.974  1.00 17.24 ? 121 GLY A C   1 
ATOM   967  O O   . GLY A 1 121 ? -5.364  6.247   15.419  1.00 18.35 ? 121 GLY A O   1 
ATOM   968  N N   . VAL A 1 122 ? -3.950  6.382   13.673  1.00 9.28  ? 122 VAL A N   1 
ATOM   969  C CA  . VAL A 1 122 ? -4.968  6.609   12.662  1.00 12.31 ? 122 VAL A CA  1 
ATOM   970  C C   . VAL A 1 122 ? -4.963  5.432   11.694  1.00 14.39 ? 122 VAL A C   1 
ATOM   971  O O   . VAL A 1 122 ? -3.905  4.899   11.304  1.00 15.23 ? 122 VAL A O   1 
ATOM   972  C CB  . VAL A 1 122 ? -4.660  7.893   11.881  1.00 20.24 ? 122 VAL A CB  1 
ATOM   973  C CG1 . VAL A 1 122 ? -5.746  8.221   10.853  1.00 17.59 ? 122 VAL A CG1 1 
ATOM   974  C CG2 . VAL A 1 122 ? -4.490  9.055   12.857  1.00 22.00 ? 122 VAL A CG2 1 
ATOM   975  N N   . GLU A 1 123 ? -6.146  5.036   11.291  1.00 10.23 ? 123 GLU A N   1 
ATOM   976  C CA  . GLU A 1 123 ? -6.345  3.918   10.362  1.00 10.92 ? 123 GLU A CA  1 
ATOM   977  C C   . GLU A 1 123 ? -6.911  4.426   9.035   1.00 15.87 ? 123 GLU A C   1 
ATOM   978  O O   . GLU A 1 123 ? -7.647  5.418   9.011   1.00 18.80 ? 123 GLU A O   1 
ATOM   979  C CB  . GLU A 1 123 ? -7.400  2.957   10.990  1.00 15.83 ? 123 GLU A CB  1 
ATOM   980  C CG  . GLU A 1 123 ? -7.746  1.638   10.246  1.00 21.17 ? 123 GLU A CG  1 
ATOM   981  C CD  . GLU A 1 123 ? -8.994  0.945   10.783  1.00 26.10 ? 123 GLU A CD  1 
ATOM   982  O OE1 . GLU A 1 123 ? -9.652  1.292   11.752  1.00 27.09 ? 123 GLU A OE1 1 
ATOM   983  O OE2 . GLU A 1 123 ? -9.310  -0.100  10.078  1.00 28.43 ? 123 GLU A OE2 1 
ATOM   984  N N   . ALA A 1 124 ? -6.582  3.761   7.929   1.00 12.48 ? 124 ALA A N   1 
ATOM   985  C CA  . ALA A 1 124 ? -7.171  4.150   6.662   1.00 9.27  ? 124 ALA A CA  1 
ATOM   986  C C   . ALA A 1 124 ? -7.276  2.882   5.864   1.00 9.25  ? 124 ALA A C   1 
ATOM   987  O O   . ALA A 1 124 ? -6.610  1.901   6.178   1.00 11.69 ? 124 ALA A O   1 
ATOM   988  C CB  . ALA A 1 124 ? -6.460  5.223   5.849   1.00 12.41 ? 124 ALA A CB  1 
ATOM   989  N N   . LYS A 1 125 ? -8.192  2.835   4.873   1.00 8.91  ? 125 LYS A N   1 
ATOM   990  C CA  . LYS A 1 125 ? -8.312  1.650   4.065   1.00 9.50  ? 125 LYS A CA  1 
ATOM   991  C C   . LYS A 1 125 ? -8.531  2.145   2.653   1.00 10.92 ? 125 LYS A C   1 
ATOM   992  O O   . LYS A 1 125 ? -9.061  3.264   2.429   1.00 12.83 ? 125 LYS A O   1 
ATOM   993  C CB  . LYS A 1 125 ? -9.575  0.820   4.284   1.00 13.03 ? 125 LYS A CB  1 
ATOM   994  C CG  . LYS A 1 125 ? -9.830  0.414   5.709   1.00 19.51 ? 125 LYS A CG  1 
ATOM   995  C CD  . LYS A 1 125 ? -10.767 -0.786  5.759   1.00 24.43 ? 125 LYS A CD  1 
ATOM   996  C CE  . LYS A 1 125 ? -11.260 -1.050  7.170   1.00 30.51 ? 125 LYS A CE  1 
ATOM   997  N NZ  . LYS A 1 125 ? -11.853 0.143   7.789   1.00 38.42 ? 125 LYS A NZ  1 
ATOM   998  N N   . ARG A 1 126 ? -8.085  1.308   1.724   1.00 9.13  ? 126 ARG A N   1 
ATOM   999  C CA  . ARG A 1 126 ? -8.289  1.512   0.306   1.00 9.39  ? 126 ARG A CA  1 
ATOM   1000 C C   . ARG A 1 126 ? -8.803  0.186   -0.180  1.00 10.83 ? 126 ARG A C   1 
ATOM   1001 O O   . ARG A 1 126 ? -8.210  -0.844  0.178   1.00 13.24 ? 126 ARG A O   1 
ATOM   1002 C CB  . ARG A 1 126 ? -7.026  1.920   -0.454  1.00 13.97 ? 126 ARG A CB  1 
ATOM   1003 C CG  . ARG A 1 126 ? -6.482  3.223   0.175   1.00 13.86 ? 126 ARG A CG  1 
ATOM   1004 C CD  . ARG A 1 126 ? -5.600  4.022   -0.781  1.00 14.61 ? 126 ARG A CD  1 
ATOM   1005 N NE  . ARG A 1 126 ? -6.330  4.657   -1.865  1.00 14.98 ? 126 ARG A NE  1 
ATOM   1006 C CZ  . ARG A 1 126 ? -5.744  5.196   -2.942  1.00 16.83 ? 126 ARG A CZ  1 
ATOM   1007 N NH1 . ARG A 1 126 ? -4.403  5.156   -3.069  1.00 11.73 ? 126 ARG A NH1 1 
ATOM   1008 N NH2 . ARG A 1 126 ? -6.495  5.781   -3.875  1.00 14.02 ? 126 ARG A NH2 1 
ATOM   1009 N N   . ILE A 1 127 ? -9.949  0.232   -0.874  1.00 9.25  ? 127 ILE A N   1 
ATOM   1010 C CA  . ILE A 1 127 ? -10.586 -0.953  -1.398  1.00 8.74  ? 127 ILE A CA  1 
ATOM   1011 C C   . ILE A 1 127 ? -10.547 -0.954  -2.916  1.00 8.83  ? 127 ILE A C   1 
ATOM   1012 O O   . ILE A 1 127 ? -10.893 0.045   -3.530  1.00 11.99 ? 127 ILE A O   1 
ATOM   1013 C CB  . ILE A 1 127 ? -12.010 -1.069  -0.823  1.00 10.94 ? 127 ILE A CB  1 
ATOM   1014 C CG1 . ILE A 1 127 ? -11.781 -1.144  0.692   1.00 17.55 ? 127 ILE A CG1 1 
ATOM   1015 C CG2 . ILE A 1 127 ? -12.654 -2.378  -1.320  1.00 8.95  ? 127 ILE A CG2 1 
ATOM   1016 C CD1 . ILE A 1 127 ? -12.887 -0.500  1.495   1.00 25.27 ? 127 ILE A CD1 1 
ATOM   1017 N N   . PHE A 1 128 ? -10.080 -2.077  -3.484  1.00 11.31 ? 128 PHE A N   1 
ATOM   1018 C CA  . PHE A 1 128 ? -9.863  -2.271  -4.883  1.00 10.11 ? 128 PHE A CA  1 
ATOM   1019 C C   . PHE A 1 128 ? -10.786 -3.310  -5.466  1.00 12.72 ? 128 PHE A C   1 
ATOM   1020 O O   . PHE A 1 128 ? -11.072 -4.309  -4.779  1.00 15.86 ? 128 PHE A O   1 
ATOM   1021 C CB  . PHE A 1 128 ? -8.420  -2.853  -5.022  1.00 17.27 ? 128 PHE A CB  1 
ATOM   1022 C CG  . PHE A 1 128 ? -7.306  -1.904  -4.618  1.00 14.33 ? 128 PHE A CG  1 
ATOM   1023 C CD1 . PHE A 1 128 ? -6.990  -1.724  -3.268  1.00 15.72 ? 128 PHE A CD1 1 
ATOM   1024 C CD2 . PHE A 1 128 ? -6.599  -1.159  -5.554  1.00 16.30 ? 128 PHE A CD2 1 
ATOM   1025 C CE1 . PHE A 1 128 ? -6.002  -0.853  -2.815  1.00 12.69 ? 128 PHE A CE1 1 
ATOM   1026 C CE2 . PHE A 1 128 ? -5.623  -0.258  -5.128  1.00 15.68 ? 128 PHE A CE2 1 
ATOM   1027 C CZ  . PHE A 1 128 ? -5.319  -0.116  -3.773  1.00 13.07 ? 128 PHE A CZ  1 
ATOM   1028 N N   . LYS A 1 129 ? -11.183 -3.083  -6.714  1.00 12.60 ? 129 LYS A N   1 
ATOM   1029 C CA  . LYS A 1 129 ? -12.024 -4.059  -7.412  1.00 13.35 ? 129 LYS A CA  1 
ATOM   1030 C C   . LYS A 1 129 ? -11.180 -4.736  -8.472  1.00 11.61 ? 129 LYS A C   1 
ATOM   1031 O O   . LYS A 1 129 ? -10.339 -4.083  -9.078  1.00 12.41 ? 129 LYS A O   1 
ATOM   1032 C CB  . LYS A 1 129 ? -13.245 -3.473  -8.098  1.00 18.46 ? 129 LYS A CB  1 
ATOM   1033 C CG  . LYS A 1 129 ? -14.466 -3.376  -7.192  1.00 28.05 ? 129 LYS A CG  1 
ATOM   1034 C CD  . LYS A 1 129 ? -15.374 -2.241  -7.626  1.00 33.79 ? 129 LYS A CD  1 
ATOM   1035 C CE  . LYS A 1 129 ? -16.816 -2.479  -7.226  1.00 37.82 ? 129 LYS A CE  1 
ATOM   1036 N NZ  . LYS A 1 129 ? -16.897 -3.083  -5.887  1.00 37.52 ? 129 LYS A NZ  1 
ATOM   1037 N N   . LYS A 1 130 ? -11.488 -6.006  -8.735  1.00 17.94 ? 130 LYS A N   1 
ATOM   1038 C CA  . LYS A 1 130 ? -10.731 -6.718  -9.752  1.00 22.40 ? 130 LYS A CA  1 
ATOM   1039 C C   . LYS A 1 130 ? -11.187 -6.249  -11.110 1.00 25.12 ? 130 LYS A C   1 
ATOM   1040 O O   . LYS A 1 130 ? -12.347 -6.097  -11.366 1.00 28.89 ? 130 LYS A O   1 
ATOM   1041 C CB  . LYS A 1 130 ? -10.952 -8.216  -9.622  1.00 28.77 ? 130 LYS A CB  1 
ATOM   1042 C CG  . LYS A 1 130 ? -9.621  -8.938  -9.524  1.00 35.44 ? 130 LYS A CG  1 
ATOM   1043 C CD  . LYS A 1 130 ? -9.761  -10.441 -9.583  1.00 39.87 ? 130 LYS A CD  1 
ATOM   1044 C CE  . LYS A 1 130 ? -8.840  -11.143 -8.610  1.00 41.69 ? 130 LYS A CE  1 
ATOM   1045 N NZ  . LYS A 1 130 ? -9.288  -12.514 -8.312  1.00 44.57 ? 130 LYS A NZ  1 
ATOM   1046 N N   . GLU A 1 131 ? -10.292 -5.975  -12.026 1.00 31.81 ? 131 GLU A N   1 
ATOM   1047 C CA  . GLU A 1 131 ? -10.602 -5.496  -13.357 1.00 35.06 ? 131 GLU A CA  1 
ATOM   1048 C C   . GLU A 1 131 ? -11.300 -6.531  -14.200 1.00 41.68 ? 131 GLU A C   1 
ATOM   1049 O O   . GLU A 1 131 ? -11.576 -6.122  -15.351 1.00 46.25 ? 131 GLU A O   1 
ATOM   1050 C CB  . GLU A 1 131 ? -9.301  -5.166  -14.098 1.00 35.20 ? 131 GLU A CB  1 
ATOM   1051 C CG  . GLU A 1 131 ? -9.415  -4.045  -15.132 1.00 45.23 ? 131 GLU A CG  1 
ATOM   1052 C CD  . GLU A 1 131 ? -9.384  -2.740  -14.406 1.00 53.95 ? 131 GLU A CD  1 
ATOM   1053 O OE1 . GLU A 1 131 ? -9.874  -2.847  -13.196 1.00 55.19 ? 131 GLU A OE1 1 
ATOM   1054 O OE2 . GLU A 1 131 ? -8.941  -1.698  -14.866 1.00 57.61 ? 131 GLU A OE2 1 
ATOM   1055 O OXT . GLU A 1 131 ? -11.458 -7.642  -13.663 1.00 40.76 ? 131 GLU A OXT 1 
HETATM 1056 C C1  1 OLA B 2 .   ? 2.192   -3.103  -1.720  0.40 42.26 ? 133 OLA A C1  1 
HETATM 1057 C C1  2 OLA B 2 .   ? 3.540   -2.463  -2.926  0.30 42.01 ? 133 OLA A C1  1 
HETATM 1058 C C1  3 OLA B 2 .   ? 3.338   -3.117  -2.516  0.30 46.74 ? 133 OLA A C1  1 
HETATM 1059 O O1  1 OLA B 2 .   ? 1.657   -1.917  -1.884  0.40 41.96 ? 133 OLA A O1  1 
HETATM 1060 O O1  2 OLA B 2 .   ? 2.681   -1.795  -3.666  0.30 40.90 ? 133 OLA A O1  1 
HETATM 1061 O O1  3 OLA B 2 .   ? 4.243   -3.833  -3.133  0.30 48.07 ? 133 OLA A O1  1 
HETATM 1062 O O2  1 OLA B 2 .   ? 1.601   -4.127  -2.034  0.40 42.13 ? 133 OLA A O2  1 
HETATM 1063 O O2  2 OLA B 2 .   ? 3.938   -3.584  -3.198  0.30 43.30 ? 133 OLA A O2  1 
HETATM 1064 O O2  3 OLA B 2 .   ? 2.135   -3.360  -2.567  0.30 47.70 ? 133 OLA A O2  1 
HETATM 1065 C C2  1 OLA B 2 .   ? 3.608   -3.129  -1.113  0.40 42.26 ? 133 OLA A C2  1 
HETATM 1066 C C2  2 OLA B 2 .   ? 3.981   -1.671  -1.700  0.30 41.64 ? 133 OLA A C2  1 
HETATM 1067 C C2  3 OLA B 2 .   ? 3.915   -1.925  -1.760  0.30 43.94 ? 133 OLA A C2  1 
HETATM 1068 C C3  1 OLA B 2 .   ? 4.506   -1.890  -1.118  0.70 43.58 ? 133 OLA A C3  1 
HETATM 1069 C C3  3 OLA B 2 .   ? 4.863   -2.340  -0.651  0.30 41.60 ? 133 OLA A C3  1 
HETATM 1070 C C4  1 OLA B 2 .   ? 4.827   -1.276  0.256   0.70 43.83 ? 133 OLA A C4  1 
HETATM 1071 C C4  3 OLA B 2 .   ? 4.960   -1.391  0.546   0.30 40.70 ? 133 OLA A C4  1 
HETATM 1072 C C5  . OLA B 2 .   ? 3.586   -0.985  1.095   1.00 38.54 ? 133 OLA A C5  1 
HETATM 1073 C C6  . OLA B 2 .   ? 3.573   0.216   2.024   1.00 33.43 ? 133 OLA A C6  1 
HETATM 1074 C C7  . OLA B 2 .   ? 2.208   0.900   1.943   1.00 33.76 ? 133 OLA A C7  1 
HETATM 1075 C C8  . OLA B 2 .   ? 2.199   2.383   2.336   1.00 36.08 ? 133 OLA A C8  1 
HETATM 1076 C C9  . OLA B 2 .   ? 0.906   3.081   1.936   1.00 33.21 ? 133 OLA A C9  1 
HETATM 1077 C C10 . OLA B 2 .   ? 0.541   4.392   1.782   1.00 36.09 ? 133 OLA A C10 1 
HETATM 1078 C C11 . OLA B 2 .   ? 0.875   5.649   2.578   1.00 42.30 ? 133 OLA A C11 1 
HETATM 1079 C C12 . OLA B 2 .   ? 0.345   7.022   2.109   1.00 44.54 ? 133 OLA A C12 1 
HETATM 1080 C C13 . OLA B 2 .   ? 0.644   7.536   0.690   1.00 42.50 ? 133 OLA A C13 1 
HETATM 1081 C C14 . OLA B 2 .   ? 0.859   9.040   0.571   1.00 38.18 ? 133 OLA A C14 1 
HETATM 1082 C C15 . OLA B 2 .   ? 0.676   9.501   -0.867  1.00 38.75 ? 133 OLA A C15 1 
HETATM 1083 C C16 . OLA B 2 .   ? 1.080   10.952  -1.049  1.00 41.13 ? 133 OLA A C16 1 
HETATM 1084 C C17 . OLA B 2 .   ? 0.630   11.613  -2.347  1.00 40.35 ? 133 OLA A C17 1 
HETATM 1085 C C18 . OLA B 2 .   ? 1.190   13.025  -2.548  1.00 39.84 ? 133 OLA A C18 1 
HETATM 1086 O O   . HOH C 3 .   ? -6.853  -17.596 6.993   1.00 49.75 ? 134 HOH A O   1 
HETATM 1087 O O   . HOH C 3 .   ? -10.488 11.263  5.668   1.00 25.67 ? 135 HOH A O   1 
HETATM 1088 O O   . HOH C 3 .   ? 12.293  -8.470  -0.367  1.00 16.09 ? 136 HOH A O   1 
HETATM 1089 O O   . HOH C 3 .   ? -10.255 -13.145 -6.052  1.00 34.61 ? 137 HOH A O   1 
HETATM 1090 O O   . HOH C 3 .   ? -8.193  5.327   -12.348 1.00 36.38 ? 138 HOH A O   1 
HETATM 1091 O O   . HOH C 3 .   ? 0.021   0.919   -2.265  1.00 35.09 ? 139 HOH A O   1 
HETATM 1092 O O   . HOH C 3 .   ? -8.789  7.168   -7.763  1.00 21.89 ? 140 HOH A O   1 
HETATM 1093 O O   . HOH C 3 .   ? 13.470  -6.440  -4.160  1.00 33.27 ? 141 HOH A O   1 
HETATM 1094 O O   . HOH C 3 .   ? 4.210   12.341  10.519  1.00 26.82 ? 142 HOH A O   1 
HETATM 1095 O O   . HOH C 3 .   ? -3.894  12.359  -8.668  1.00 16.72 ? 143 HOH A O   1 
HETATM 1096 O O   . HOH C 3 .   ? -8.670  15.642  -6.912  1.00 16.64 ? 144 HOH A O   1 
HETATM 1097 O O   . HOH C 3 .   ? -10.593 17.398  -5.979  1.00 21.93 ? 145 HOH A O   1 
HETATM 1098 O O   . HOH C 3 .   ? 3.817   0.268   -13.501 1.00 30.44 ? 146 HOH A O   1 
HETATM 1099 O O   . HOH C 3 .   ? -0.801  -1.871  -12.779 1.00 21.67 ? 147 HOH A O   1 
HETATM 1100 O O   . HOH C 3 .   ? 2.918   -7.926  -11.972 1.00 21.59 ? 148 HOH A O   1 
HETATM 1101 O O   . HOH C 3 .   ? 7.733   -11.966 -9.057  1.00 31.95 ? 149 HOH A O   1 
HETATM 1102 O O   . HOH C 3 .   ? 6.899   7.049   -13.116 1.00 29.04 ? 150 HOH A O   1 
HETATM 1103 O O   . HOH C 3 .   ? 8.506   8.067   -7.007  1.00 27.64 ? 151 HOH A O   1 
HETATM 1104 O O   . HOH C 3 .   ? 1.095   -1.064  -15.568 1.00 49.30 ? 152 HOH A O   1 
HETATM 1105 O O   . HOH C 3 .   ? 12.391  -1.780  9.037   1.00 65.60 ? 153 HOH A O   1 
HETATM 1106 O O   . HOH C 3 .   ? 10.388  -0.828  -3.540  1.00 23.55 ? 154 HOH A O   1 
HETATM 1107 O O   . HOH C 3 .   ? 6.029   -8.645  8.009   1.00 24.41 ? 155 HOH A O   1 
HETATM 1108 O O   . HOH C 3 .   ? -7.073  -4.882  5.236   1.00 18.45 ? 156 HOH A O   1 
HETATM 1109 O O   . HOH C 3 .   ? 10.467  14.354  8.429   1.00 27.97 ? 157 HOH A O   1 
HETATM 1110 O O   . HOH C 3 .   ? -0.442  -15.819 -16.885 1.00 84.02 ? 158 HOH A O   1 
HETATM 1111 O O   . HOH C 3 .   ? -15.848 4.312   1.359   1.00 30.56 ? 159 HOH A O   1 
HETATM 1112 O O   . HOH C 3 .   ? -3.961  3.720   -13.431 1.00 40.24 ? 160 HOH A O   1 
HETATM 1113 O O   . HOH C 3 .   ? 3.038   4.499   14.181  1.00 18.69 ? 161 HOH A O   1 
HETATM 1114 O O   . HOH C 3 .   ? 5.418   -15.359 4.861   1.00 28.15 ? 162 HOH A O   1 
HETATM 1115 O O   . HOH C 3 .   ? -8.491  6.337   12.826  1.00 24.30 ? 163 HOH A O   1 
HETATM 1116 O O   . HOH C 3 .   ? 1.281   19.970  6.454   1.00 93.65 ? 164 HOH A O   1 
HETATM 1117 O O   . HOH C 3 .   ? -18.217 3.466   -2.810  1.00 42.04 ? 165 HOH A O   1 
HETATM 1118 O O   . HOH C 3 .   ? 2.544   17.736  1.192   1.00 44.62 ? 166 HOH A O   1 
HETATM 1119 O O   . HOH C 3 .   ? -2.161  4.005   -1.404  1.00 23.40 ? 167 HOH A O   1 
HETATM 1120 O O   . HOH C 3 .   ? 2.562   6.326   -2.483  1.00 46.59 ? 168 HOH A O   1 
HETATM 1121 O O   . HOH C 3 .   ? 10.447  2.636   -4.433  1.00 43.11 ? 169 HOH A O   1 
HETATM 1122 O O   . HOH C 3 .   ? 12.536  0.796   -7.399  1.00 31.53 ? 170 HOH A O   1 
HETATM 1123 O O   . HOH C 3 .   ? 12.429  3.552   15.286  1.00 38.14 ? 171 HOH A O   1 
HETATM 1124 O O   . HOH C 3 .   ? -1.261  22.639  -0.273  1.00 55.88 ? 172 HOH A O   1 
HETATM 1125 O O   . HOH C 3 .   ? 10.303  0.047   -5.842  1.00 35.98 ? 173 HOH A O   1 
HETATM 1126 O O   . HOH C 3 .   ? -7.320  -12.494 2.468   1.00 25.01 ? 174 HOH A O   1 
HETATM 1127 O O   . HOH C 3 .   ? 7.509   -2.125  12.627  1.00 62.36 ? 175 HOH A O   1 
HETATM 1128 O O   . HOH C 3 .   ? 16.105  10.421  6.057   1.00 40.59 ? 176 HOH A O   1 
HETATM 1129 O O   . HOH C 3 .   ? 5.313   15.167  1.365   1.00 51.70 ? 177 HOH A O   1 
HETATM 1130 O O   . HOH C 3 .   ? 13.359  1.869   -3.307  1.00 43.28 ? 178 HOH A O   1 
HETATM 1131 O O   . HOH C 3 .   ? -14.496 4.171   -7.831  1.00 48.51 ? 179 HOH A O   1 
HETATM 1132 O O   . HOH C 3 .   ? -13.610 6.908   -1.876  1.00 35.57 ? 180 HOH A O   1 
HETATM 1133 O O   . HOH C 3 .   ? -9.371  6.805   -4.961  1.00 39.47 ? 181 HOH A O   1 
HETATM 1134 O O   . HOH C 3 .   ? -16.214 1.612   1.504   1.00 37.21 ? 182 HOH A O   1 
HETATM 1135 O O   . HOH C 3 .   ? -2.486  8.160   -2.960  1.00 14.05 ? 183 HOH A O   1 
HETATM 1136 O O   . HOH C 3 .   ? 1.421   5.703   -6.739  1.00 24.11 ? 184 HOH A O   1 
HETATM 1137 O O   . HOH C 3 .   ? -7.200  16.014  6.698   1.00 42.12 ? 185 HOH A O   1 
HETATM 1138 O O   . HOH C 3 .   ? -7.884  16.338  3.942   1.00 53.74 ? 186 HOH A O   1 
HETATM 1139 O O   . HOH C 3 .   ? 5.305   7.835   -15.147 1.00 57.88 ? 187 HOH A O   1 
HETATM 1140 O O   . HOH C 3 .   ? 11.940  10.075  3.752   1.00 40.85 ? 188 HOH A O   1 
HETATM 1141 O O   . HOH C 3 .   ? 5.795   3.874   15.972  1.00 41.90 ? 189 HOH A O   1 
HETATM 1142 O O   . HOH C 3 .   ? -13.850 -6.992  -7.702  1.00 41.57 ? 190 HOH A O   1 
HETATM 1143 O O   . HOH C 3 .   ? 10.399  -2.578  9.842   1.00 59.12 ? 191 HOH A O   1 
HETATM 1144 O O   . HOH C 3 .   ? 17.620  -7.396  3.032   1.00 43.68 ? 192 HOH A O   1 
HETATM 1145 O O   . HOH C 3 .   ? 0.922   3.824   -2.625  1.00 49.10 ? 193 HOH A O   1 
HETATM 1146 O O   . HOH C 3 .   ? -7.109  -13.524 -8.024  1.00 37.15 ? 194 HOH A O   1 
HETATM 1147 O O   . HOH C 3 .   ? -0.716  -14.454 -5.380  1.00 39.37 ? 195 HOH A O   1 
HETATM 1148 O O   . HOH C 3 .   ? 11.300  -16.860 -6.575  1.00 65.12 ? 196 HOH A O   1 
HETATM 1149 O O   . HOH C 3 .   ? 15.930  -1.866  3.095   1.00 41.13 ? 197 HOH A O   1 
HETATM 1150 O O   . HOH C 3 .   ? 7.515   -1.017  15.835  1.00 54.10 ? 198 HOH A O   1 
HETATM 1151 O O   . HOH C 3 .   ? 8.222   -15.407 5.153   1.00 36.85 ? 199 HOH A O   1 
HETATM 1152 O O   . HOH C 3 .   ? -13.437 8.405   5.286   1.00 46.43 ? 200 HOH A O   1 
HETATM 1153 O O   . HOH C 3 .   ? 10.767  -5.610  -12.044 1.00 40.00 ? 201 HOH A O   1 
HETATM 1154 O O   . HOH C 3 .   ? 11.124  -3.104  -5.178  1.00 26.34 ? 202 HOH A O   1 
HETATM 1155 O O   . HOH C 3 .   ? 6.240   11.492  -10.012 1.00 59.27 ? 203 HOH A O   1 
HETATM 1156 O O   . HOH C 3 .   ? -12.173 5.091   9.376   1.00 67.16 ? 204 HOH A O   1 
HETATM 1157 O O   . HOH C 3 .   ? -12.308 2.664   7.775   1.00 46.72 ? 205 HOH A O   1 
HETATM 1158 O O   . HOH C 3 .   ? -12.398 -0.057  10.140  1.00 44.84 ? 206 HOH A O   1 
HETATM 1159 O O   . HOH C 3 .   ? -4.922  13.464  10.877  1.00 32.40 ? 207 HOH A O   1 
HETATM 1160 O O   . HOH C 3 .   ? -0.456  -18.485 8.397   1.00 52.17 ? 208 HOH A O   1 
HETATM 1161 O O   . HOH C 3 .   ? 7.706   15.099  5.961   1.00 65.78 ? 209 HOH A O   1 
HETATM 1162 O O   . HOH C 3 .   ? 11.600  -10.029 -10.932 1.00 39.46 ? 210 HOH A O   1 
HETATM 1163 O O   . HOH C 3 .   ? 1.566   7.789   18.564  1.00 47.65 ? 211 HOH A O   1 
HETATM 1164 O O   . HOH C 3 .   ? -9.206  -11.837 5.988   1.00 43.62 ? 212 HOH A O   1 
HETATM 1165 O O   . HOH C 3 .   ? -7.462  7.780   15.203  1.00 34.80 ? 213 HOH A O   1 
HETATM 1166 O O   . HOH C 3 .   ? 11.557  8.317   5.773   1.00 28.51 ? 214 HOH A O   1 
HETATM 1167 O O   . HOH C 3 .   ? -7.477  11.420  13.152  1.00 44.56 ? 215 HOH A O   1 
HETATM 1168 O O   . HOH C 3 .   ? -11.249 8.822   2.292   1.00 13.22 ? 216 HOH A O   1 
HETATM 1169 O O   . HOH C 3 .   ? -12.396 6.048   -7.196  1.00 52.53 ? 217 HOH A O   1 
HETATM 1170 O O   . HOH C 3 .   ? -12.322 0.147   -9.283  1.00 41.11 ? 218 HOH A O   1 
HETATM 1171 O O   . HOH C 3 .   ? -17.132 -8.563  -3.072  1.00 36.51 ? 219 HOH A O   1 
HETATM 1172 O O   . HOH C 3 .   ? -11.569 -10.387 4.709   1.00 43.97 ? 220 HOH A O   1 
HETATM 1173 O O   . HOH C 3 .   ? -14.411 -1.283  6.033   1.00 26.86 ? 221 HOH A O   1 
HETATM 1174 O O   . HOH C 3 .   ? 9.362   -8.480  2.261   1.00 14.39 ? 222 HOH A O   1 
HETATM 1175 O O   . HOH C 3 .   ? 16.413  -10.172 5.446   1.00 57.97 ? 223 HOH A O   1 
HETATM 1176 O O   . HOH C 3 .   ? -0.541  6.500   -4.990  1.00 23.96 ? 224 HOH A O   1 
HETATM 1177 O O   . HOH C 3 .   ? -12.193 -2.383  -11.328 1.00 48.45 ? 225 HOH A O   1 
HETATM 1178 O O   . HOH C 3 .   ? 14.711  3.556   9.979   1.00 81.07 ? 226 HOH A O   1 
HETATM 1179 O O   . HOH C 3 .   ? 8.707   9.458   -4.492  1.00 48.26 ? 227 HOH A O   1 
HETATM 1180 O O   . HOH C 3 .   ? -11.569 11.012  9.738   1.00 65.33 ? 228 HOH A O   1 
HETATM 1181 O O   . HOH C 3 .   ? -11.832 13.686  9.112   1.00 68.13 ? 229 HOH A O   1 
HETATM 1182 O O   . HOH C 3 .   ? -2.184  17.595  10.974  1.00 51.71 ? 230 HOH A O   1 
HETATM 1183 O O   . HOH C 3 .   ? 2.297   25.866  -0.691  1.00 50.17 ? 231 HOH A O   1 
HETATM 1184 O O   . HOH C 3 .   ? 4.998   -15.500 -12.384 1.00 52.31 ? 232 HOH A O   1 
HETATM 1185 O O   . HOH C 3 .   ? -2.228  -5.703  -16.078 1.00 44.31 ? 233 HOH A O   1 
HETATM 1186 O O   . HOH C 3 .   ? 1.808   -5.417  -16.918 1.00 42.93 ? 234 HOH A O   1 
HETATM 1187 O O   . HOH C 3 .   ? 6.304   10.489  -7.193  1.00 44.41 ? 235 HOH A O   1 
HETATM 1188 O O   . HOH C 3 .   ? 9.360   7.227   -8.780  1.00 27.33 ? 236 HOH A O   1 
HETATM 1189 O O   . HOH C 3 .   ? -0.188  5.768   -15.351 1.00 81.81 ? 237 HOH A O   1 
HETATM 1190 O O   . HOH C 3 .   ? 7.852   -8.952  -14.059 1.00 72.45 ? 238 HOH A O   1 
HETATM 1191 O O   . HOH C 3 .   ? -1.830  5.088   -18.046 1.00 95.39 ? 239 HOH A O   1 
HETATM 1192 O O   . HOH C 3 .   ? -14.004 -4.737  -14.497 1.00 70.02 ? 240 HOH A O   1 
HETATM 1193 O O   . HOH C 3 .   ? -7.644  23.337  4.636   1.00 78.45 ? 241 HOH A O   1 
HETATM 1194 O O   . HOH C 3 .   ? 1.132   0.385   17.251  1.00 55.52 ? 242 HOH A O   1 
HETATM 1195 O O   . HOH C 3 .   ? -10.623 3.576   13.578  1.00 54.36 ? 243 HOH A O   1 
HETATM 1196 O O   . HOH C 3 .   ? -10.801 10.633  2.915   1.00 22.41 ? 244 HOH A O   1 
HETATM 1197 O O   . HOH C 3 .   ? -10.726 10.073  0.737   1.00 33.93 ? 245 HOH A O   1 
HETATM 1198 O O   . HOH C 3 .   ? 6.260   4.656   20.223  1.00 65.63 ? 246 HOH A O   1 
HETATM 1199 O O   . HOH C 3 .   ? -9.971  0.390   -13.813 1.00 76.38 ? 247 HOH A O   1 
HETATM 1200 O O   . HOH C 3 .   ? 4.325   10.192  4.076   1.00 76.34 ? 248 HOH A O   1 
HETATM 1201 O O   . HOH C 3 .   ? -1.948  14.570  14.801  1.00 51.51 ? 249 HOH A O   1 
HETATM 1202 O O   . HOH C 3 .   ? 1.438   14.288  13.414  1.00 53.68 ? 250 HOH A O   1 
HETATM 1203 O O   . HOH C 3 .   ? 0.174   17.690  6.374   1.00 61.29 ? 251 HOH A O   1 
HETATM 1204 O O   . HOH C 3 .   ? 7.055   15.973  -0.912  1.00 90.77 ? 252 HOH A O   1 
HETATM 1205 O O   . HOH C 3 .   ? 13.052  3.842   0.941   1.00 62.21 ? 253 HOH A O   1 
HETATM 1206 O O   . HOH C 3 .   ? -9.403  19.840  4.669   1.00 83.67 ? 254 HOH A O   1 
HETATM 1207 O O   . HOH C 3 .   ? 3.125   19.389  5.261   1.00 37.34 ? 255 HOH A O   1 
HETATM 1208 O O   . HOH C 3 .   ? -17.914 11.562  -0.150  1.00 52.02 ? 256 HOH A O   1 
HETATM 1209 O O   . HOH C 3 .   ? 10.044  -4.986  9.145   1.00 48.36 ? 257 HOH A O   1 
HETATM 1210 O O   . HOH C 3 .   ? 13.223  11.581  0.625   1.00 59.93 ? 258 HOH A O   1 
HETATM 1211 O O   . HOH C 3 .   ? -0.365  9.760   17.193  1.00 75.23 ? 259 HOH A O   1 
HETATM 1212 O O   . HOH C 3 .   ? -8.691  -13.606 4.639   1.00 54.26 ? 260 HOH A O   1 
HETATM 1213 O O   . HOH C 3 .   ? 4.209   -9.748  9.715   1.00 93.25 ? 261 HOH A O   1 
HETATM 1214 O O   . HOH C 3 .   ? -13.653 8.215   1.820   1.00 47.81 ? 262 HOH A O   1 
HETATM 1215 O O   . HOH C 3 .   ? -15.762 9.496   0.252   1.00 56.98 ? 263 HOH A O   1 
HETATM 1216 O O   . HOH C 3 .   ? -8.720  9.392   12.362  1.00 44.18 ? 264 HOH A O   1 
HETATM 1217 O O   . HOH C 3 .   ? 10.475  0.729   -11.403 1.00 41.82 ? 265 HOH A O   1 
HETATM 1218 O O   . HOH C 3 .   ? 7.749   6.069   17.743  1.00 76.92 ? 266 HOH A O   1 
# 
